data_6QV3
#
_entry.id   6QV3
#
_cell.length_a   125.174
_cell.length_b   125.174
_cell.length_c   127.445
_cell.angle_alpha   90.00
_cell.angle_beta   90.00
_cell.angle_gamma   120.00
#
_symmetry.space_group_name_H-M   'P 31'
#
loop_
_entity.id
_entity.type
_entity.pdbx_description
1 polymer 'Pre-mRNA splicing helicase-like protein'
2 non-polymer "ADENOSINE-5'-DIPHOSPHATE"
3 non-polymer 'MANGANESE (II) ION'
4 non-polymer DI(HYDROXYETHYL)ETHER
5 water water
#
_entity_poly.entity_id   1
_entity_poly.type   'polypeptide(L)'
_entity_poly.pdbx_seq_one_letter_code
;GAEFTNPRVRMPEGTTKRVFKGYEEIHVPPPKKRSDPTDQNIPVTELPEWARIPFNTTKTLNKIQSKCFPTAFLDDGNML
VCAPTGSGKTNVAMLTMLREIGKNRNEKGEIDLDAFKIVYIAPLKALVQEQVGNFGKRLEPYGIKVSELTGDRQLTKQQI
SETQVIVTTPEKWDVITRKATDISYTNLVRLIIIDEIHLLHDDRGPVLESIVSRTIRRTEQTGEPVRIIGLSATLPNYRD
VASFLRVDFEKGLFYFDGSYRPCPLRQEFIGVTDKKAIKQLKTMNDITYQKVLEHVGQNRNQMLIFVHSRKETAKTAKYI
RDKALEMDTINQILKHDAGTREVLQEAASSVNNTDLKDLLPYGFGIHHAGMSRADRTDVEDLFASGHIQVLVCTATLAWG
VNLPAHTVIIKGTQVYSPEKGSWVELSPQDVLQMLGRAGRPQYDTYGEGIIITTQGEIPYYLSLLNQQLPIESQLVSKLV
DSLNAEIVLGNVRNRDEGVEWLGYTYLFVRMLRSPGLYSVGAEYEDDVALEQKRVDLIHSAAMVLKKSNLIKYDEKTGKM
QATELGRIASHYYISHESMDTYNKLIHPAMNDVELFRVFAQSGEFKYIPVRQEEKLELAKLLARVPIPVKESIEEPTAKI
NVLLQAYISRLKLEGLALMADMVYVTQSAGRILRAIFEICLKKGWASVAKLALNMCKMAEKRMWPTMSPLRQYPTCPAEI
IKKAERMDVPWSSYFDLDPPRMGELLGMPKAGKTVCALVSKFPRVEIQGNVQPMTRSMLRIELTITPNFQWDVELHGVTE
SFWILVEDCDGEEILFHDVFILRKDLAEAEENEHTVEFTVPISEPMPPNYFISVISDRWMHSETRMPVSFQKLILPERFP
PHTELLDLQPLPVSALKAKDYAALYPNWQQFNKIQTQTFNSLYNTDNNVLVAAPTGSGKTVCAEFALLRHWAKKDAGRAV
YIAPFQELVDLRFQDWQKRLSHLRGGKEIVKLTGETTTDLKLLEQGDLILATPLQWDVLSRQWKRRKNVQTVELFIADDL
HMLGGQMGYIYEIVVSRMHFIRTQTELPMRIVGLSVSLANARDIGEWIDAKKHDIYNFSPHVRPVPLELHIQSYTIPHFP
SLMLAMAKPTYLAITQLSPDQPAIVFVPSRKQTRATARDLLTACLADDDEDRFLHVEVDQIRKLLDHVQEEALAEALSHG
VGYYHEALSQSDKRIVKHLYNNGAIQVLIASRDVCWELDFTAHLVVVMGTQFFEGKEHRYIDYPLSEVLQMFGKALQPSK
DGRSRGVLMLPAVKREYYKKFLNEALPVESHLHNFLPDAFVTEISTKMIESGEDAINWATFTYFYRRLLANPSYYGLQDP
THDGLSQYLSDLVETTLKQLSDARIIEMDEDEGTVAPLNAAMIAAYYNISYMTMEMFLLSLSHKSKLRTILEIVTAATEF
ESIQTRRHEEGILKRIYDHVPVKMNNPVWDSAHFKAFVLVQAHFSRMNLPIDLAKDQEVILQKILSLLSAIVDILSSEGH
LNALNAMEMSQMVVQAMWDRDSPLKQIPNFTPEVVKVANKYGINDIFDFMEQMNPEENPNYASLVKDLGLTQAQLAQAAN
FTNNKYPDITLEFEVDDPDNIRAGEPAYLKIHIERELEEDEEFDPTVHAPFYPGKKSENWWLVVGEESTKTLLAIKRVTV
GKELNVKLEFVVPSPGKHDLKLFLMSDSYVGVDQDPSFSVNVAEG
;
_entity_poly.pdbx_strand_id   A
#
# COMPACT_ATOMS: atom_id res chain seq x y z
N GLY A 14 -15.90 -56.00 26.15
CA GLY A 14 -15.49 -55.03 27.15
C GLY A 14 -16.61 -54.12 27.58
N THR A 15 -17.45 -53.72 26.63
CA THR A 15 -18.56 -52.83 26.94
C THR A 15 -19.66 -53.59 27.68
N THR A 16 -20.17 -52.97 28.75
CA THR A 16 -21.24 -53.56 29.55
C THR A 16 -22.53 -52.79 29.29
N LYS A 17 -23.54 -53.50 28.78
CA LYS A 17 -24.85 -52.93 28.53
C LYS A 17 -25.76 -53.22 29.71
N ARG A 18 -26.41 -52.19 30.23
CA ARG A 18 -27.26 -52.30 31.41
C ARG A 18 -28.57 -51.57 31.11
N VAL A 19 -29.65 -52.33 30.94
CA VAL A 19 -30.95 -51.78 30.58
C VAL A 19 -31.72 -51.44 31.85
N PHE A 20 -32.28 -50.23 31.89
CA PHE A 20 -33.02 -49.73 33.04
C PHE A 20 -34.41 -49.30 32.60
N LYS A 21 -35.18 -48.79 33.56
CA LYS A 21 -36.50 -48.22 33.29
C LYS A 21 -36.31 -46.81 32.74
N GLY A 22 -36.39 -46.69 31.42
CA GLY A 22 -36.28 -45.39 30.78
C GLY A 22 -35.00 -45.20 29.99
N TYR A 23 -33.89 -45.70 30.49
CA TYR A 23 -32.57 -45.45 29.90
C TYR A 23 -31.79 -46.75 29.79
N GLU A 24 -30.79 -46.72 28.92
CA GLU A 24 -29.98 -47.90 28.58
C GLU A 24 -28.51 -47.52 28.66
N GLU A 25 -27.86 -47.85 29.78
CA GLU A 25 -26.47 -47.48 29.98
C GLU A 25 -25.52 -48.43 29.24
N ILE A 26 -24.44 -47.86 28.73
CA ILE A 26 -23.40 -48.60 28.02
C ILE A 26 -22.05 -48.10 28.53
N HIS A 27 -21.38 -48.89 29.34
CA HIS A 27 -20.11 -48.52 29.94
C HIS A 27 -18.96 -49.08 29.10
N VAL A 28 -18.08 -48.20 28.63
CA VAL A 28 -16.88 -48.57 27.89
C VAL A 28 -15.69 -48.39 28.82
N PRO A 29 -15.00 -49.45 29.23
CA PRO A 29 -13.86 -49.30 30.13
C PRO A 29 -12.71 -48.60 29.43
N PRO A 30 -11.96 -47.77 30.13
CA PRO A 30 -10.83 -47.09 29.51
C PRO A 30 -9.69 -48.06 29.28
N PRO A 31 -9.13 -48.09 28.07
CA PRO A 31 -8.00 -48.99 27.81
C PRO A 31 -6.81 -48.64 28.69
N LYS A 32 -6.04 -49.67 29.03
CA LYS A 32 -4.87 -49.48 29.87
C LYS A 32 -3.91 -48.48 29.23
N LYS A 33 -3.13 -47.81 30.09
CA LYS A 33 -2.17 -46.82 29.61
C LYS A 33 -1.29 -47.36 28.50
N ARG A 34 -0.84 -48.62 28.63
CA ARG A 34 -0.02 -49.28 27.62
C ARG A 34 1.12 -48.38 27.15
N SER A 35 1.74 -47.69 28.11
CA SER A 35 2.66 -46.60 27.81
C SER A 35 4.12 -47.00 27.90
N ASP A 36 4.43 -48.26 28.24
CA ASP A 36 5.81 -48.73 28.28
C ASP A 36 6.00 -50.11 27.62
N PRO A 37 5.52 -50.31 26.37
CA PRO A 37 6.01 -51.45 25.59
C PRO A 37 7.35 -51.13 24.95
N THR A 38 7.50 -49.86 24.56
CA THR A 38 8.76 -49.31 24.07
C THR A 38 9.22 -48.24 25.06
N ASP A 39 10.46 -48.36 25.53
CA ASP A 39 11.00 -47.43 26.51
C ASP A 39 11.45 -46.16 25.78
N GLN A 40 10.46 -45.39 25.34
CA GLN A 40 10.70 -44.12 24.64
C GLN A 40 10.78 -43.01 25.69
N ASN A 41 11.97 -42.92 26.30
CA ASN A 41 12.21 -41.90 27.32
C ASN A 41 11.94 -40.52 26.77
N ILE A 42 11.12 -39.75 27.48
CA ILE A 42 10.75 -38.40 27.04
C ILE A 42 12.01 -37.54 27.02
N PRO A 43 12.09 -36.55 26.12
CA PRO A 43 13.34 -35.78 26.01
C PRO A 43 13.57 -34.89 27.22
N VAL A 44 14.86 -34.66 27.49
CA VAL A 44 15.28 -33.85 28.63
C VAL A 44 14.91 -32.37 28.44
N THR A 45 14.62 -31.96 27.21
CA THR A 45 14.31 -30.57 26.86
C THR A 45 15.44 -29.63 27.27
N GLU A 46 16.68 -30.05 27.07
CA GLU A 46 17.82 -29.15 27.18
C GLU A 46 18.20 -28.74 25.75
N LEU A 47 17.42 -27.81 25.21
CA LEU A 47 17.56 -27.30 23.86
C LEU A 47 18.51 -26.10 23.89
N PRO A 48 18.82 -25.47 22.76
CA PRO A 48 19.65 -24.27 22.80
C PRO A 48 19.06 -23.19 23.70
N GLU A 49 19.90 -22.19 23.99
CA GLU A 49 19.48 -21.11 24.87
C GLU A 49 18.32 -20.30 24.31
N TRP A 50 18.14 -20.32 22.98
CA TRP A 50 17.07 -19.55 22.37
C TRP A 50 15.72 -20.25 22.43
N ALA A 51 15.71 -21.58 22.55
CA ALA A 51 14.48 -22.36 22.46
C ALA A 51 14.07 -22.98 23.80
N ARG A 52 14.39 -22.31 24.91
CA ARG A 52 14.09 -22.83 26.23
C ARG A 52 13.20 -21.92 27.06
N ILE A 53 13.26 -20.61 26.85
CA ILE A 53 12.52 -19.65 27.67
C ILE A 53 11.00 -19.82 27.60
N PRO A 54 10.40 -20.29 26.49
CA PRO A 54 8.94 -20.46 26.51
C PRO A 54 8.47 -21.59 27.40
N PHE A 55 9.23 -22.69 27.50
CA PHE A 55 8.86 -23.82 28.35
C PHE A 55 9.22 -23.45 29.79
N ASN A 56 8.35 -22.63 30.39
CA ASN A 56 8.61 -22.08 31.71
C ASN A 56 8.40 -23.13 32.81
N THR A 57 7.20 -23.71 32.86
CA THR A 57 6.77 -24.51 34.00
C THR A 57 6.92 -26.01 33.79
N THR A 58 7.82 -26.43 32.90
CA THR A 58 7.95 -27.84 32.60
C THR A 58 9.39 -28.16 32.21
N LYS A 59 9.91 -29.26 32.74
CA LYS A 59 11.27 -29.71 32.45
C LYS A 59 11.33 -30.88 31.48
N THR A 60 10.20 -31.55 31.22
CA THR A 60 10.17 -32.75 30.40
C THR A 60 9.00 -32.69 29.43
N LEU A 61 9.28 -32.82 28.14
CA LEU A 61 8.20 -32.97 27.17
C LEU A 61 7.44 -34.27 27.44
N ASN A 62 6.20 -34.32 26.98
CA ASN A 62 5.40 -35.51 27.24
C ASN A 62 5.71 -36.58 26.22
N LYS A 63 4.99 -37.70 26.31
CA LYS A 63 5.22 -38.81 25.39
C LYS A 63 4.83 -38.44 23.96
N ILE A 64 3.76 -37.67 23.80
CA ILE A 64 3.32 -37.26 22.47
C ILE A 64 4.37 -36.36 21.82
N GLN A 65 4.77 -35.30 22.51
CA GLN A 65 5.75 -34.37 21.96
C GLN A 65 7.10 -35.03 21.72
N SER A 66 7.37 -36.18 22.33
CA SER A 66 8.64 -36.86 22.16
C SER A 66 8.88 -37.22 20.70
N LYS A 67 8.00 -38.04 20.13
CA LYS A 67 8.15 -38.49 18.75
C LYS A 67 7.95 -37.37 17.73
N CYS A 68 7.41 -36.23 18.15
CA CYS A 68 7.21 -35.11 17.25
C CYS A 68 8.34 -34.09 17.29
N PHE A 69 9.11 -34.04 18.38
CA PHE A 69 10.19 -33.07 18.49
C PHE A 69 11.21 -33.13 17.35
N PRO A 70 11.73 -34.30 16.93
CA PRO A 70 12.70 -34.31 15.83
C PRO A 70 12.16 -33.68 14.57
N THR A 71 11.02 -34.21 14.10
CA THR A 71 10.41 -33.69 12.88
C THR A 71 10.00 -32.23 13.03
N ALA A 72 9.48 -31.86 14.19
CA ALA A 72 9.03 -30.48 14.39
C ALA A 72 10.19 -29.50 14.36
N PHE A 73 11.27 -29.82 15.08
CA PHE A 73 12.33 -28.85 15.27
C PHE A 73 13.37 -28.85 14.14
N LEU A 74 13.49 -29.95 13.39
CA LEU A 74 14.42 -29.94 12.26
C LEU A 74 13.73 -29.98 10.90
N ASP A 75 12.81 -30.91 10.70
CA ASP A 75 12.19 -31.10 9.39
C ASP A 75 11.18 -29.99 9.13
N ASP A 76 11.15 -29.53 7.88
CA ASP A 76 10.26 -28.44 7.48
C ASP A 76 8.94 -28.93 6.91
N GLY A 77 8.86 -30.19 6.52
CA GLY A 77 7.67 -30.68 5.83
C GLY A 77 6.40 -30.53 6.65
N ASN A 78 5.29 -30.34 5.94
CA ASN A 78 3.98 -30.35 6.56
C ASN A 78 3.78 -31.61 7.38
N MET A 79 3.00 -31.52 8.45
CA MET A 79 2.76 -32.71 9.25
C MET A 79 1.38 -32.65 9.89
N LEU A 80 0.96 -33.79 10.42
CA LEU A 80 -0.35 -33.94 11.04
C LEU A 80 -0.20 -34.88 12.23
N VAL A 81 -0.70 -34.45 13.39
CA VAL A 81 -0.70 -35.27 14.59
C VAL A 81 -2.13 -35.43 15.05
N CYS A 82 -2.45 -36.63 15.55
CA CYS A 82 -3.78 -36.95 16.06
C CYS A 82 -3.63 -37.52 17.47
N ALA A 83 -4.37 -36.95 18.41
CA ALA A 83 -4.27 -37.34 19.81
C ALA A 83 -5.58 -36.96 20.50
N PRO A 84 -5.84 -37.49 21.68
CA PRO A 84 -6.99 -37.02 22.46
C PRO A 84 -6.76 -35.61 22.99
N THR A 85 -7.85 -34.97 23.35
CA THR A 85 -7.76 -33.62 23.91
C THR A 85 -7.06 -33.65 25.26
N GLY A 86 -6.19 -32.67 25.48
CA GLY A 86 -5.40 -32.62 26.70
C GLY A 86 -4.13 -33.44 26.65
N SER A 87 -3.61 -33.75 25.47
CA SER A 87 -2.49 -34.68 25.32
C SER A 87 -1.17 -33.99 25.02
N GLY A 88 -1.18 -32.76 24.52
CA GLY A 88 0.08 -32.05 24.28
C GLY A 88 0.37 -31.67 22.85
N LYS A 89 -0.67 -31.36 22.06
CA LYS A 89 -0.45 -30.98 20.66
C LYS A 89 0.01 -29.53 20.54
N THR A 90 -0.59 -28.63 21.32
CA THR A 90 -0.20 -27.23 21.25
C THR A 90 1.28 -27.02 21.50
N ASN A 91 1.93 -27.96 22.20
CA ASN A 91 3.36 -27.86 22.42
C ASN A 91 4.16 -28.29 21.19
N VAL A 92 3.66 -29.23 20.38
CA VAL A 92 4.35 -29.50 19.13
C VAL A 92 4.14 -28.34 18.15
N ALA A 93 2.98 -27.69 18.20
CA ALA A 93 2.82 -26.46 17.42
C ALA A 93 3.81 -25.40 17.90
N MET A 94 3.99 -25.29 19.21
CA MET A 94 5.04 -24.46 19.78
C MET A 94 6.41 -24.78 19.17
N LEU A 95 6.74 -26.07 19.08
CA LEU A 95 8.03 -26.47 18.53
C LEU A 95 8.20 -26.05 17.07
N THR A 96 7.11 -26.12 16.30
CA THR A 96 7.18 -25.63 14.92
C THR A 96 7.46 -24.13 14.89
N MET A 97 6.74 -23.37 15.70
CA MET A 97 7.02 -21.94 15.81
C MET A 97 8.47 -21.70 16.25
N LEU A 98 9.02 -22.62 17.03
CA LEU A 98 10.41 -22.48 17.48
C LEU A 98 11.39 -22.70 16.35
N ARG A 99 11.15 -23.70 15.49
CA ARG A 99 12.01 -23.86 14.32
C ARG A 99 11.97 -22.62 13.44
N GLU A 100 10.78 -22.02 13.29
CA GLU A 100 10.70 -20.81 12.46
C GLU A 100 11.43 -19.64 13.10
N ILE A 101 11.27 -19.44 14.42
CA ILE A 101 11.97 -18.34 15.09
C ILE A 101 13.47 -18.53 15.01
N GLY A 102 13.93 -19.79 15.15
CA GLY A 102 15.35 -20.07 14.94
C GLY A 102 15.80 -19.77 13.52
N LYS A 103 14.93 -20.04 12.55
CA LYS A 103 15.23 -19.66 11.16
C LYS A 103 15.43 -18.15 11.05
N ASN A 104 14.66 -17.37 11.79
CA ASN A 104 14.74 -15.91 11.74
C ASN A 104 15.56 -15.33 12.88
N ARG A 105 16.62 -16.02 13.29
CA ARG A 105 17.45 -15.60 14.41
C ARG A 105 18.91 -15.48 13.97
N ASN A 106 19.60 -14.50 14.55
CA ASN A 106 21.03 -14.34 14.30
C ASN A 106 21.83 -15.26 15.21
N GLU A 107 23.11 -15.43 14.87
CA GLU A 107 23.96 -16.43 15.53
C GLU A 107 23.88 -16.34 17.05
N LYS A 108 24.19 -15.17 17.61
CA LYS A 108 23.97 -14.90 19.01
C LYS A 108 23.17 -13.62 19.24
N GLY A 109 22.79 -12.93 18.17
CA GLY A 109 22.04 -11.69 18.28
C GLY A 109 20.55 -11.94 18.39
N GLU A 110 19.78 -10.92 18.04
CA GLU A 110 18.34 -10.92 18.19
C GLU A 110 17.68 -11.45 16.91
N ILE A 111 16.36 -11.31 16.82
CA ILE A 111 15.57 -11.87 15.73
C ILE A 111 14.92 -10.73 14.95
N ASP A 112 14.97 -10.80 13.62
CA ASP A 112 14.28 -9.85 12.76
C ASP A 112 12.82 -10.30 12.63
N LEU A 113 11.93 -9.56 13.29
CA LEU A 113 10.53 -9.98 13.40
C LEU A 113 9.65 -9.49 12.25
N ASP A 114 10.16 -8.64 11.37
CA ASP A 114 9.41 -8.21 10.20
C ASP A 114 9.54 -9.16 9.02
N ALA A 115 10.38 -10.19 9.14
CA ALA A 115 10.64 -11.08 8.02
C ALA A 115 9.62 -12.21 7.90
N PHE A 116 8.90 -12.53 8.98
CA PHE A 116 8.04 -13.70 9.00
C PHE A 116 6.79 -13.42 9.82
N LYS A 117 5.75 -14.20 9.52
CA LYS A 117 4.53 -14.26 10.31
C LYS A 117 4.11 -15.71 10.43
N ILE A 118 3.35 -16.00 11.49
CA ILE A 118 2.76 -17.32 11.68
C ILE A 118 1.30 -17.15 12.05
N VAL A 119 0.46 -18.07 11.55
CA VAL A 119 -0.98 -18.00 11.72
C VAL A 119 -1.44 -19.26 12.44
N TYR A 120 -2.26 -19.09 13.47
CA TYR A 120 -2.86 -20.19 14.23
C TYR A 120 -4.37 -20.12 14.05
N ILE A 121 -4.94 -21.14 13.41
CA ILE A 121 -6.36 -21.18 13.11
C ILE A 121 -7.05 -22.06 14.14
N ALA A 122 -8.06 -21.51 14.82
CA ALA A 122 -8.82 -22.25 15.80
C ALA A 122 -10.30 -22.16 15.50
N PRO A 123 -11.09 -23.19 15.83
CA PRO A 123 -12.49 -23.22 15.37
C PRO A 123 -13.40 -22.19 16.02
N LEU A 124 -13.14 -21.79 17.26
CA LEU A 124 -14.05 -20.89 17.97
C LEU A 124 -13.27 -19.74 18.58
N LYS A 125 -14.02 -18.70 18.98
CA LYS A 125 -13.42 -17.47 19.49
C LYS A 125 -12.80 -17.68 20.87
N ALA A 126 -13.43 -18.49 21.72
CA ALA A 126 -12.89 -18.74 23.05
C ALA A 126 -11.50 -19.35 22.96
N LEU A 127 -11.31 -20.29 22.04
CA LEU A 127 -10.01 -20.93 21.90
C LEU A 127 -8.98 -19.97 21.33
N VAL A 128 -9.37 -19.09 20.39
CA VAL A 128 -8.40 -18.15 19.87
C VAL A 128 -7.99 -17.15 20.94
N GLN A 129 -8.90 -16.78 21.84
CA GLN A 129 -8.52 -15.85 22.90
C GLN A 129 -7.62 -16.51 23.93
N GLU A 130 -7.97 -17.73 24.37
CA GLU A 130 -7.08 -18.44 25.29
C GLU A 130 -5.72 -18.67 24.67
N GLN A 131 -5.68 -18.99 23.37
CA GLN A 131 -4.42 -19.28 22.71
C GLN A 131 -3.60 -18.01 22.53
N VAL A 132 -4.24 -16.89 22.22
CA VAL A 132 -3.49 -15.64 22.10
C VAL A 132 -2.92 -15.23 23.45
N GLY A 133 -3.66 -15.49 24.54
CA GLY A 133 -3.12 -15.19 25.86
C GLY A 133 -1.92 -16.08 26.20
N ASN A 134 -2.07 -17.38 26.01
CA ASN A 134 -0.99 -18.32 26.34
C ASN A 134 0.26 -18.01 25.52
N PHE A 135 0.10 -17.89 24.20
CA PHE A 135 1.27 -17.65 23.35
C PHE A 135 1.84 -16.26 23.55
N GLY A 136 1.01 -15.27 23.92
CA GLY A 136 1.56 -13.98 24.30
C GLY A 136 2.47 -14.09 25.51
N LYS A 137 1.99 -14.74 26.57
CA LYS A 137 2.82 -14.92 27.75
C LYS A 137 4.11 -15.67 27.42
N ARG A 138 4.00 -16.71 26.60
CA ARG A 138 5.15 -17.58 26.37
C ARG A 138 6.14 -17.03 25.35
N LEU A 139 5.72 -16.11 24.47
CA LEU A 139 6.59 -15.55 23.45
C LEU A 139 6.95 -14.10 23.70
N GLU A 140 6.42 -13.48 24.75
CA GLU A 140 6.77 -12.10 25.06
C GLU A 140 8.27 -11.88 25.29
N PRO A 141 9.02 -12.78 25.94
CA PRO A 141 10.46 -12.53 26.09
C PRO A 141 11.21 -12.34 24.78
N TYR A 142 10.72 -12.89 23.67
CA TYR A 142 11.34 -12.67 22.37
C TYR A 142 11.02 -11.30 21.79
N GLY A 143 10.19 -10.51 22.46
CA GLY A 143 9.68 -9.28 21.88
C GLY A 143 8.54 -9.49 20.90
N ILE A 144 8.17 -10.74 20.62
CA ILE A 144 7.09 -11.01 19.67
C ILE A 144 5.75 -10.64 20.29
N LYS A 145 4.91 -9.99 19.50
CA LYS A 145 3.57 -9.57 19.93
C LYS A 145 2.54 -10.46 19.26
N VAL A 146 1.89 -11.31 20.05
CA VAL A 146 0.84 -12.20 19.57
C VAL A 146 -0.48 -11.44 19.58
N SER A 147 -1.28 -11.61 18.52
CA SER A 147 -2.54 -10.87 18.50
C SER A 147 -3.63 -11.69 17.84
N GLU A 148 -4.88 -11.33 18.15
CA GLU A 148 -6.07 -11.97 17.62
C GLU A 148 -6.60 -11.16 16.45
N LEU A 149 -6.89 -11.85 15.35
CA LEU A 149 -7.38 -11.18 14.14
C LEU A 149 -8.88 -10.90 14.30
N THR A 150 -9.17 -9.79 14.98
CA THR A 150 -10.56 -9.37 15.16
C THR A 150 -10.72 -7.93 14.72
N GLY A 151 -11.74 -7.72 13.88
CA GLY A 151 -12.32 -6.39 13.72
C GLY A 151 -13.69 -6.56 13.13
N ASP A 152 -14.59 -5.63 13.47
CA ASP A 152 -15.72 -5.44 12.59
C ASP A 152 -15.31 -4.66 11.34
N ARG A 153 -14.09 -4.11 11.34
CA ARG A 153 -13.60 -3.24 10.28
C ARG A 153 -12.31 -3.78 9.71
N GLN A 154 -12.04 -3.42 8.45
CA GLN A 154 -10.75 -3.72 7.84
C GLN A 154 -9.64 -2.86 8.45
N LEU A 155 -9.99 -1.67 8.93
CA LEU A 155 -8.99 -0.79 9.52
C LEU A 155 -8.38 -1.38 10.78
N THR A 156 -9.11 -2.25 11.47
CA THR A 156 -8.56 -2.92 12.65
C THR A 156 -7.76 -4.16 12.24
N LYS A 157 -8.30 -4.97 11.34
CA LYS A 157 -7.64 -6.19 10.93
C LYS A 157 -6.32 -5.91 10.22
N GLN A 158 -6.23 -4.80 9.49
CA GLN A 158 -5.00 -4.44 8.81
C GLN A 158 -3.89 -4.13 9.81
N GLN A 159 -4.21 -3.32 10.83
CA GLN A 159 -3.23 -3.03 11.87
C GLN A 159 -2.89 -4.27 12.68
N ILE A 160 -3.84 -5.20 12.80
CA ILE A 160 -3.55 -6.46 13.46
C ILE A 160 -2.67 -7.36 12.59
N SER A 161 -2.66 -7.13 11.28
CA SER A 161 -1.75 -7.87 10.41
C SER A 161 -0.33 -7.33 10.43
N GLU A 162 -0.05 -6.27 11.19
CA GLU A 162 1.30 -5.77 11.38
C GLU A 162 1.98 -6.37 12.61
N THR A 163 1.55 -7.56 13.03
CA THR A 163 2.12 -8.28 14.15
C THR A 163 2.72 -9.60 13.67
N GLN A 164 3.34 -10.33 14.58
CA GLN A 164 4.18 -11.47 14.21
C GLN A 164 3.38 -12.78 14.15
N VAL A 165 2.77 -13.19 15.25
CA VAL A 165 1.96 -14.41 15.28
C VAL A 165 0.52 -14.02 15.59
N ILE A 166 -0.39 -14.40 14.69
CA ILE A 166 -1.79 -14.02 14.78
C ILE A 166 -2.64 -15.27 14.90
N VAL A 167 -3.63 -15.22 15.79
CA VAL A 167 -4.55 -16.31 16.03
C VAL A 167 -5.93 -15.88 15.53
N THR A 168 -6.59 -16.76 14.78
CA THR A 168 -7.81 -16.36 14.13
C THR A 168 -8.69 -17.58 13.85
N THR A 169 -9.96 -17.31 13.57
CA THR A 169 -10.90 -18.32 13.13
C THR A 169 -10.79 -18.54 11.63
N PRO A 170 -11.18 -19.72 11.14
CA PRO A 170 -11.09 -19.96 9.69
C PRO A 170 -11.89 -18.97 8.85
N GLU A 171 -13.06 -18.54 9.34
CA GLU A 171 -13.88 -17.63 8.56
C GLU A 171 -13.20 -16.27 8.38
N LYS A 172 -12.62 -15.72 9.46
CA LYS A 172 -11.99 -14.42 9.36
C LYS A 172 -10.75 -14.47 8.47
N TRP A 173 -9.97 -15.54 8.56
CA TRP A 173 -8.80 -15.67 7.69
C TRP A 173 -9.22 -15.81 6.24
N ASP A 174 -10.23 -16.63 5.97
CA ASP A 174 -10.73 -16.80 4.61
C ASP A 174 -11.27 -15.48 4.06
N VAL A 175 -11.91 -14.67 4.92
CA VAL A 175 -12.51 -13.45 4.43
C VAL A 175 -11.47 -12.35 4.23
N ILE A 176 -10.38 -12.36 5.00
CA ILE A 176 -9.33 -11.38 4.73
C ILE A 176 -8.44 -11.81 3.56
N THR A 177 -8.38 -13.10 3.25
CA THR A 177 -7.69 -13.52 2.04
C THR A 177 -8.54 -13.31 0.80
N ARG A 178 -9.87 -13.41 0.92
CA ARG A 178 -10.73 -13.16 -0.22
C ARG A 178 -10.69 -11.70 -0.65
N LYS A 179 -10.53 -10.78 0.30
CA LYS A 179 -10.49 -9.36 -0.04
C LYS A 179 -9.20 -8.98 -0.78
N ALA A 180 -8.16 -9.80 -0.67
CA ALA A 180 -6.90 -9.63 -1.40
C ALA A 180 -6.24 -8.28 -1.14
N THR A 181 -6.66 -7.58 -0.09
CA THR A 181 -6.11 -6.27 0.25
C THR A 181 -5.03 -6.36 1.33
N ASP A 182 -4.52 -7.56 1.61
CA ASP A 182 -3.45 -7.72 2.59
C ASP A 182 -2.39 -8.69 2.10
N ILE A 183 -2.30 -8.94 0.78
CA ILE A 183 -1.38 -9.93 0.25
C ILE A 183 0.07 -9.57 0.59
N SER A 184 0.37 -8.27 0.69
CA SER A 184 1.73 -7.84 1.03
C SER A 184 2.19 -8.43 2.35
N TYR A 185 1.27 -8.64 3.29
CA TYR A 185 1.60 -9.27 4.57
C TYR A 185 1.29 -10.76 4.59
N THR A 186 0.26 -11.19 3.86
CA THR A 186 -0.04 -12.62 3.76
C THR A 186 1.13 -13.40 3.17
N ASN A 187 1.87 -12.79 2.24
CA ASN A 187 3.04 -13.46 1.69
C ASN A 187 4.14 -13.65 2.71
N LEU A 188 4.15 -12.86 3.77
CA LEU A 188 5.19 -12.97 4.80
C LEU A 188 4.96 -14.13 5.76
N VAL A 189 3.79 -14.76 5.75
CA VAL A 189 3.58 -15.91 6.61
C VAL A 189 4.42 -17.07 6.09
N ARG A 190 5.08 -17.77 7.01
CA ARG A 190 5.93 -18.90 6.67
C ARG A 190 5.60 -20.12 7.52
N LEU A 191 4.47 -20.12 8.21
CA LEU A 191 4.07 -21.21 9.09
C LEU A 191 2.59 -21.08 9.46
N ILE A 192 1.84 -22.17 9.38
CA ILE A 192 0.41 -22.18 9.68
C ILE A 192 0.08 -23.41 10.51
N ILE A 193 -0.60 -23.20 11.63
CA ILE A 193 -1.06 -24.27 12.51
C ILE A 193 -2.57 -24.29 12.48
N ILE A 194 -3.14 -25.48 12.23
CA ILE A 194 -4.58 -25.66 12.17
C ILE A 194 -4.98 -26.61 13.29
N ASP A 195 -5.63 -26.08 14.31
CA ASP A 195 -6.08 -26.86 15.45
C ASP A 195 -7.50 -27.38 15.20
N GLU A 196 -7.73 -28.64 15.58
CA GLU A 196 -9.04 -29.28 15.47
C GLU A 196 -9.52 -29.29 14.01
N ILE A 197 -8.78 -30.06 13.20
CA ILE A 197 -9.12 -30.17 11.78
C ILE A 197 -10.41 -30.94 11.54
N HIS A 198 -10.88 -31.72 12.53
CA HIS A 198 -12.09 -32.50 12.33
C HIS A 198 -13.30 -31.62 12.03
N LEU A 199 -13.19 -30.30 12.22
CA LEU A 199 -14.20 -29.37 11.74
C LEU A 199 -14.55 -29.60 10.27
N LEU A 200 -13.64 -30.20 9.49
CA LEU A 200 -13.92 -30.54 8.11
C LEU A 200 -15.22 -31.31 7.96
N HIS A 201 -15.58 -32.12 8.96
CA HIS A 201 -16.85 -32.84 8.91
C HIS A 201 -18.02 -31.88 9.07
N ASP A 202 -17.85 -30.79 9.79
CA ASP A 202 -18.93 -29.85 10.02
C ASP A 202 -19.19 -29.01 8.77
N ASP A 203 -20.31 -28.27 8.79
CA ASP A 203 -20.68 -27.44 7.66
C ASP A 203 -19.75 -26.25 7.46
N ARG A 204 -18.89 -25.94 8.43
CA ARG A 204 -17.90 -24.88 8.29
C ARG A 204 -16.58 -25.38 7.74
N GLY A 205 -16.42 -26.71 7.59
CA GLY A 205 -15.22 -27.26 7.01
C GLY A 205 -14.81 -26.73 5.65
N PRO A 206 -15.77 -26.44 4.75
CA PRO A 206 -15.37 -25.88 3.45
C PRO A 206 -14.51 -24.63 3.53
N VAL A 207 -14.62 -23.85 4.61
CA VAL A 207 -13.76 -22.68 4.77
C VAL A 207 -12.30 -23.12 4.95
N LEU A 208 -12.06 -24.07 5.85
CA LEU A 208 -10.73 -24.65 5.99
C LEU A 208 -10.25 -25.24 4.67
N GLU A 209 -11.15 -25.93 3.95
CA GLU A 209 -10.78 -26.52 2.68
C GLU A 209 -10.28 -25.46 1.70
N SER A 210 -11.05 -24.37 1.55
CA SER A 210 -10.64 -23.28 0.67
C SER A 210 -9.28 -22.73 1.08
N ILE A 211 -9.12 -22.43 2.38
CA ILE A 211 -7.86 -21.86 2.87
C ILE A 211 -6.68 -22.73 2.47
N VAL A 212 -6.69 -23.99 2.92
CA VAL A 212 -5.53 -24.84 2.73
C VAL A 212 -5.35 -25.19 1.26
N SER A 213 -6.44 -25.34 0.51
CA SER A 213 -6.32 -25.69 -0.90
C SER A 213 -5.60 -24.58 -1.66
N ARG A 214 -6.06 -23.33 -1.49
CA ARG A 214 -5.41 -22.24 -2.21
C ARG A 214 -3.96 -22.06 -1.75
N THR A 215 -3.70 -22.21 -0.45
CA THR A 215 -2.34 -22.01 0.06
C THR A 215 -1.40 -23.09 -0.49
N ILE A 216 -1.79 -24.36 -0.40
CA ILE A 216 -0.93 -25.43 -0.86
C ILE A 216 -0.76 -25.39 -2.38
N ARG A 217 -1.82 -25.00 -3.10
CA ARG A 217 -1.70 -24.88 -4.55
C ARG A 217 -0.69 -23.80 -4.93
N ARG A 218 -0.78 -22.63 -4.28
CA ARG A 218 0.19 -21.59 -4.54
C ARG A 218 1.60 -22.06 -4.21
N THR A 219 1.76 -22.80 -3.11
CA THR A 219 3.10 -23.27 -2.74
C THR A 219 3.66 -24.24 -3.79
N GLU A 220 2.81 -25.13 -4.30
CA GLU A 220 3.27 -26.07 -5.32
C GLU A 220 3.42 -25.42 -6.69
N GLN A 221 2.85 -24.22 -6.88
CA GLN A 221 3.07 -23.51 -8.13
C GLN A 221 4.36 -22.69 -8.10
N THR A 222 4.47 -21.77 -7.13
CA THR A 222 5.60 -20.85 -7.08
C THR A 222 6.82 -21.40 -6.36
N GLY A 223 6.67 -22.49 -5.59
CA GLY A 223 7.78 -23.05 -4.86
C GLY A 223 8.12 -22.31 -3.57
N GLU A 224 7.38 -21.26 -3.22
CA GLU A 224 7.57 -20.55 -1.96
C GLU A 224 6.96 -21.36 -0.83
N PRO A 225 7.78 -21.93 0.07
CA PRO A 225 7.23 -22.83 1.08
C PRO A 225 6.62 -22.08 2.25
N VAL A 226 5.44 -22.54 2.67
CA VAL A 226 4.85 -22.16 3.95
C VAL A 226 4.43 -23.46 4.63
N ARG A 227 4.93 -23.68 5.85
CA ARG A 227 4.72 -24.94 6.53
C ARG A 227 3.28 -25.07 7.01
N ILE A 228 2.73 -26.28 6.93
CA ILE A 228 1.38 -26.57 7.38
C ILE A 228 1.43 -27.67 8.42
N ILE A 229 0.87 -27.41 9.59
CA ILE A 229 0.82 -28.40 10.66
C ILE A 229 -0.62 -28.51 11.13
N GLY A 230 -1.18 -29.72 11.05
CA GLY A 230 -2.52 -30.00 11.50
C GLY A 230 -2.51 -30.78 12.80
N LEU A 231 -3.36 -30.34 13.74
CA LEU A 231 -3.54 -31.00 15.02
C LEU A 231 -5.00 -31.45 15.07
N SER A 232 -5.23 -32.75 14.87
CA SER A 232 -6.57 -33.31 14.84
C SER A 232 -6.75 -34.24 16.04
N ALA A 233 -7.93 -34.85 16.10
CA ALA A 233 -8.26 -35.79 17.16
C ALA A 233 -8.16 -37.22 16.65
N THR A 234 -8.34 -38.17 17.57
CA THR A 234 -8.27 -39.59 17.23
C THR A 234 -9.44 -39.97 16.34
N LEU A 235 -9.17 -40.17 15.05
CA LEU A 235 -10.22 -40.35 14.06
C LEU A 235 -9.72 -41.30 12.99
N PRO A 236 -10.63 -41.99 12.27
CA PRO A 236 -10.20 -43.01 11.31
C PRO A 236 -9.49 -42.47 10.08
N ASN A 237 -10.03 -41.44 9.45
CA ASN A 237 -9.47 -40.95 8.18
C ASN A 237 -8.31 -39.99 8.41
N TYR A 238 -7.33 -40.39 9.21
CA TYR A 238 -6.18 -39.51 9.43
C TYR A 238 -5.25 -39.50 8.23
N ARG A 239 -5.14 -40.63 7.53
CA ARG A 239 -4.29 -40.70 6.34
C ARG A 239 -4.86 -39.88 5.18
N ASP A 240 -6.19 -39.79 5.08
CA ASP A 240 -6.81 -38.99 4.03
C ASP A 240 -6.44 -37.52 4.18
N VAL A 241 -6.77 -36.92 5.33
CA VAL A 241 -6.41 -35.54 5.59
C VAL A 241 -4.90 -35.36 5.63
N ALA A 242 -4.15 -36.43 5.93
CA ALA A 242 -2.69 -36.35 5.90
C ALA A 242 -2.18 -36.12 4.49
N SER A 243 -2.63 -36.94 3.54
CA SER A 243 -2.27 -36.72 2.14
C SER A 243 -2.82 -35.39 1.64
N PHE A 244 -4.00 -34.99 2.14
CA PHE A 244 -4.61 -33.73 1.75
C PHE A 244 -3.85 -32.53 2.28
N LEU A 245 -3.03 -32.70 3.32
CA LEU A 245 -2.15 -31.65 3.80
C LEU A 245 -0.72 -31.80 3.30
N ARG A 246 -0.47 -32.76 2.40
CA ARG A 246 0.85 -32.99 1.80
C ARG A 246 1.90 -33.32 2.85
N VAL A 247 1.62 -34.34 3.65
CA VAL A 247 2.54 -34.80 4.67
C VAL A 247 3.09 -36.16 4.26
N ASP A 248 4.31 -36.44 4.71
CA ASP A 248 4.95 -37.73 4.41
C ASP A 248 4.47 -38.75 5.42
N PHE A 249 3.89 -39.84 4.92
CA PHE A 249 3.38 -40.89 5.80
C PHE A 249 4.48 -41.50 6.66
N GLU A 250 5.73 -41.43 6.21
CA GLU A 250 6.83 -42.00 6.99
C GLU A 250 7.37 -41.01 8.01
N LYS A 251 7.40 -39.72 7.66
CA LYS A 251 8.12 -38.72 8.45
C LYS A 251 7.26 -37.57 8.93
N GLY A 252 5.96 -37.57 8.65
CA GLY A 252 5.13 -36.45 9.04
C GLY A 252 3.80 -36.80 9.68
N LEU A 253 3.44 -38.08 9.63
CA LEU A 253 2.14 -38.53 10.14
C LEU A 253 2.35 -39.23 11.47
N PHE A 254 1.73 -38.69 12.52
CA PHE A 254 1.76 -39.27 13.86
C PHE A 254 0.33 -39.52 14.33
N TYR A 255 0.09 -40.70 14.90
CA TYR A 255 -1.23 -41.08 15.37
C TYR A 255 -1.08 -41.79 16.71
N PHE A 256 -1.92 -41.42 17.68
CA PHE A 256 -1.79 -41.92 19.03
C PHE A 256 -3.14 -42.44 19.54
N ASP A 257 -3.09 -43.57 20.23
CA ASP A 257 -4.30 -44.19 20.76
C ASP A 257 -4.90 -43.35 21.89
N GLY A 258 -6.09 -43.74 22.32
CA GLY A 258 -6.64 -43.19 23.55
C GLY A 258 -5.85 -43.54 24.78
N SER A 259 -4.87 -44.44 24.66
CA SER A 259 -3.98 -44.77 25.76
C SER A 259 -2.87 -43.75 25.97
N TYR A 260 -2.59 -42.93 24.95
CA TYR A 260 -1.65 -41.82 25.11
C TYR A 260 -2.28 -40.62 25.79
N ARG A 261 -3.57 -40.69 26.13
CA ARG A 261 -4.19 -39.66 26.94
C ARG A 261 -3.56 -39.66 28.33
N PRO A 262 -3.23 -38.50 28.90
CA PRO A 262 -2.59 -38.49 30.23
C PRO A 262 -3.46 -39.08 31.31
N CYS A 263 -4.77 -38.82 31.27
CA CYS A 263 -5.72 -39.30 32.27
C CYS A 263 -6.74 -40.19 31.59
N PRO A 264 -6.66 -41.51 31.73
CA PRO A 264 -7.60 -42.39 31.03
C PRO A 264 -9.05 -42.08 31.38
N LEU A 265 -9.90 -42.13 30.35
CA LEU A 265 -11.27 -41.65 30.44
C LEU A 265 -12.24 -42.82 30.46
N ARG A 266 -13.02 -42.94 31.53
CA ARG A 266 -14.12 -43.89 31.59
C ARG A 266 -15.34 -43.30 30.90
N GLN A 267 -15.93 -44.05 29.98
CA GLN A 267 -17.05 -43.58 29.19
C GLN A 267 -18.26 -44.46 29.44
N GLU A 268 -19.35 -43.84 29.90
CA GLU A 268 -20.65 -44.50 29.99
C GLU A 268 -21.67 -43.69 29.19
N PHE A 269 -22.44 -44.39 28.37
CA PHE A 269 -23.42 -43.78 27.47
C PHE A 269 -24.82 -44.08 27.98
N ILE A 270 -25.67 -43.06 27.98
CA ILE A 270 -27.04 -43.18 28.46
C ILE A 270 -27.98 -42.69 27.38
N GLY A 271 -29.06 -43.44 27.15
CA GLY A 271 -30.02 -43.09 26.13
C GLY A 271 -31.46 -43.29 26.54
N VAL A 272 -32.28 -42.25 26.37
CA VAL A 272 -33.68 -42.31 26.75
C VAL A 272 -34.54 -42.68 25.56
N GLN A 280 -40.56 -35.87 27.64
CA GLN A 280 -39.66 -36.59 26.74
C GLN A 280 -38.24 -36.63 27.30
N LEU A 281 -37.90 -35.64 28.12
CA LEU A 281 -36.54 -35.53 28.64
C LEU A 281 -36.49 -35.16 30.12
N LYS A 282 -37.62 -35.21 30.84
CA LYS A 282 -37.56 -35.05 32.29
C LYS A 282 -36.73 -36.15 32.93
N THR A 283 -36.74 -37.35 32.35
CA THR A 283 -35.87 -38.42 32.81
C THR A 283 -34.41 -38.04 32.70
N MET A 284 -34.05 -37.22 31.71
CA MET A 284 -32.68 -36.74 31.62
C MET A 284 -32.31 -35.88 32.83
N ASN A 285 -33.21 -35.00 33.24
CA ASN A 285 -32.97 -34.19 34.43
C ASN A 285 -32.87 -35.07 35.68
N ASP A 286 -33.76 -36.06 35.80
CA ASP A 286 -33.71 -36.97 36.94
C ASP A 286 -32.39 -37.74 36.97
N ILE A 287 -31.92 -38.19 35.81
CA ILE A 287 -30.68 -38.97 35.75
C ILE A 287 -29.49 -38.08 36.07
N THR A 288 -29.50 -36.84 35.59
CA THR A 288 -28.42 -35.92 35.94
C THR A 288 -28.39 -35.65 37.44
N TYR A 289 -29.57 -35.49 38.06
CA TYR A 289 -29.61 -35.29 39.51
C TYR A 289 -29.09 -36.52 40.26
N GLN A 290 -29.46 -37.71 39.82
CA GLN A 290 -29.00 -38.91 40.53
C GLN A 290 -27.51 -39.14 40.32
N LYS A 291 -26.97 -38.81 39.15
CA LYS A 291 -25.53 -38.91 38.94
C LYS A 291 -24.78 -37.85 39.73
N VAL A 292 -25.36 -36.67 39.90
CA VAL A 292 -24.77 -35.66 40.78
C VAL A 292 -24.70 -36.21 42.20
N LEU A 293 -25.81 -36.79 42.68
CA LEU A 293 -25.80 -37.44 43.99
C LEU A 293 -24.67 -38.46 44.09
N GLU A 294 -24.59 -39.37 43.11
CA GLU A 294 -23.61 -40.45 43.18
C GLU A 294 -22.18 -39.93 43.16
N HIS A 295 -21.89 -38.91 42.35
CA HIS A 295 -20.53 -38.47 42.12
C HIS A 295 -20.05 -37.42 43.11
N VAL A 296 -20.96 -36.67 43.73
CA VAL A 296 -20.58 -35.63 44.68
C VAL A 296 -20.82 -36.06 46.13
N GLY A 297 -21.80 -36.92 46.39
CA GLY A 297 -22.02 -37.38 47.75
C GLY A 297 -21.23 -38.62 48.11
N GLN A 298 -21.23 -39.62 47.23
CA GLN A 298 -20.50 -40.86 47.51
C GLN A 298 -19.03 -40.72 47.15
N ASN A 299 -18.73 -40.26 45.93
CA ASN A 299 -17.35 -40.19 45.47
C ASN A 299 -16.67 -38.88 45.86
N ARG A 300 -17.43 -37.85 46.19
CA ARG A 300 -16.89 -36.56 46.64
C ARG A 300 -15.97 -35.95 45.58
N ASN A 301 -16.43 -35.98 44.33
CA ASN A 301 -15.73 -35.38 43.20
C ASN A 301 -16.56 -34.25 42.64
N GLN A 302 -15.92 -33.10 42.39
CA GLN A 302 -16.61 -32.01 41.72
C GLN A 302 -16.81 -32.35 40.25
N MET A 303 -17.93 -31.91 39.70
CA MET A 303 -18.32 -32.30 38.35
C MET A 303 -18.86 -31.08 37.60
N LEU A 304 -18.79 -31.16 36.28
CA LEU A 304 -19.37 -30.12 35.43
C LEU A 304 -20.29 -30.74 34.39
N ILE A 305 -21.38 -30.03 34.12
CA ILE A 305 -22.40 -30.44 33.17
C ILE A 305 -22.37 -29.47 32.00
N PHE A 306 -22.46 -30.01 30.78
CA PHE A 306 -22.47 -29.24 29.55
C PHE A 306 -23.87 -29.29 28.95
N VAL A 307 -24.52 -28.14 28.84
CA VAL A 307 -25.78 -28.01 28.13
C VAL A 307 -25.57 -27.04 26.99
N HIS A 308 -26.60 -26.79 26.18
CA HIS A 308 -26.43 -26.12 24.90
C HIS A 308 -27.29 -24.86 24.78
N SER A 309 -27.55 -24.19 25.89
CA SER A 309 -28.27 -22.92 25.89
C SER A 309 -27.95 -22.19 27.18
N ARG A 310 -27.74 -20.87 27.07
CA ARG A 310 -27.36 -20.08 28.24
C ARG A 310 -28.41 -20.15 29.33
N LYS A 311 -29.70 -20.13 28.96
CA LYS A 311 -30.76 -20.22 29.95
C LYS A 311 -30.92 -21.64 30.47
N GLU A 312 -30.70 -22.65 29.62
CA GLU A 312 -30.86 -24.02 30.05
C GLU A 312 -29.82 -24.42 31.09
N THR A 313 -28.66 -23.76 31.10
CA THR A 313 -27.68 -23.98 32.18
C THR A 313 -28.34 -23.79 33.54
N ALA A 314 -28.82 -22.57 33.80
CA ALA A 314 -29.45 -22.27 35.07
C ALA A 314 -30.75 -23.04 35.24
N LYS A 315 -31.45 -23.36 34.16
CA LYS A 315 -32.66 -24.18 34.28
C LYS A 315 -32.33 -25.54 34.88
N THR A 316 -31.34 -26.24 34.31
CA THR A 316 -30.98 -27.56 34.81
C THR A 316 -30.38 -27.47 36.21
N ALA A 317 -29.56 -26.45 36.47
CA ALA A 317 -28.99 -26.30 37.81
C ALA A 317 -30.09 -26.07 38.85
N LYS A 318 -31.05 -25.20 38.54
CA LYS A 318 -32.17 -24.96 39.44
C LYS A 318 -32.99 -26.22 39.65
N TYR A 319 -33.21 -27.00 38.59
CA TYR A 319 -33.95 -28.24 38.75
C TYR A 319 -33.23 -29.20 39.68
N ILE A 320 -31.92 -29.37 39.48
CA ILE A 320 -31.15 -30.29 40.33
C ILE A 320 -31.19 -29.82 41.77
N ARG A 321 -31.00 -28.52 42.00
CA ARG A 321 -30.98 -28.01 43.36
C ARG A 321 -32.35 -28.11 44.03
N ASP A 322 -33.44 -27.91 43.29
CA ASP A 322 -34.76 -28.05 43.88
C ASP A 322 -35.07 -29.51 44.19
N LYS A 323 -34.69 -30.42 43.27
CA LYS A 323 -34.86 -31.84 43.53
C LYS A 323 -34.03 -32.30 44.72
N ALA A 324 -32.90 -31.63 44.97
CA ALA A 324 -32.10 -31.96 46.16
C ALA A 324 -32.68 -31.31 47.42
N LEU A 325 -33.29 -30.13 47.30
CA LEU A 325 -33.98 -29.53 48.42
C LEU A 325 -35.13 -30.40 48.90
N GLU A 326 -35.91 -30.94 47.97
CA GLU A 326 -36.89 -31.95 48.34
C GLU A 326 -36.21 -33.29 48.54
N MET A 327 -36.81 -34.14 49.37
CA MET A 327 -36.31 -35.44 49.80
C MET A 327 -35.07 -35.33 50.69
N ASP A 328 -34.60 -34.12 50.99
CA ASP A 328 -33.50 -33.90 51.92
C ASP A 328 -32.22 -34.61 51.49
N THR A 329 -31.91 -34.53 50.19
CA THR A 329 -30.64 -35.03 49.68
C THR A 329 -29.61 -33.92 49.52
N ILE A 330 -29.94 -32.68 49.90
CA ILE A 330 -29.02 -31.57 49.69
C ILE A 330 -27.82 -31.67 50.62
N ASN A 331 -27.98 -32.29 51.80
CA ASN A 331 -26.87 -32.37 52.74
C ASN A 331 -25.81 -33.37 52.30
N GLN A 332 -26.12 -34.25 51.35
CA GLN A 332 -25.10 -35.11 50.76
C GLN A 332 -24.20 -34.32 49.82
N ILE A 333 -24.79 -33.46 48.99
CA ILE A 333 -24.02 -32.66 48.06
C ILE A 333 -23.33 -31.51 48.79
N LEU A 334 -24.02 -30.93 49.78
CA LEU A 334 -23.50 -29.74 50.45
C LEU A 334 -22.25 -30.05 51.25
N LYS A 335 -21.28 -29.13 51.19
CA LYS A 335 -20.13 -29.17 52.08
C LYS A 335 -20.44 -28.37 53.33
N HIS A 336 -20.02 -28.88 54.48
CA HIS A 336 -20.38 -28.28 55.77
C HIS A 336 -19.16 -27.77 56.53
N ASP A 337 -18.02 -27.63 55.86
CA ASP A 337 -16.86 -27.04 56.50
C ASP A 337 -17.16 -25.62 56.95
N ALA A 338 -16.70 -25.27 58.15
CA ALA A 338 -16.93 -23.93 58.68
C ALA A 338 -16.31 -22.85 57.80
N GLY A 339 -15.29 -23.20 57.01
CA GLY A 339 -14.68 -22.26 56.10
C GLY A 339 -15.43 -22.12 54.80
N THR A 340 -15.67 -23.23 54.11
CA THR A 340 -16.33 -23.18 52.82
C THR A 340 -17.75 -22.63 52.94
N ARG A 341 -18.53 -23.19 53.87
CA ARG A 341 -19.92 -22.75 54.07
C ARG A 341 -20.01 -21.27 54.44
N GLU A 342 -18.92 -20.68 54.94
CA GLU A 342 -18.93 -19.29 55.37
C GLU A 342 -18.20 -18.37 54.40
N VAL A 343 -17.24 -18.87 53.62
CA VAL A 343 -16.50 -18.03 52.69
C VAL A 343 -17.14 -18.03 51.31
N LEU A 344 -17.70 -19.16 50.88
CA LEU A 344 -18.27 -19.26 49.53
C LEU A 344 -19.37 -18.23 49.33
N GLN A 345 -20.40 -18.26 50.17
CA GLN A 345 -21.53 -17.35 50.00
C GLN A 345 -21.14 -15.91 50.31
N GLU A 346 -20.18 -15.69 51.21
CA GLU A 346 -19.80 -14.32 51.54
C GLU A 346 -19.02 -13.67 50.40
N ALA A 347 -18.11 -14.41 49.77
CA ALA A 347 -17.32 -13.88 48.67
C ALA A 347 -18.00 -14.02 47.31
N ALA A 348 -19.11 -14.75 47.22
CA ALA A 348 -19.80 -14.93 45.96
C ALA A 348 -21.16 -14.22 45.94
N SER A 349 -22.06 -14.55 46.87
CA SER A 349 -23.40 -13.99 46.81
C SER A 349 -23.39 -12.48 47.07
N SER A 350 -22.52 -12.02 47.96
CA SER A 350 -22.41 -10.59 48.22
C SER A 350 -21.66 -9.83 47.14
N VAL A 351 -20.93 -10.53 46.27
CA VAL A 351 -20.09 -9.91 45.26
C VAL A 351 -20.48 -10.34 43.85
N ASN A 352 -21.63 -10.97 43.68
CA ASN A 352 -22.10 -11.39 42.37
C ASN A 352 -23.18 -10.43 41.86
N ASN A 353 -23.16 -10.16 40.56
CA ASN A 353 -24.13 -9.31 39.92
C ASN A 353 -25.16 -10.07 39.09
N THR A 354 -24.93 -11.35 38.82
CA THR A 354 -25.88 -12.17 38.09
C THR A 354 -26.99 -12.61 39.04
N ASP A 355 -28.23 -12.18 38.75
CA ASP A 355 -29.34 -12.49 39.63
C ASP A 355 -29.61 -13.99 39.68
N LEU A 356 -29.52 -14.67 38.54
CA LEU A 356 -29.85 -16.08 38.47
C LEU A 356 -28.75 -16.96 39.03
N LYS A 357 -27.49 -16.50 39.00
CA LYS A 357 -26.40 -17.27 39.59
C LYS A 357 -26.32 -17.08 41.10
N ASP A 358 -27.01 -16.09 41.64
CA ASP A 358 -26.94 -15.73 43.07
C ASP A 358 -27.28 -16.93 43.95
N LEU A 359 -27.86 -17.95 43.34
CA LEU A 359 -28.15 -19.22 44.02
C LEU A 359 -26.92 -20.13 43.99
N LEU A 360 -25.83 -19.65 44.61
CA LEU A 360 -24.66 -20.51 44.78
C LEU A 360 -24.12 -20.59 46.21
N PRO A 361 -24.95 -20.68 47.26
CA PRO A 361 -24.42 -21.08 48.56
C PRO A 361 -24.40 -22.59 48.74
N TYR A 362 -24.94 -23.35 47.79
CA TYR A 362 -25.03 -24.80 47.88
C TYR A 362 -23.98 -25.49 47.01
N GLY A 363 -22.93 -24.78 46.62
CA GLY A 363 -21.86 -25.37 45.84
C GLY A 363 -22.15 -25.50 44.35
N PHE A 364 -23.22 -24.87 43.86
CA PHE A 364 -23.57 -24.92 42.45
C PHE A 364 -23.05 -23.67 41.74
N GLY A 365 -22.81 -23.80 40.44
CA GLY A 365 -22.32 -22.70 39.64
C GLY A 365 -22.86 -22.77 38.23
N ILE A 366 -23.01 -21.59 37.63
CA ILE A 366 -23.42 -21.47 36.23
C ILE A 366 -22.35 -20.65 35.50
N HIS A 367 -22.02 -21.09 34.28
CA HIS A 367 -20.95 -20.46 33.49
C HIS A 367 -21.34 -20.53 32.01
N HIS A 368 -21.98 -19.46 31.51
CA HIS A 368 -22.58 -19.52 30.17
C HIS A 368 -22.27 -18.30 29.32
N ALA A 369 -21.20 -17.56 29.63
CA ALA A 369 -20.67 -16.54 28.74
C ALA A 369 -21.63 -15.36 28.54
N GLY A 370 -22.78 -15.39 29.20
CA GLY A 370 -23.70 -14.27 29.16
C GLY A 370 -23.61 -13.45 30.42
N MET A 371 -22.48 -13.57 31.13
CA MET A 371 -22.26 -12.90 32.40
C MET A 371 -20.94 -12.16 32.35
N SER A 372 -20.74 -11.27 33.33
CA SER A 372 -19.54 -10.47 33.38
C SER A 372 -18.30 -11.35 33.49
N ARG A 373 -17.21 -10.90 32.87
CA ARG A 373 -15.95 -11.63 33.02
C ARG A 373 -15.49 -11.66 34.47
N ALA A 374 -15.94 -10.72 35.30
CA ALA A 374 -15.67 -10.79 36.73
C ALA A 374 -16.35 -12.00 37.36
N ASP A 375 -17.65 -12.16 37.10
CA ASP A 375 -18.36 -13.34 37.60
C ASP A 375 -17.76 -14.61 37.00
N ARG A 376 -17.34 -14.55 35.74
CA ARG A 376 -16.73 -15.71 35.08
C ARG A 376 -15.46 -16.14 35.81
N THR A 377 -14.54 -15.19 36.04
CA THR A 377 -13.29 -15.55 36.70
C THR A 377 -13.51 -15.91 38.16
N ASP A 378 -14.52 -15.34 38.80
CA ASP A 378 -14.85 -15.75 40.17
C ASP A 378 -15.30 -17.21 40.20
N VAL A 379 -16.22 -17.58 39.31
CA VAL A 379 -16.67 -18.97 39.22
C VAL A 379 -15.51 -19.90 38.92
N GLU A 380 -14.63 -19.50 38.00
CA GLU A 380 -13.51 -20.36 37.62
C GLU A 380 -12.54 -20.55 38.76
N ASP A 381 -12.16 -19.47 39.46
CA ASP A 381 -11.26 -19.59 40.59
C ASP A 381 -11.89 -20.38 41.74
N LEU A 382 -13.21 -20.25 41.93
CA LEU A 382 -13.87 -21.00 42.98
C LEU A 382 -13.91 -22.49 42.66
N PHE A 383 -14.19 -22.83 41.39
CA PHE A 383 -14.15 -24.24 40.97
C PHE A 383 -12.75 -24.80 41.10
N ALA A 384 -11.73 -23.99 40.76
CA ALA A 384 -10.34 -24.45 40.88
C ALA A 384 -9.99 -24.71 42.35
N SER A 385 -10.34 -23.78 43.24
CA SER A 385 -10.04 -23.95 44.66
C SER A 385 -10.83 -25.11 45.28
N GLY A 386 -11.87 -25.58 44.62
CA GLY A 386 -12.68 -26.66 45.13
C GLY A 386 -13.91 -26.25 45.89
N HIS A 387 -14.37 -25.01 45.74
CA HIS A 387 -15.54 -24.52 46.46
C HIS A 387 -16.86 -24.79 45.75
N ILE A 388 -16.81 -25.16 44.47
CA ILE A 388 -18.00 -25.45 43.68
C ILE A 388 -17.92 -26.90 43.22
N GLN A 389 -18.94 -27.68 43.54
CA GLN A 389 -18.96 -29.09 43.21
C GLN A 389 -19.74 -29.43 41.95
N VAL A 390 -20.76 -28.66 41.61
CA VAL A 390 -21.56 -28.88 40.42
C VAL A 390 -21.55 -27.60 39.61
N LEU A 391 -20.88 -27.62 38.45
CA LEU A 391 -20.78 -26.44 37.59
C LEU A 391 -21.46 -26.75 36.26
N VAL A 392 -22.59 -26.10 36.00
CA VAL A 392 -23.29 -26.25 34.72
C VAL A 392 -22.88 -25.10 33.81
N CYS A 393 -22.65 -25.41 32.53
CA CYS A 393 -22.01 -24.46 31.64
C CYS A 393 -22.40 -24.75 30.19
N THR A 394 -22.02 -23.83 29.31
CA THR A 394 -22.22 -23.96 27.88
C THR A 394 -20.93 -24.42 27.22
N ALA A 395 -20.98 -24.55 25.89
CA ALA A 395 -19.80 -24.96 25.13
C ALA A 395 -18.67 -23.94 25.22
N THR A 396 -18.96 -22.70 25.60
CA THR A 396 -17.93 -21.67 25.67
C THR A 396 -16.88 -22.01 26.73
N LEU A 397 -17.30 -22.63 27.84
CA LEU A 397 -16.33 -23.06 28.84
C LEU A 397 -15.49 -24.22 28.34
N ALA A 398 -16.05 -25.06 27.47
CA ALA A 398 -15.30 -26.20 26.95
C ALA A 398 -14.10 -25.75 26.15
N TRP A 399 -14.25 -24.68 25.37
CA TRP A 399 -13.18 -24.16 24.52
C TRP A 399 -12.43 -23.06 25.24
N GLY A 400 -11.11 -23.21 25.33
CA GLY A 400 -10.25 -22.14 25.79
C GLY A 400 -10.25 -21.86 27.28
N VAL A 401 -10.07 -22.90 28.10
CA VAL A 401 -9.87 -22.75 29.54
C VAL A 401 -8.78 -23.74 29.97
N ASN A 402 -8.47 -23.72 31.26
CA ASN A 402 -7.57 -24.68 31.89
C ASN A 402 -8.19 -25.18 33.19
N LEU A 403 -9.47 -25.57 33.11
CA LEU A 403 -10.25 -25.98 34.27
C LEU A 403 -10.76 -27.41 34.06
N PRO A 404 -10.03 -28.41 34.55
CA PRO A 404 -10.51 -29.79 34.44
C PRO A 404 -11.33 -30.22 35.65
N ALA A 405 -12.12 -31.27 35.44
CA ALA A 405 -12.95 -31.84 36.48
C ALA A 405 -12.94 -33.36 36.36
N HIS A 406 -13.22 -34.04 37.46
CA HIS A 406 -13.25 -35.50 37.45
C HIS A 406 -14.37 -36.02 36.55
N THR A 407 -15.56 -35.46 36.70
CA THR A 407 -16.74 -35.93 35.98
C THR A 407 -17.28 -34.84 35.08
N VAL A 408 -17.50 -35.17 33.81
CA VAL A 408 -18.14 -34.27 32.86
C VAL A 408 -19.39 -34.97 32.32
N ILE A 409 -20.47 -34.22 32.21
CA ILE A 409 -21.77 -34.77 31.81
C ILE A 409 -22.32 -33.94 30.67
N ILE A 410 -22.27 -34.46 29.46
CA ILE A 410 -22.92 -33.81 28.32
C ILE A 410 -24.41 -34.11 28.44
N LYS A 411 -25.17 -33.16 29.00
CA LYS A 411 -26.60 -33.35 29.26
C LYS A 411 -27.36 -32.97 27.98
N GLY A 412 -27.74 -33.97 27.22
CA GLY A 412 -28.43 -33.69 25.97
C GLY A 412 -27.46 -33.47 24.82
N THR A 413 -27.90 -33.89 23.63
CA THR A 413 -27.06 -33.81 22.44
C THR A 413 -27.73 -33.15 21.23
N GLN A 414 -29.00 -32.81 21.31
CA GLN A 414 -29.70 -32.11 20.24
C GLN A 414 -29.76 -30.63 20.55
N VAL A 415 -29.46 -29.80 19.56
CA VAL A 415 -29.41 -28.35 19.73
C VAL A 415 -30.07 -27.70 18.52
N TYR A 416 -30.62 -26.50 18.73
CA TYR A 416 -31.30 -25.77 17.67
C TYR A 416 -30.29 -24.96 16.87
N SER A 417 -30.30 -25.14 15.56
CA SER A 417 -29.45 -24.36 14.65
C SER A 417 -30.35 -23.54 13.73
N PRO A 418 -30.46 -22.23 13.93
CA PRO A 418 -31.39 -21.44 13.10
C PRO A 418 -31.06 -21.41 11.63
N GLU A 419 -29.87 -21.89 11.22
CA GLU A 419 -29.56 -22.00 9.80
C GLU A 419 -30.52 -22.93 9.09
N LYS A 420 -30.72 -24.12 9.66
CA LYS A 420 -31.64 -25.10 9.09
C LYS A 420 -33.04 -25.02 9.67
N GLY A 421 -33.22 -24.31 10.79
CA GLY A 421 -34.51 -24.22 11.44
C GLY A 421 -34.94 -25.48 12.16
N SER A 422 -34.31 -26.62 11.90
CA SER A 422 -34.61 -27.88 12.57
C SER A 422 -33.58 -28.17 13.64
N TRP A 423 -33.93 -29.06 14.56
CA TRP A 423 -33.01 -29.48 15.60
C TRP A 423 -31.96 -30.40 15.02
N VAL A 424 -30.69 -30.10 15.28
CA VAL A 424 -29.56 -30.83 14.71
C VAL A 424 -28.73 -31.41 15.85
N GLU A 425 -28.08 -32.54 15.57
CA GLU A 425 -27.21 -33.15 16.57
C GLU A 425 -26.02 -32.24 16.86
N LEU A 426 -25.37 -32.49 17.99
CA LEU A 426 -24.24 -31.68 18.40
C LEU A 426 -23.03 -31.92 17.51
N SER A 427 -22.24 -30.87 17.31
CA SER A 427 -21.05 -30.99 16.47
C SER A 427 -20.06 -31.93 17.14
N PRO A 428 -19.49 -32.89 16.40
CA PRO A 428 -18.57 -33.86 17.01
C PRO A 428 -17.31 -33.23 17.61
N GLN A 429 -17.02 -31.96 17.32
CA GLN A 429 -15.87 -31.32 17.93
C GLN A 429 -16.17 -30.87 19.35
N ASP A 430 -17.40 -30.42 19.60
CA ASP A 430 -17.77 -29.95 20.93
C ASP A 430 -17.73 -31.08 21.95
N VAL A 431 -18.27 -32.26 21.60
CA VAL A 431 -18.28 -33.37 22.53
C VAL A 431 -16.86 -33.80 22.88
N LEU A 432 -15.95 -33.74 21.90
CA LEU A 432 -14.58 -34.14 22.15
C LEU A 432 -13.87 -33.12 23.04
N GLN A 433 -14.04 -31.83 22.74
CA GLN A 433 -13.43 -30.80 23.60
C GLN A 433 -14.01 -30.83 25.01
N MET A 434 -15.27 -31.28 25.15
CA MET A 434 -15.88 -31.37 26.47
C MET A 434 -15.35 -32.56 27.24
N LEU A 435 -15.33 -33.74 26.62
CA LEU A 435 -14.80 -34.93 27.28
C LEU A 435 -13.30 -34.84 27.51
N GLY A 436 -12.61 -33.94 26.82
CA GLY A 436 -11.21 -33.71 27.14
C GLY A 436 -11.01 -33.14 28.53
N ARG A 437 -12.01 -32.43 29.04
CA ARG A 437 -11.96 -31.82 30.38
C ARG A 437 -12.24 -32.82 31.50
N ALA A 438 -12.27 -34.12 31.20
CA ALA A 438 -12.68 -35.14 32.17
C ALA A 438 -11.46 -35.80 32.78
N GLY A 439 -11.16 -35.44 34.02
CA GLY A 439 -10.05 -36.04 34.74
C GLY A 439 -8.81 -35.17 34.78
N ARG A 440 -8.59 -34.51 35.90
CA ARG A 440 -7.38 -33.71 36.05
C ARG A 440 -6.19 -34.64 36.25
N PRO A 441 -5.15 -34.55 35.42
CA PRO A 441 -4.08 -35.56 35.49
C PRO A 441 -3.28 -35.54 36.78
N GLN A 442 -3.14 -34.39 37.43
CA GLN A 442 -2.30 -34.33 38.62
C GLN A 442 -3.03 -34.86 39.85
N TYR A 443 -4.33 -34.61 39.96
CA TYR A 443 -5.09 -35.04 41.14
C TYR A 443 -5.73 -36.41 40.93
N ASP A 444 -6.39 -36.62 39.79
CA ASP A 444 -7.13 -37.84 39.54
C ASP A 444 -6.26 -38.89 38.86
N THR A 445 -6.59 -40.15 39.12
CA THR A 445 -5.99 -41.28 38.41
C THR A 445 -6.85 -41.77 37.25
N TYR A 446 -8.06 -41.23 37.10
CA TYR A 446 -8.94 -41.53 35.98
C TYR A 446 -10.05 -40.50 35.96
N GLY A 447 -10.65 -40.32 34.78
CA GLY A 447 -11.77 -39.40 34.64
C GLY A 447 -13.03 -40.11 34.19
N GLU A 448 -14.18 -39.43 34.33
CA GLU A 448 -15.46 -40.01 33.95
C GLU A 448 -16.19 -39.03 33.04
N GLY A 449 -16.55 -39.51 31.84
CA GLY A 449 -17.30 -38.74 30.90
C GLY A 449 -18.60 -39.42 30.52
N ILE A 450 -19.73 -38.74 30.77
CA ILE A 450 -21.06 -39.31 30.60
C ILE A 450 -21.78 -38.50 29.53
N ILE A 451 -22.55 -39.18 28.69
CA ILE A 451 -23.31 -38.54 27.62
C ILE A 451 -24.76 -38.96 27.76
N ILE A 452 -25.64 -38.00 28.08
CA ILE A 452 -27.08 -38.25 28.13
C ILE A 452 -27.68 -37.86 26.79
N THR A 453 -28.44 -38.77 26.20
CA THR A 453 -29.05 -38.53 24.89
C THR A 453 -30.27 -39.44 24.75
N THR A 454 -30.79 -39.52 23.54
CA THR A 454 -31.86 -40.45 23.22
C THR A 454 -31.28 -41.75 22.69
N GLN A 455 -32.09 -42.81 22.73
CA GLN A 455 -31.59 -44.15 22.41
C GLN A 455 -31.03 -44.23 21.00
N GLY A 456 -31.77 -43.71 20.03
CA GLY A 456 -31.36 -43.79 18.63
C GLY A 456 -30.01 -43.15 18.35
N GLU A 457 -29.57 -42.23 19.19
CA GLU A 457 -28.29 -41.56 19.01
C GLU A 457 -27.12 -42.31 19.62
N ILE A 458 -27.36 -43.43 20.30
CA ILE A 458 -26.26 -44.18 20.92
C ILE A 458 -25.23 -44.65 19.89
N PRO A 459 -25.61 -45.32 18.79
CA PRO A 459 -24.58 -45.77 17.83
C PRO A 459 -23.81 -44.63 17.19
N TYR A 460 -24.37 -43.42 17.16
CA TYR A 460 -23.67 -42.29 16.56
C TYR A 460 -22.50 -41.85 17.42
N TYR A 461 -22.73 -41.67 18.73
CA TYR A 461 -21.71 -41.11 19.60
C TYR A 461 -20.68 -42.16 20.03
N LEU A 462 -21.12 -43.39 20.27
CA LEU A 462 -20.18 -44.48 20.57
C LEU A 462 -19.07 -44.54 19.53
N SER A 463 -19.44 -44.78 18.27
CA SER A 463 -18.47 -44.78 17.19
C SER A 463 -17.65 -43.51 17.14
N LEU A 464 -18.24 -42.38 17.56
CA LEU A 464 -17.49 -41.13 17.58
C LEU A 464 -16.38 -41.16 18.62
N LEU A 465 -16.68 -41.66 19.82
CA LEU A 465 -15.67 -41.66 20.88
C LEU A 465 -14.73 -42.86 20.80
N ASN A 466 -15.12 -43.89 20.06
CA ASN A 466 -14.30 -45.09 19.87
C ASN A 466 -13.68 -45.12 18.48
N GLN A 467 -13.22 -43.96 18.01
CA GLN A 467 -12.42 -43.80 16.79
C GLN A 467 -13.03 -44.55 15.60
N GLN A 468 -14.33 -44.33 15.38
CA GLN A 468 -15.03 -44.98 14.28
C GLN A 468 -15.82 -44.02 13.39
N LEU A 469 -15.98 -42.75 13.77
CA LEU A 469 -16.70 -41.81 12.92
C LEU A 469 -15.77 -41.21 11.88
N PRO A 470 -15.99 -41.51 10.60
CA PRO A 470 -15.10 -40.98 9.55
C PRO A 470 -15.46 -39.56 9.16
N ILE A 471 -14.45 -38.83 8.69
CA ILE A 471 -14.60 -37.43 8.30
C ILE A 471 -14.92 -37.37 6.81
N GLU A 472 -15.99 -36.67 6.48
CA GLU A 472 -16.41 -36.52 5.09
C GLU A 472 -16.47 -35.03 4.74
N SER A 473 -16.45 -34.76 3.43
CA SER A 473 -16.43 -33.39 2.94
C SER A 473 -17.84 -32.84 2.79
N GLN A 474 -17.97 -31.53 3.00
CA GLN A 474 -19.20 -30.80 2.75
C GLN A 474 -19.00 -29.70 1.72
N LEU A 475 -17.95 -29.79 0.92
CA LEU A 475 -17.65 -28.73 -0.04
C LEU A 475 -18.71 -28.61 -1.13
N VAL A 476 -19.41 -29.72 -1.42
CA VAL A 476 -20.42 -29.71 -2.47
C VAL A 476 -21.53 -28.70 -2.16
N SER A 477 -21.84 -28.50 -0.88
CA SER A 477 -22.86 -27.53 -0.51
C SER A 477 -22.40 -26.10 -0.70
N LYS A 478 -21.09 -25.85 -0.71
CA LYS A 478 -20.55 -24.49 -0.83
C LYS A 478 -19.55 -24.38 -1.97
N LEU A 479 -19.62 -25.28 -2.96
CA LEU A 479 -18.64 -25.26 -4.05
C LEU A 479 -18.75 -23.97 -4.86
N VAL A 480 -19.95 -23.70 -5.40
CA VAL A 480 -20.14 -22.57 -6.32
C VAL A 480 -19.55 -21.29 -5.73
N ASP A 481 -20.06 -20.88 -4.57
CA ASP A 481 -19.55 -19.68 -3.91
C ASP A 481 -18.04 -19.73 -3.77
N SER A 482 -17.51 -20.83 -3.23
CA SER A 482 -16.07 -20.93 -3.06
C SER A 482 -15.35 -20.82 -4.38
N LEU A 483 -15.85 -21.48 -5.42
CA LEU A 483 -15.28 -21.33 -6.75
C LEU A 483 -15.22 -19.85 -7.13
N ASN A 484 -16.34 -19.15 -6.95
CA ASN A 484 -16.38 -17.73 -7.28
C ASN A 484 -15.27 -16.97 -6.56
N ALA A 485 -15.03 -17.31 -5.29
CA ALA A 485 -13.96 -16.66 -4.55
C ALA A 485 -12.64 -16.83 -5.28
N GLU A 486 -12.29 -18.08 -5.62
CA GLU A 486 -11.04 -18.33 -6.32
C GLU A 486 -10.98 -17.58 -7.65
N ILE A 487 -12.13 -17.31 -8.25
CA ILE A 487 -12.13 -16.54 -9.49
C ILE A 487 -11.94 -15.06 -9.22
N VAL A 488 -12.54 -14.54 -8.14
CA VAL A 488 -12.36 -13.13 -7.81
C VAL A 488 -10.93 -12.87 -7.38
N LEU A 489 -10.27 -13.86 -6.78
CA LEU A 489 -8.87 -13.71 -6.41
C LEU A 489 -7.94 -13.68 -7.61
N GLY A 490 -8.39 -14.12 -8.77
CA GLY A 490 -7.51 -14.29 -9.91
C GLY A 490 -6.70 -15.56 -9.88
N ASN A 491 -7.07 -16.52 -9.04
CA ASN A 491 -6.40 -17.82 -8.99
C ASN A 491 -7.01 -18.83 -9.96
N VAL A 492 -8.20 -18.56 -10.47
CA VAL A 492 -8.87 -19.46 -11.41
C VAL A 492 -9.42 -18.65 -12.58
N ARG A 493 -8.75 -18.73 -13.72
CA ARG A 493 -9.16 -18.02 -14.92
C ARG A 493 -9.85 -18.90 -15.94
N ASN A 494 -9.62 -20.20 -15.90
CA ASN A 494 -10.18 -21.14 -16.86
C ASN A 494 -10.50 -22.44 -16.14
N ARG A 495 -11.20 -23.33 -16.85
CA ARG A 495 -11.61 -24.60 -16.26
C ARG A 495 -10.42 -25.45 -15.86
N ASP A 496 -9.29 -25.34 -16.56
CA ASP A 496 -8.12 -26.12 -16.21
C ASP A 496 -7.53 -25.65 -14.88
N GLU A 497 -7.42 -24.34 -14.68
CA GLU A 497 -6.94 -23.82 -13.41
C GLU A 497 -7.93 -24.12 -12.29
N GLY A 498 -9.23 -24.06 -12.58
CA GLY A 498 -10.22 -24.45 -11.59
C GLY A 498 -10.10 -25.90 -11.18
N VAL A 499 -9.78 -26.77 -12.15
CA VAL A 499 -9.59 -28.18 -11.86
C VAL A 499 -8.33 -28.39 -11.03
N GLU A 500 -7.25 -27.67 -11.36
CA GLU A 500 -6.05 -27.70 -10.53
C GLU A 500 -6.38 -27.32 -9.09
N TRP A 501 -7.17 -26.25 -8.91
CA TRP A 501 -7.57 -25.84 -7.57
C TRP A 501 -8.38 -26.94 -6.88
N LEU A 502 -9.46 -27.38 -7.52
CA LEU A 502 -10.30 -28.44 -6.97
C LEU A 502 -9.54 -29.74 -6.75
N GLY A 503 -8.33 -29.87 -7.29
CA GLY A 503 -7.48 -31.01 -7.01
C GLY A 503 -6.72 -30.93 -5.72
N TYR A 504 -6.83 -29.83 -4.99
CA TYR A 504 -6.19 -29.67 -3.69
C TYR A 504 -7.19 -29.66 -2.53
N THR A 505 -8.48 -29.75 -2.81
CA THR A 505 -9.47 -29.71 -1.75
C THR A 505 -9.60 -31.07 -1.08
N TYR A 506 -10.22 -31.06 0.11
CA TYR A 506 -10.48 -32.31 0.82
C TYR A 506 -11.53 -33.14 0.10
N LEU A 507 -12.46 -32.48 -0.59
CA LEU A 507 -13.46 -33.20 -1.38
C LEU A 507 -12.80 -34.08 -2.43
N PHE A 508 -11.71 -33.60 -3.05
CA PHE A 508 -11.03 -34.37 -4.07
C PHE A 508 -10.37 -35.62 -3.49
N VAL A 509 -9.66 -35.46 -2.37
CA VAL A 509 -9.01 -36.60 -1.71
C VAL A 509 -10.04 -37.60 -1.24
N ARG A 510 -11.21 -37.12 -0.80
CA ARG A 510 -12.29 -38.00 -0.38
C ARG A 510 -13.07 -38.58 -1.56
N MET A 511 -12.89 -38.01 -2.76
CA MET A 511 -13.48 -38.60 -3.97
C MET A 511 -12.60 -39.71 -4.53
N LEU A 512 -11.28 -39.51 -4.51
CA LEU A 512 -10.36 -40.52 -5.05
C LEU A 512 -10.58 -41.88 -4.40
N ARG A 513 -10.57 -41.92 -3.07
CA ARG A 513 -10.83 -43.15 -2.32
C ARG A 513 -12.20 -43.05 -1.66
N SER A 514 -12.89 -44.19 -1.61
CA SER A 514 -14.26 -44.30 -1.12
C SER A 514 -15.19 -43.35 -1.86
N PRO A 515 -15.42 -43.55 -3.15
CA PRO A 515 -16.37 -42.72 -3.90
C PRO A 515 -17.79 -43.27 -3.95
N GLY A 516 -18.09 -44.34 -3.22
CA GLY A 516 -19.41 -44.94 -3.30
C GLY A 516 -20.48 -44.08 -2.65
N LEU A 517 -20.20 -43.57 -1.44
CA LEU A 517 -21.18 -42.75 -0.75
C LEU A 517 -21.45 -41.44 -1.49
N TYR A 518 -20.44 -40.92 -2.18
CA TYR A 518 -20.65 -39.77 -3.05
C TYR A 518 -21.31 -40.23 -4.35
N SER A 519 -22.33 -39.49 -4.79
CA SER A 519 -23.05 -39.82 -6.01
C SER A 519 -22.24 -39.40 -7.23
N VAL A 520 -21.05 -39.98 -7.34
CA VAL A 520 -20.16 -39.71 -8.47
C VAL A 520 -20.78 -40.21 -9.76
N GLY A 521 -21.52 -41.31 -9.70
CA GLY A 521 -22.18 -41.87 -10.86
C GLY A 521 -21.48 -43.07 -11.47
N ALA A 522 -20.20 -43.27 -11.14
CA ALA A 522 -19.36 -44.38 -11.57
C ALA A 522 -19.09 -44.39 -13.08
N GLU A 523 -19.58 -43.40 -13.83
CA GLU A 523 -19.28 -43.33 -15.25
C GLU A 523 -17.84 -42.95 -15.53
N TYR A 524 -17.11 -42.45 -14.53
CA TYR A 524 -15.71 -42.05 -14.71
C TYR A 524 -14.77 -43.20 -14.34
N GLU A 525 -14.95 -44.32 -15.02
CA GLU A 525 -14.14 -45.50 -14.75
C GLU A 525 -12.68 -45.28 -15.16
N ASP A 526 -12.46 -44.72 -16.35
CA ASP A 526 -11.13 -44.46 -16.86
C ASP A 526 -10.61 -43.08 -16.51
N ASP A 527 -11.27 -42.37 -15.59
CA ASP A 527 -10.77 -41.08 -15.13
C ASP A 527 -9.58 -41.32 -14.22
N VAL A 528 -8.38 -41.13 -14.77
CA VAL A 528 -7.15 -41.55 -14.08
C VAL A 528 -7.03 -40.85 -12.73
N ALA A 529 -6.92 -39.53 -12.75
CA ALA A 529 -6.85 -38.74 -11.52
C ALA A 529 -8.11 -37.91 -11.31
N LEU A 530 -9.26 -38.45 -11.72
CA LEU A 530 -10.55 -37.75 -11.62
C LEU A 530 -10.51 -36.40 -12.33
N GLU A 531 -9.72 -36.29 -13.40
CA GLU A 531 -9.62 -35.03 -14.12
C GLU A 531 -10.97 -34.63 -14.74
N GLN A 532 -11.55 -35.54 -15.53
CA GLN A 532 -12.82 -35.22 -16.18
C GLN A 532 -13.94 -34.98 -15.18
N LYS A 533 -13.88 -35.63 -14.01
CA LYS A 533 -14.88 -35.38 -12.98
C LYS A 533 -14.78 -33.95 -12.46
N ARG A 534 -13.56 -33.49 -12.16
CA ARG A 534 -13.38 -32.11 -11.72
C ARG A 534 -13.77 -31.12 -12.80
N VAL A 535 -13.47 -31.44 -14.07
CA VAL A 535 -13.86 -30.58 -15.17
C VAL A 535 -15.38 -30.43 -15.23
N ASP A 536 -16.08 -31.57 -15.19
CA ASP A 536 -17.54 -31.54 -15.25
C ASP A 536 -18.12 -30.78 -14.06
N LEU A 537 -17.58 -31.00 -12.87
CA LEU A 537 -18.10 -30.33 -11.67
C LEU A 537 -17.89 -28.82 -11.76
N ILE A 538 -16.71 -28.39 -12.17
CA ILE A 538 -16.43 -26.96 -12.25
C ILE A 538 -17.23 -26.31 -13.37
N HIS A 539 -17.47 -27.03 -14.48
CA HIS A 539 -18.33 -26.45 -15.50
C HIS A 539 -19.77 -26.30 -15.00
N SER A 540 -20.27 -27.31 -14.29
CA SER A 540 -21.64 -27.22 -13.76
C SER A 540 -21.75 -26.08 -12.76
N ALA A 541 -20.72 -25.86 -11.96
CA ALA A 541 -20.76 -24.75 -11.00
C ALA A 541 -20.65 -23.40 -11.71
N ALA A 542 -19.72 -23.28 -12.66
CA ALA A 542 -19.54 -22.03 -13.39
C ALA A 542 -20.74 -21.67 -14.24
N MET A 543 -21.56 -22.64 -14.64
CA MET A 543 -22.79 -22.31 -15.36
C MET A 543 -23.75 -21.53 -14.47
N VAL A 544 -24.00 -22.03 -13.25
CA VAL A 544 -24.83 -21.32 -12.30
C VAL A 544 -24.20 -19.99 -11.92
N LEU A 545 -22.87 -19.96 -11.85
CA LEU A 545 -22.17 -18.70 -11.56
C LEU A 545 -22.36 -17.68 -12.69
N LYS A 546 -22.44 -18.15 -13.93
CA LYS A 546 -22.60 -17.27 -15.08
C LYS A 546 -24.04 -16.78 -15.21
N LYS A 547 -25.02 -17.65 -14.96
CA LYS A 547 -26.42 -17.25 -15.05
C LYS A 547 -26.72 -16.09 -14.11
N SER A 548 -26.26 -16.18 -12.86
CA SER A 548 -26.53 -15.16 -11.85
C SER A 548 -25.70 -13.89 -12.05
N ASN A 549 -24.97 -13.80 -13.17
CA ASN A 549 -24.16 -12.63 -13.53
C ASN A 549 -23.03 -12.37 -12.54
N LEU A 550 -22.65 -13.37 -11.74
CA LEU A 550 -21.49 -13.25 -10.86
C LEU A 550 -20.17 -13.39 -11.61
N ILE A 551 -20.20 -13.81 -12.87
CA ILE A 551 -18.98 -14.11 -13.61
C ILE A 551 -19.32 -14.13 -15.09
N LYS A 552 -18.34 -13.78 -15.92
CA LYS A 552 -18.41 -14.03 -17.34
C LYS A 552 -17.73 -15.36 -17.64
N TYR A 553 -18.43 -16.24 -18.37
CA TYR A 553 -17.99 -17.61 -18.57
C TYR A 553 -18.01 -17.93 -20.06
N ASP A 554 -16.83 -18.01 -20.66
CA ASP A 554 -16.70 -18.47 -22.04
C ASP A 554 -16.84 -19.98 -22.04
N GLU A 555 -18.02 -20.47 -22.42
CA GLU A 555 -18.36 -21.87 -22.25
C GLU A 555 -17.43 -22.79 -23.02
N LYS A 556 -16.95 -22.36 -24.19
CA LYS A 556 -16.13 -23.23 -25.01
C LYS A 556 -14.64 -22.99 -24.79
N THR A 557 -14.21 -21.73 -24.82
CA THR A 557 -12.79 -21.43 -24.59
C THR A 557 -12.35 -21.88 -23.20
N GLY A 558 -13.28 -21.95 -22.25
CA GLY A 558 -12.98 -22.22 -20.88
C GLY A 558 -12.63 -20.99 -20.07
N LYS A 559 -12.31 -19.88 -20.72
CA LYS A 559 -11.98 -18.65 -20.02
C LYS A 559 -13.17 -18.17 -19.19
N MET A 560 -12.85 -17.54 -18.07
CA MET A 560 -13.86 -16.93 -17.23
C MET A 560 -13.23 -15.80 -16.43
N GLN A 561 -14.01 -14.76 -16.18
CA GLN A 561 -13.53 -13.57 -15.48
C GLN A 561 -14.58 -13.09 -14.49
N ALA A 562 -14.11 -12.77 -13.28
CA ALA A 562 -15.01 -12.30 -12.24
C ALA A 562 -15.59 -10.93 -12.60
N THR A 563 -16.75 -10.64 -12.03
CA THR A 563 -17.43 -9.37 -12.21
C THR A 563 -17.47 -8.63 -10.87
N GLU A 564 -17.87 -7.37 -10.93
CA GLU A 564 -18.00 -6.57 -9.70
C GLU A 564 -19.02 -7.18 -8.75
N LEU A 565 -20.14 -7.67 -9.30
CA LEU A 565 -21.14 -8.35 -8.48
C LEU A 565 -20.56 -9.60 -7.83
N GLY A 566 -19.75 -10.36 -8.57
CA GLY A 566 -19.09 -11.51 -7.97
C GLY A 566 -18.08 -11.11 -6.92
N ARG A 567 -17.39 -10.00 -7.13
CA ARG A 567 -16.48 -9.48 -6.10
C ARG A 567 -17.24 -9.17 -4.82
N ILE A 568 -18.41 -8.54 -4.94
CA ILE A 568 -19.22 -8.26 -3.75
C ILE A 568 -19.70 -9.56 -3.12
N ALA A 569 -20.08 -10.54 -3.94
CA ALA A 569 -20.53 -11.83 -3.44
C ALA A 569 -19.43 -12.62 -2.76
N SER A 570 -18.16 -12.30 -3.05
CA SER A 570 -17.06 -13.02 -2.43
C SER A 570 -16.52 -12.30 -1.19
N HIS A 571 -16.31 -10.99 -1.30
CA HIS A 571 -15.77 -10.23 -0.17
C HIS A 571 -16.66 -10.38 1.06
N TYR A 572 -17.97 -10.26 0.87
CA TYR A 572 -18.94 -10.68 1.86
C TYR A 572 -19.42 -12.09 1.49
N TYR A 573 -19.83 -12.85 2.48
CA TYR A 573 -20.12 -14.27 2.28
C TYR A 573 -21.47 -14.51 1.57
N ILE A 574 -22.02 -13.48 0.92
CA ILE A 574 -23.34 -13.60 0.31
C ILE A 574 -23.39 -14.76 -0.67
N SER A 575 -24.47 -15.54 -0.58
CA SER A 575 -24.68 -16.66 -1.48
C SER A 575 -25.00 -16.17 -2.89
N HIS A 576 -24.82 -17.06 -3.87
CA HIS A 576 -25.05 -16.67 -5.26
C HIS A 576 -26.52 -16.38 -5.52
N GLU A 577 -27.42 -17.19 -4.95
CA GLU A 577 -28.85 -16.95 -5.10
C GLU A 577 -29.25 -15.62 -4.47
N SER A 578 -28.69 -15.31 -3.30
CA SER A 578 -29.01 -14.04 -2.64
C SER A 578 -28.53 -12.86 -3.45
N MET A 579 -27.32 -12.94 -4.01
CA MET A 579 -26.82 -11.85 -4.86
C MET A 579 -27.67 -11.70 -6.11
N ASP A 580 -28.11 -12.82 -6.69
CA ASP A 580 -29.00 -12.77 -7.83
C ASP A 580 -30.29 -12.02 -7.48
N THR A 581 -30.86 -12.32 -6.32
CA THR A 581 -32.11 -11.64 -5.93
C THR A 581 -31.87 -10.16 -5.63
N TYR A 582 -30.73 -9.83 -5.02
CA TYR A 582 -30.40 -8.43 -4.78
C TYR A 582 -30.30 -7.69 -6.11
N ASN A 583 -29.63 -8.29 -7.09
CA ASN A 583 -29.50 -7.66 -8.40
C ASN A 583 -30.87 -7.49 -9.06
N LYS A 584 -31.76 -8.46 -8.88
CA LYS A 584 -33.08 -8.38 -9.50
C LYS A 584 -33.94 -7.29 -8.86
N LEU A 585 -33.86 -7.15 -7.53
CA LEU A 585 -34.85 -6.35 -6.81
C LEU A 585 -34.46 -4.87 -6.65
N ILE A 586 -33.20 -4.58 -6.39
CA ILE A 586 -32.79 -3.22 -6.02
C ILE A 586 -32.95 -2.29 -7.21
N HIS A 587 -33.58 -1.14 -6.97
CA HIS A 587 -33.79 -0.11 -7.97
C HIS A 587 -33.57 1.26 -7.34
N PRO A 588 -33.32 2.30 -8.15
CA PRO A 588 -32.91 3.60 -7.57
C PRO A 588 -33.99 4.31 -6.77
N ALA A 589 -35.26 4.00 -6.95
CA ALA A 589 -36.33 4.66 -6.20
C ALA A 589 -36.65 3.95 -4.89
N MET A 590 -35.83 2.96 -4.51
CA MET A 590 -36.10 2.15 -3.34
C MET A 590 -36.06 2.99 -2.06
N ASN A 591 -36.90 2.62 -1.10
CA ASN A 591 -36.97 3.28 0.19
C ASN A 591 -36.54 2.31 1.29
N ASP A 592 -36.68 2.74 2.55
CA ASP A 592 -36.28 1.90 3.67
C ASP A 592 -37.14 0.65 3.78
N VAL A 593 -38.44 0.77 3.48
CA VAL A 593 -39.34 -0.38 3.53
C VAL A 593 -38.89 -1.46 2.55
N GLU A 594 -38.68 -1.08 1.29
CA GLU A 594 -38.29 -2.06 0.30
C GLU A 594 -36.87 -2.57 0.55
N LEU A 595 -36.02 -1.77 1.20
CA LEU A 595 -34.69 -2.24 1.55
C LEU A 595 -34.75 -3.32 2.62
N PHE A 596 -35.57 -3.11 3.66
CA PHE A 596 -35.78 -4.16 4.65
C PHE A 596 -36.43 -5.39 4.03
N ARG A 597 -37.31 -5.19 3.05
CA ARG A 597 -37.93 -6.32 2.36
C ARG A 597 -36.90 -7.12 1.59
N VAL A 598 -35.99 -6.44 0.87
CA VAL A 598 -34.93 -7.13 0.16
C VAL A 598 -34.02 -7.88 1.13
N PHE A 599 -33.76 -7.29 2.31
CA PHE A 599 -32.97 -7.97 3.32
C PHE A 599 -33.66 -9.27 3.75
N ALA A 600 -34.91 -9.17 4.20
CA ALA A 600 -35.61 -10.34 4.73
C ALA A 600 -35.86 -11.40 3.67
N GLN A 601 -35.79 -11.04 2.39
CA GLN A 601 -35.97 -11.99 1.30
C GLN A 601 -34.77 -12.91 1.12
N SER A 602 -33.62 -12.57 1.70
CA SER A 602 -32.37 -13.29 1.46
C SER A 602 -32.54 -14.78 1.70
N GLY A 603 -31.76 -15.58 0.96
CA GLY A 603 -31.82 -17.03 1.05
C GLY A 603 -31.13 -17.63 2.25
N GLU A 604 -30.44 -16.82 3.05
CA GLU A 604 -29.82 -17.33 4.26
C GLU A 604 -30.85 -17.72 5.32
N PHE A 605 -32.06 -17.18 5.25
CA PHE A 605 -33.08 -17.42 6.28
C PHE A 605 -34.31 -18.16 5.75
N LYS A 606 -34.21 -18.82 4.59
CA LYS A 606 -35.39 -19.45 4.03
C LYS A 606 -35.84 -20.65 4.84
N TYR A 607 -34.92 -21.30 5.55
CA TYR A 607 -35.29 -22.44 6.39
C TYR A 607 -35.96 -22.01 7.69
N ILE A 608 -35.81 -20.76 8.09
CA ILE A 608 -36.41 -20.26 9.34
C ILE A 608 -37.93 -20.25 9.21
N PRO A 609 -38.64 -21.04 9.99
CA PRO A 609 -40.11 -21.07 9.89
C PRO A 609 -40.77 -20.11 10.87
N VAL A 610 -42.02 -19.80 10.56
CA VAL A 610 -42.88 -19.01 11.46
C VAL A 610 -43.81 -19.98 12.17
N ARG A 611 -43.72 -20.02 13.49
CA ARG A 611 -44.44 -20.99 14.30
C ARG A 611 -45.63 -20.34 15.00
N GLN A 612 -46.57 -21.19 15.43
CA GLN A 612 -47.77 -20.68 16.09
C GLN A 612 -47.46 -20.08 17.45
N GLU A 613 -46.55 -20.71 18.20
CA GLU A 613 -46.15 -20.16 19.49
C GLU A 613 -45.48 -18.80 19.36
N GLU A 614 -44.95 -18.48 18.18
CA GLU A 614 -44.29 -17.20 17.96
C GLU A 614 -45.27 -16.08 17.64
N LYS A 615 -46.49 -16.40 17.22
CA LYS A 615 -47.38 -15.40 16.66
C LYS A 615 -47.82 -14.39 17.72
N LEU A 616 -48.13 -14.86 18.93
CA LEU A 616 -48.57 -13.95 19.99
C LEU A 616 -47.53 -12.87 20.25
N GLU A 617 -46.25 -13.22 20.17
CA GLU A 617 -45.18 -12.26 20.37
C GLU A 617 -44.80 -11.52 19.09
N LEU A 618 -44.91 -12.19 17.94
CA LEU A 618 -44.57 -11.55 16.67
C LEU A 618 -45.52 -10.40 16.36
N ALA A 619 -46.80 -10.56 16.69
CA ALA A 619 -47.75 -9.47 16.48
C ALA A 619 -47.35 -8.23 17.27
N LYS A 620 -47.06 -8.41 18.55
CA LYS A 620 -46.57 -7.31 19.37
C LYS A 620 -45.32 -6.68 18.78
N LEU A 621 -44.33 -7.51 18.45
CA LEU A 621 -43.06 -7.00 17.94
C LEU A 621 -43.26 -6.19 16.66
N LEU A 622 -44.13 -6.66 15.76
CA LEU A 622 -44.42 -5.90 14.55
C LEU A 622 -45.16 -4.60 14.89
N ALA A 623 -46.00 -4.61 15.92
CA ALA A 623 -46.62 -3.37 16.35
C ALA A 623 -45.59 -2.37 16.86
N ARG A 624 -44.50 -2.85 17.44
CA ARG A 624 -43.51 -1.94 18.03
C ARG A 624 -42.57 -1.33 16.99
N VAL A 625 -42.29 -2.02 15.90
CA VAL A 625 -41.22 -1.63 14.98
C VAL A 625 -41.64 -0.43 14.14
N PRO A 626 -40.71 0.44 13.73
CA PRO A 626 -41.09 1.66 13.02
C PRO A 626 -41.28 1.49 11.52
N ILE A 627 -40.56 0.57 10.90
CA ILE A 627 -40.61 0.44 9.43
C ILE A 627 -41.82 -0.42 9.06
N PRO A 628 -42.67 0.06 8.16
CA PRO A 628 -43.83 -0.75 7.74
C PRO A 628 -43.41 -2.04 7.07
N VAL A 629 -44.02 -3.14 7.50
CA VAL A 629 -43.81 -4.47 6.93
C VAL A 629 -45.08 -4.82 6.16
N LYS A 630 -44.98 -4.87 4.83
CA LYS A 630 -46.16 -5.08 4.00
C LYS A 630 -46.42 -6.55 3.68
N GLU A 631 -45.44 -7.43 3.90
CA GLU A 631 -45.65 -8.85 3.63
C GLU A 631 -46.68 -9.44 4.58
N SER A 632 -47.16 -10.62 4.23
CA SER A 632 -48.16 -11.30 5.05
C SER A 632 -47.63 -11.51 6.47
N ILE A 633 -48.48 -11.23 7.45
CA ILE A 633 -48.08 -11.29 8.85
C ILE A 633 -47.64 -12.69 9.25
N GLU A 634 -48.00 -13.71 8.48
CA GLU A 634 -47.66 -15.09 8.78
C GLU A 634 -46.64 -15.68 7.80
N GLU A 635 -45.91 -14.83 7.09
CA GLU A 635 -44.90 -15.29 6.14
C GLU A 635 -43.51 -15.12 6.75
N PRO A 636 -42.57 -16.05 6.49
CA PRO A 636 -41.24 -15.93 7.09
C PRO A 636 -40.52 -14.63 6.76
N THR A 637 -40.79 -14.03 5.60
CA THR A 637 -40.14 -12.77 5.25
C THR A 637 -40.49 -11.68 6.24
N ALA A 638 -41.77 -11.57 6.61
CA ALA A 638 -42.18 -10.58 7.61
C ALA A 638 -41.53 -10.87 8.95
N LYS A 639 -41.38 -12.15 9.29
CA LYS A 639 -40.76 -12.51 10.56
C LYS A 639 -39.30 -12.06 10.61
N ILE A 640 -38.55 -12.33 9.54
CA ILE A 640 -37.15 -11.92 9.51
C ILE A 640 -37.03 -10.39 9.51
N ASN A 641 -37.93 -9.72 8.79
CA ASN A 641 -37.95 -8.26 8.78
C ASN A 641 -38.13 -7.71 10.19
N VAL A 642 -39.20 -8.15 10.88
CA VAL A 642 -39.47 -7.61 12.20
C VAL A 642 -38.40 -8.05 13.18
N LEU A 643 -37.74 -9.19 12.95
CA LEU A 643 -36.64 -9.58 13.82
C LEU A 643 -35.48 -8.61 13.72
N LEU A 644 -35.09 -8.26 12.49
CA LEU A 644 -34.02 -7.28 12.31
C LEU A 644 -34.40 -5.94 12.94
N GLN A 645 -35.64 -5.49 12.68
CA GLN A 645 -36.08 -4.21 13.23
C GLN A 645 -36.06 -4.23 14.75
N ALA A 646 -36.63 -5.28 15.35
CA ALA A 646 -36.69 -5.37 16.81
C ALA A 646 -35.30 -5.45 17.42
N TYR A 647 -34.35 -6.09 16.73
CA TYR A 647 -32.96 -6.05 17.19
C TYR A 647 -32.43 -4.63 17.17
N ILE A 648 -32.75 -3.87 16.12
CA ILE A 648 -32.31 -2.48 16.06
C ILE A 648 -32.90 -1.69 17.21
N SER A 649 -34.17 -1.92 17.53
CA SER A 649 -34.87 -1.14 18.55
C SER A 649 -34.52 -1.56 19.98
N ARG A 650 -33.72 -2.62 20.14
CA ARG A 650 -33.31 -3.10 21.46
C ARG A 650 -34.50 -3.53 22.32
N LEU A 651 -35.36 -4.36 21.73
CA LEU A 651 -36.54 -4.85 22.43
C LEU A 651 -36.23 -6.15 23.15
N LYS A 652 -36.75 -6.29 24.37
CA LYS A 652 -36.61 -7.53 25.10
C LYS A 652 -37.54 -8.59 24.51
N LEU A 653 -37.02 -9.80 24.33
CA LEU A 653 -37.77 -10.88 23.71
C LEU A 653 -37.84 -12.07 24.66
N GLU A 654 -39.05 -12.46 25.05
CA GLU A 654 -39.26 -13.65 25.86
C GLU A 654 -39.67 -14.82 24.96
N GLY A 655 -38.70 -15.27 24.17
CA GLY A 655 -38.88 -16.43 23.32
C GLY A 655 -37.55 -17.07 23.00
N LEU A 656 -37.44 -18.38 23.23
CA LEU A 656 -36.15 -19.06 23.10
C LEU A 656 -35.78 -19.25 21.63
N ALA A 657 -36.61 -19.98 20.88
CA ALA A 657 -36.35 -20.15 19.46
C ALA A 657 -36.39 -18.82 18.73
N LEU A 658 -37.25 -17.90 19.17
CA LEU A 658 -37.29 -16.58 18.58
C LEU A 658 -35.98 -15.83 18.81
N MET A 659 -35.42 -15.94 20.03
CA MET A 659 -34.14 -15.31 20.31
C MET A 659 -33.03 -15.91 19.45
N ALA A 660 -33.04 -17.24 19.27
CA ALA A 660 -32.01 -17.87 18.44
C ALA A 660 -32.11 -17.41 16.99
N ASP A 661 -33.34 -17.39 16.45
CA ASP A 661 -33.54 -16.91 15.09
C ASP A 661 -33.09 -15.47 14.94
N MET A 662 -33.39 -14.63 15.93
CA MET A 662 -32.94 -13.23 15.86
C MET A 662 -31.42 -13.14 15.89
N VAL A 663 -30.77 -13.93 16.75
CA VAL A 663 -29.31 -13.92 16.80
C VAL A 663 -28.73 -14.25 15.43
N TYR A 664 -29.30 -15.26 14.77
CA TYR A 664 -28.81 -15.63 13.44
C TYR A 664 -29.03 -14.51 12.43
N VAL A 665 -30.24 -13.95 12.42
CA VAL A 665 -30.57 -12.87 11.47
C VAL A 665 -29.61 -11.70 11.65
N THR A 666 -29.34 -11.32 12.89
CA THR A 666 -28.50 -10.15 13.13
C THR A 666 -27.03 -10.45 12.88
N GLN A 667 -26.61 -11.70 13.06
CA GLN A 667 -25.24 -12.04 12.69
C GLN A 667 -25.04 -12.01 11.18
N SER A 668 -26.09 -12.32 10.41
CA SER A 668 -25.98 -12.22 8.96
C SER A 668 -26.14 -10.80 8.45
N ALA A 669 -26.88 -9.97 9.17
CA ALA A 669 -27.20 -8.62 8.70
C ALA A 669 -25.96 -7.80 8.41
N GLY A 670 -24.92 -7.97 9.24
CA GLY A 670 -23.71 -7.17 9.06
C GLY A 670 -23.12 -7.27 7.67
N ARG A 671 -23.12 -8.47 7.10
CA ARG A 671 -22.62 -8.64 5.74
C ARG A 671 -23.69 -8.39 4.69
N ILE A 672 -24.94 -8.79 4.96
CA ILE A 672 -25.99 -8.60 3.96
C ILE A 672 -26.14 -7.13 3.61
N LEU A 673 -26.23 -6.27 4.63
CA LEU A 673 -26.47 -4.85 4.39
C LEU A 673 -25.28 -4.20 3.68
N ARG A 674 -24.06 -4.63 4.02
CA ARG A 674 -22.88 -4.08 3.34
C ARG A 674 -22.84 -4.50 1.88
N ALA A 675 -23.26 -5.73 1.59
CA ALA A 675 -23.33 -6.17 0.20
C ALA A 675 -24.35 -5.34 -0.58
N ILE A 676 -25.52 -5.10 0.01
CA ILE A 676 -26.53 -4.26 -0.64
C ILE A 676 -25.96 -2.86 -0.88
N PHE A 677 -25.26 -2.31 0.12
CA PHE A 677 -24.71 -0.96 -0.01
C PHE A 677 -23.69 -0.89 -1.12
N GLU A 678 -22.80 -1.89 -1.22
CA GLU A 678 -21.79 -1.85 -2.27
C GLU A 678 -22.40 -2.06 -3.65
N ILE A 679 -23.46 -2.88 -3.74
CA ILE A 679 -24.18 -3.00 -5.01
C ILE A 679 -24.73 -1.64 -5.43
N CYS A 680 -25.45 -0.97 -4.53
CA CYS A 680 -25.99 0.35 -4.84
C CYS A 680 -24.88 1.32 -5.23
N LEU A 681 -23.77 1.29 -4.50
CA LEU A 681 -22.65 2.19 -4.78
C LEU A 681 -22.10 1.97 -6.18
N LYS A 682 -21.92 0.71 -6.56
CA LYS A 682 -21.32 0.42 -7.86
C LYS A 682 -22.29 0.58 -9.01
N LYS A 683 -23.60 0.59 -8.74
CA LYS A 683 -24.56 0.89 -9.79
C LYS A 683 -24.78 2.39 -9.98
N GLY A 684 -24.11 3.23 -9.19
CA GLY A 684 -24.21 4.66 -9.36
C GLY A 684 -25.47 5.30 -8.86
N TRP A 685 -26.17 4.67 -7.91
CA TRP A 685 -27.43 5.19 -7.38
C TRP A 685 -27.15 5.84 -6.03
N ALA A 686 -27.34 7.16 -5.95
CA ALA A 686 -26.86 7.92 -4.80
C ALA A 686 -27.78 7.77 -3.60
N SER A 687 -29.08 7.99 -3.78
CA SER A 687 -30.02 7.94 -2.66
C SER A 687 -30.01 6.57 -2.00
N VAL A 688 -30.15 5.51 -2.81
CA VAL A 688 -30.18 4.15 -2.25
C VAL A 688 -28.85 3.81 -1.59
N ALA A 689 -27.74 4.29 -2.16
CA ALA A 689 -26.44 4.01 -1.55
C ALA A 689 -26.32 4.63 -0.17
N LYS A 690 -26.69 5.91 -0.05
CA LYS A 690 -26.61 6.56 1.25
C LYS A 690 -27.58 5.94 2.25
N LEU A 691 -28.78 5.56 1.78
CA LEU A 691 -29.74 4.91 2.66
C LEU A 691 -29.24 3.54 3.12
N ALA A 692 -28.61 2.78 2.22
CA ALA A 692 -28.09 1.47 2.59
C ALA A 692 -26.92 1.59 3.56
N LEU A 693 -26.08 2.60 3.39
CA LEU A 693 -25.01 2.82 4.36
C LEU A 693 -25.58 3.19 5.72
N ASN A 694 -26.64 4.01 5.74
CA ASN A 694 -27.28 4.34 7.01
C ASN A 694 -27.89 3.11 7.66
N MET A 695 -28.46 2.19 6.86
CA MET A 695 -29.00 0.96 7.43
C MET A 695 -27.90 0.05 7.96
N CYS A 696 -26.77 -0.03 7.24
CA CYS A 696 -25.59 -0.68 7.75
C CYS A 696 -25.25 -0.18 9.14
N LYS A 697 -25.19 1.14 9.29
CA LYS A 697 -24.87 1.72 10.60
C LYS A 697 -25.95 1.44 11.63
N MET A 698 -27.22 1.42 11.19
CA MET A 698 -28.31 1.08 12.10
C MET A 698 -28.09 -0.30 12.72
N ALA A 699 -27.75 -1.29 11.88
CA ALA A 699 -27.57 -2.63 12.40
C ALA A 699 -26.25 -2.78 13.16
N GLU A 700 -25.21 -2.02 12.76
CA GLU A 700 -23.91 -2.15 13.40
C GLU A 700 -23.92 -1.53 14.81
N LYS A 701 -24.39 -0.30 14.92
CA LYS A 701 -24.46 0.40 16.19
C LYS A 701 -25.73 0.09 16.98
N ARG A 702 -26.67 -0.65 16.37
CA ARG A 702 -27.92 -1.05 17.03
C ARG A 702 -28.69 0.17 17.53
N MET A 703 -29.11 1.01 16.57
CA MET A 703 -29.85 2.21 16.88
C MET A 703 -30.50 2.74 15.61
N TRP A 704 -31.62 3.43 15.76
CA TRP A 704 -32.31 4.08 14.66
C TRP A 704 -31.77 5.49 14.46
N PRO A 705 -31.88 6.03 13.24
CA PRO A 705 -31.37 7.39 12.99
C PRO A 705 -32.06 8.46 13.81
N THR A 706 -33.23 8.16 14.38
CA THR A 706 -34.00 9.12 15.14
C THR A 706 -33.67 9.10 16.63
N MET A 707 -32.79 8.21 17.07
CA MET A 707 -32.36 8.17 18.46
C MET A 707 -31.12 9.05 18.64
N SER A 708 -30.65 9.16 19.86
CA SER A 708 -29.53 10.04 20.15
C SER A 708 -28.23 9.47 19.59
N PRO A 709 -27.43 10.25 18.88
CA PRO A 709 -26.13 9.74 18.40
C PRO A 709 -25.19 9.35 19.53
N LEU A 710 -25.41 9.89 20.74
CA LEU A 710 -24.59 9.51 21.88
C LEU A 710 -24.68 8.02 22.19
N ARG A 711 -25.71 7.33 21.71
CA ARG A 711 -25.79 5.89 21.85
C ARG A 711 -24.65 5.15 21.17
N GLN A 712 -23.85 5.84 20.35
CA GLN A 712 -22.69 5.20 19.74
C GLN A 712 -21.50 5.09 20.69
N TYR A 713 -21.52 5.84 21.80
CA TYR A 713 -20.42 5.84 22.75
C TYR A 713 -20.67 4.80 23.83
N PRO A 714 -19.80 3.80 24.00
CA PRO A 714 -20.05 2.78 25.01
C PRO A 714 -19.98 3.30 26.45
N THR A 715 -19.12 4.28 26.72
CA THR A 715 -18.94 4.79 28.07
C THR A 715 -19.91 5.91 28.42
N CYS A 716 -20.93 6.13 27.61
CA CYS A 716 -21.91 7.18 27.89
C CYS A 716 -23.05 6.60 28.70
N PRO A 717 -23.29 7.09 29.92
CA PRO A 717 -24.34 6.50 30.76
C PRO A 717 -25.73 6.71 30.16
N ALA A 718 -26.63 5.78 30.47
CA ALA A 718 -27.97 5.81 29.92
C ALA A 718 -28.76 7.03 30.37
N GLU A 719 -28.41 7.63 31.51
CA GLU A 719 -29.10 8.83 31.96
C GLU A 719 -28.93 9.97 30.95
N ILE A 720 -27.72 10.12 30.41
CA ILE A 720 -27.48 11.16 29.41
C ILE A 720 -28.29 10.90 28.16
N ILE A 721 -28.32 9.64 27.71
CA ILE A 721 -29.08 9.30 26.51
C ILE A 721 -30.55 9.59 26.70
N LYS A 722 -31.11 9.21 27.85
CA LYS A 722 -32.53 9.44 28.10
C LYS A 722 -32.84 10.93 28.17
N LYS A 723 -32.01 11.69 28.89
CA LYS A 723 -32.20 13.14 28.96
C LYS A 723 -32.16 13.76 27.57
N ALA A 724 -31.18 13.37 26.76
CA ALA A 724 -31.02 13.95 25.43
C ALA A 724 -32.20 13.59 24.53
N GLU A 725 -32.62 12.32 24.54
CA GLU A 725 -33.72 11.90 23.70
C GLU A 725 -35.06 12.46 24.17
N ARG A 726 -35.12 12.95 25.41
CA ARG A 726 -36.30 13.70 25.85
C ARG A 726 -36.17 15.19 25.56
N MET A 727 -35.13 15.60 24.85
CA MET A 727 -34.92 16.98 24.44
C MET A 727 -35.18 17.14 22.94
N ASP A 728 -35.18 18.39 22.50
CA ASP A 728 -35.44 18.72 21.09
C ASP A 728 -34.31 19.54 20.49
N VAL A 729 -33.15 19.58 21.14
CA VAL A 729 -31.99 20.31 20.64
C VAL A 729 -31.35 19.48 19.53
N PRO A 730 -31.15 20.04 18.33
CA PRO A 730 -30.54 19.27 17.24
C PRO A 730 -29.09 18.92 17.54
N TRP A 731 -28.62 17.88 16.85
CA TRP A 731 -27.28 17.34 17.11
C TRP A 731 -26.20 18.38 16.88
N SER A 732 -26.34 19.20 15.82
CA SER A 732 -25.33 20.20 15.50
C SER A 732 -25.15 21.23 16.60
N SER A 733 -26.14 21.41 17.46
CA SER A 733 -26.03 22.36 18.57
C SER A 733 -25.21 21.80 19.74
N TYR A 734 -24.74 20.56 19.65
CA TYR A 734 -23.86 20.01 20.68
C TYR A 734 -22.40 20.39 20.47
N PHE A 735 -22.04 20.77 19.25
CA PHE A 735 -20.64 20.98 18.90
C PHE A 735 -20.20 22.41 19.20
N ASP A 736 -18.87 22.58 19.32
CA ASP A 736 -18.24 23.88 19.54
C ASP A 736 -18.67 24.49 20.88
N LEU A 737 -18.85 23.64 21.88
CA LEU A 737 -19.20 24.06 23.23
C LEU A 737 -18.11 23.63 24.20
N ASP A 738 -18.12 24.25 25.38
CA ASP A 738 -17.27 23.89 26.49
C ASP A 738 -18.09 23.18 27.57
N PRO A 739 -17.44 22.56 28.56
CA PRO A 739 -18.18 21.82 29.59
C PRO A 739 -19.30 22.62 30.23
N PRO A 740 -19.09 23.88 30.62
CA PRO A 740 -20.22 24.62 31.22
C PRO A 740 -21.38 24.85 30.26
N ARG A 741 -21.11 25.33 29.05
CA ARG A 741 -22.19 25.51 28.08
C ARG A 741 -22.81 24.17 27.68
N MET A 742 -22.00 23.10 27.64
CA MET A 742 -22.55 21.79 27.33
C MET A 742 -23.54 21.34 28.40
N GLY A 743 -23.15 21.44 29.66
CA GLY A 743 -24.07 21.09 30.73
C GLY A 743 -25.31 21.97 30.75
N GLU A 744 -25.14 23.25 30.41
CA GLU A 744 -26.29 24.15 30.36
C GLU A 744 -27.26 23.74 29.26
N LEU A 745 -26.74 23.46 28.06
CA LEU A 745 -27.60 23.04 26.97
C LEU A 745 -28.27 21.71 27.26
N LEU A 746 -27.57 20.81 27.95
CA LEU A 746 -28.08 19.47 28.22
C LEU A 746 -28.95 19.41 29.47
N GLY A 747 -28.97 20.45 30.29
CA GLY A 747 -29.73 20.43 31.52
C GLY A 747 -29.15 19.57 32.62
N MET A 748 -27.88 19.17 32.49
CA MET A 748 -27.20 18.36 33.51
C MET A 748 -25.80 18.91 33.68
N PRO A 749 -25.56 19.74 34.69
CA PRO A 749 -24.20 20.26 34.90
C PRO A 749 -23.16 19.17 35.06
N LYS A 750 -23.49 18.11 35.80
CA LYS A 750 -22.55 17.00 35.98
C LYS A 750 -22.14 16.38 34.64
N ALA A 751 -23.00 16.44 33.64
CA ALA A 751 -22.70 15.90 32.32
C ALA A 751 -21.78 16.79 31.51
N GLY A 752 -21.68 18.07 31.87
CA GLY A 752 -20.95 19.05 31.09
C GLY A 752 -19.57 18.63 30.65
N LYS A 753 -18.70 18.28 31.60
CA LYS A 753 -17.37 17.82 31.24
C LYS A 753 -17.42 16.50 30.48
N THR A 754 -18.34 15.61 30.86
CA THR A 754 -18.41 14.29 30.24
C THR A 754 -18.76 14.40 28.76
N VAL A 755 -19.97 14.87 28.46
CA VAL A 755 -20.48 14.86 27.10
C VAL A 755 -19.58 15.68 26.18
N CYS A 756 -19.11 16.83 26.67
CA CYS A 756 -18.23 17.69 25.86
C CYS A 756 -17.01 16.92 25.37
N ALA A 757 -16.53 15.96 26.14
CA ALA A 757 -15.44 15.10 25.67
C ALA A 757 -15.91 14.22 24.51
N LEU A 758 -17.00 13.48 24.73
CA LEU A 758 -17.48 12.55 23.70
C LEU A 758 -17.71 13.27 22.38
N VAL A 759 -18.46 14.37 22.40
CA VAL A 759 -18.73 15.14 21.19
C VAL A 759 -17.43 15.65 20.58
N SER A 760 -16.45 16.01 21.42
CA SER A 760 -15.18 16.48 20.91
C SER A 760 -14.45 15.42 20.09
N LYS A 761 -14.80 14.16 20.28
CA LYS A 761 -14.14 13.06 19.58
C LYS A 761 -14.99 12.51 18.44
N PHE A 762 -16.17 13.06 18.21
CA PHE A 762 -17.04 12.60 17.13
C PHE A 762 -16.40 12.94 15.80
N PRO A 763 -16.16 11.96 14.90
CA PRO A 763 -15.47 12.24 13.63
C PRO A 763 -16.09 13.40 12.86
N ARG A 764 -15.33 14.47 12.74
CA ARG A 764 -15.81 15.74 12.18
C ARG A 764 -14.79 16.23 11.16
N VAL A 765 -15.29 16.82 10.08
CA VAL A 765 -14.43 17.16 8.95
C VAL A 765 -14.97 18.40 8.27
N GLU A 766 -14.08 19.36 7.98
CA GLU A 766 -14.42 20.54 7.19
C GLU A 766 -13.85 20.37 5.79
N ILE A 767 -14.63 20.71 4.77
CA ILE A 767 -14.23 20.50 3.39
C ILE A 767 -14.34 21.80 2.60
N GLN A 768 -13.40 22.00 1.68
CA GLN A 768 -13.43 23.07 0.69
C GLN A 768 -13.23 22.45 -0.68
N GLY A 769 -13.63 23.19 -1.71
CA GLY A 769 -13.50 22.68 -3.07
C GLY A 769 -13.12 23.73 -4.09
N ASN A 770 -12.19 23.39 -4.97
CA ASN A 770 -11.79 24.24 -6.08
C ASN A 770 -12.08 23.53 -7.39
N VAL A 771 -12.60 24.27 -8.37
CA VAL A 771 -13.04 23.72 -9.65
C VAL A 771 -12.23 24.35 -10.77
N GLN A 772 -11.69 23.52 -11.66
CA GLN A 772 -10.99 23.98 -12.85
C GLN A 772 -11.57 23.23 -14.04
N PRO A 773 -12.11 23.91 -15.03
CA PRO A 773 -12.62 23.20 -16.22
C PRO A 773 -11.46 22.78 -17.12
N MET A 774 -11.16 21.48 -17.13
CA MET A 774 -10.17 20.97 -18.06
C MET A 774 -10.63 21.14 -19.50
N THR A 775 -11.85 20.72 -19.79
CA THR A 775 -12.45 20.87 -21.09
C THR A 775 -13.90 21.31 -20.90
N ARG A 776 -14.64 21.40 -22.00
CA ARG A 776 -16.02 21.83 -21.93
C ARG A 776 -16.93 20.77 -21.32
N SER A 777 -16.45 19.54 -21.13
CA SER A 777 -17.30 18.46 -20.64
C SER A 777 -16.68 17.71 -19.46
N MET A 778 -15.55 18.15 -18.93
CA MET A 778 -14.95 17.46 -17.79
C MET A 778 -14.27 18.49 -16.89
N LEU A 779 -14.77 18.63 -15.67
CA LEU A 779 -14.16 19.48 -14.66
C LEU A 779 -13.23 18.66 -13.79
N ARG A 780 -12.22 19.34 -13.25
CA ARG A 780 -11.31 18.78 -12.26
C ARG A 780 -11.55 19.49 -10.94
N ILE A 781 -11.74 18.70 -9.88
CA ILE A 781 -12.06 19.24 -8.56
C ILE A 781 -10.94 18.86 -7.60
N GLU A 782 -10.51 19.84 -6.82
CA GLU A 782 -9.56 19.63 -5.72
C GLU A 782 -10.32 19.86 -4.42
N LEU A 783 -10.54 18.78 -3.67
CA LEU A 783 -11.23 18.81 -2.39
C LEU A 783 -10.20 18.83 -1.28
N THR A 784 -10.32 19.80 -0.38
CA THR A 784 -9.43 19.93 0.77
C THR A 784 -10.21 19.55 2.02
N ILE A 785 -9.77 18.48 2.68
CA ILE A 785 -10.44 17.90 3.84
C ILE A 785 -9.55 18.15 5.05
N THR A 786 -10.07 18.86 6.05
CA THR A 786 -9.32 19.10 7.28
C THR A 786 -10.09 18.54 8.46
N PRO A 787 -9.52 17.61 9.22
CA PRO A 787 -10.25 17.02 10.34
C PRO A 787 -10.39 17.99 11.51
N ASN A 788 -11.53 17.90 12.18
CA ASN A 788 -11.89 18.85 13.24
C ASN A 788 -12.46 18.08 14.44
N PHE A 789 -11.76 17.03 14.87
CA PHE A 789 -12.21 16.26 16.02
C PHE A 789 -11.00 15.72 16.78
N GLN A 790 -11.13 15.68 18.11
CA GLN A 790 -10.06 15.19 18.95
C GLN A 790 -9.92 13.68 18.80
N TRP A 791 -8.71 13.21 18.51
CA TRP A 791 -8.48 11.80 18.28
C TRP A 791 -8.40 11.04 19.60
N ASP A 792 -8.87 9.80 19.57
CA ASP A 792 -8.84 8.93 20.75
C ASP A 792 -8.79 7.49 20.27
N VAL A 793 -7.78 6.73 20.72
CA VAL A 793 -7.55 5.40 20.19
C VAL A 793 -8.59 4.40 20.67
N GLU A 794 -9.27 4.67 21.77
CA GLU A 794 -10.24 3.71 22.29
C GLU A 794 -11.42 3.52 21.35
N LEU A 795 -11.80 4.57 20.61
CA LEU A 795 -12.93 4.49 19.69
C LEU A 795 -12.58 4.83 18.25
N HIS A 796 -11.36 5.29 17.97
CA HIS A 796 -10.92 5.55 16.61
C HIS A 796 -9.87 4.57 16.10
N GLY A 797 -9.03 4.04 16.98
CA GLY A 797 -7.91 3.24 16.52
C GLY A 797 -6.83 4.15 15.96
N VAL A 798 -6.17 3.68 14.90
CA VAL A 798 -5.14 4.46 14.25
C VAL A 798 -5.62 5.09 12.94
N THR A 799 -6.67 4.56 12.33
CA THR A 799 -7.23 5.13 11.11
C THR A 799 -8.75 5.22 11.21
N GLU A 800 -9.31 6.17 10.47
CA GLU A 800 -10.75 6.34 10.37
C GLU A 800 -11.12 6.48 8.91
N SER A 801 -12.03 5.62 8.43
CA SER A 801 -12.41 5.63 7.03
C SER A 801 -13.63 6.51 6.78
N PHE A 802 -13.68 7.09 5.58
CA PHE A 802 -14.78 7.92 5.13
C PHE A 802 -15.07 7.57 3.68
N TRP A 803 -16.23 8.00 3.20
CA TRP A 803 -16.61 7.92 1.80
C TRP A 803 -16.75 9.34 1.26
N ILE A 804 -16.13 9.59 0.11
CA ILE A 804 -16.34 10.80 -0.66
C ILE A 804 -17.31 10.46 -1.78
N LEU A 805 -18.44 11.17 -1.81
CA LEU A 805 -19.48 11.00 -2.80
C LEU A 805 -19.72 12.32 -3.52
N VAL A 806 -19.98 12.26 -4.83
CA VAL A 806 -20.31 13.43 -5.62
C VAL A 806 -21.60 13.13 -6.38
N GLU A 807 -22.63 13.92 -6.11
CA GLU A 807 -23.97 13.69 -6.64
C GLU A 807 -24.41 14.83 -7.54
N ASP A 808 -25.36 14.51 -8.42
CA ASP A 808 -26.08 15.54 -9.17
C ASP A 808 -26.88 16.43 -8.22
N CYS A 809 -27.38 17.53 -8.78
CA CYS A 809 -28.31 18.38 -8.03
C CYS A 809 -29.59 17.64 -7.67
N ASP A 810 -29.92 16.57 -8.40
CA ASP A 810 -31.10 15.77 -8.12
C ASP A 810 -30.84 14.62 -7.14
N GLY A 811 -29.60 14.42 -6.73
CA GLY A 811 -29.29 13.27 -5.89
C GLY A 811 -29.53 11.94 -6.55
N GLU A 812 -29.51 11.90 -7.89
CA GLU A 812 -29.83 10.69 -8.62
C GLU A 812 -28.60 9.81 -8.86
N GLU A 813 -27.59 10.36 -9.54
CA GLU A 813 -26.44 9.58 -9.98
C GLU A 813 -25.20 9.94 -9.16
N ILE A 814 -24.33 8.95 -8.99
CA ILE A 814 -23.04 9.13 -8.34
C ILE A 814 -22.01 9.42 -9.42
N LEU A 815 -21.49 10.64 -9.44
CA LEU A 815 -20.49 11.03 -10.42
C LEU A 815 -19.07 10.68 -10.00
N PHE A 816 -18.85 10.43 -8.72
CA PHE A 816 -17.56 10.05 -8.19
C PHE A 816 -17.76 9.51 -6.79
N HIS A 817 -17.05 8.42 -6.46
CA HIS A 817 -17.06 7.92 -5.10
C HIS A 817 -15.73 7.24 -4.83
N ASP A 818 -15.20 7.47 -3.63
CA ASP A 818 -13.94 6.86 -3.24
C ASP A 818 -13.89 6.77 -1.72
N VAL A 819 -12.93 5.99 -1.22
CA VAL A 819 -12.69 5.93 0.22
C VAL A 819 -11.61 6.94 0.57
N PHE A 820 -11.67 7.46 1.78
CA PHE A 820 -10.73 8.46 2.27
C PHE A 820 -10.34 8.09 3.69
N ILE A 821 -9.06 7.81 3.91
CA ILE A 821 -8.58 7.31 5.19
C ILE A 821 -7.86 8.43 5.93
N LEU A 822 -8.29 8.67 7.16
CA LEU A 822 -7.59 9.57 8.08
C LEU A 822 -6.62 8.75 8.92
N ARG A 823 -5.34 9.04 8.80
CA ARG A 823 -4.32 8.47 9.66
C ARG A 823 -4.20 9.31 10.93
N LYS A 824 -4.01 8.65 12.06
CA LYS A 824 -3.89 9.36 13.34
C LYS A 824 -2.72 10.33 13.31
N ASP A 825 -1.61 9.94 12.68
CA ASP A 825 -0.45 10.82 12.61
C ASP A 825 -0.76 12.06 11.77
N LEU A 826 -1.45 11.88 10.65
CA LEU A 826 -1.77 13.00 9.78
C LEU A 826 -2.92 13.83 10.31
N ALA A 827 -3.80 13.25 11.13
CA ALA A 827 -4.94 13.97 11.68
C ALA A 827 -4.59 14.80 12.89
N GLU A 828 -3.46 14.51 13.54
CA GLU A 828 -3.04 15.23 14.74
C GLU A 828 -1.91 16.22 14.47
N ALA A 829 -1.37 16.26 13.26
CA ALA A 829 -0.24 17.13 12.97
C ALA A 829 -0.67 18.60 12.97
N GLU A 830 0.32 19.48 13.00
CA GLU A 830 0.04 20.91 12.87
C GLU A 830 -0.52 21.22 11.48
N GLU A 831 0.22 20.84 10.44
CA GLU A 831 -0.30 20.91 9.07
C GLU A 831 -1.27 19.76 8.90
N ASN A 832 -2.56 20.06 9.02
CA ASN A 832 -3.59 19.07 9.26
C ASN A 832 -4.40 18.71 8.02
N GLU A 833 -4.28 19.47 6.94
CA GLU A 833 -5.18 19.33 5.81
C GLU A 833 -4.70 18.22 4.86
N HIS A 834 -5.68 17.57 4.22
CA HIS A 834 -5.44 16.58 3.18
C HIS A 834 -6.10 17.07 1.90
N THR A 835 -5.54 16.64 0.76
CA THR A 835 -6.08 17.02 -0.54
C THR A 835 -6.46 15.77 -1.33
N VAL A 836 -7.52 15.90 -2.13
CA VAL A 836 -8.01 14.82 -2.97
C VAL A 836 -8.40 15.42 -4.32
N GLU A 837 -7.80 14.93 -5.40
CA GLU A 837 -8.03 15.46 -6.74
C GLU A 837 -8.76 14.44 -7.58
N PHE A 838 -9.86 14.86 -8.20
CA PHE A 838 -10.63 13.95 -9.05
C PHE A 838 -11.24 14.73 -10.20
N THR A 839 -11.91 14.02 -11.11
CA THR A 839 -12.54 14.62 -12.26
C THR A 839 -13.98 14.16 -12.36
N VAL A 840 -14.86 15.07 -12.75
CA VAL A 840 -16.28 14.75 -12.96
C VAL A 840 -16.73 15.30 -14.31
N PRO A 841 -17.59 14.59 -15.03
CA PRO A 841 -18.13 15.12 -16.28
C PRO A 841 -19.18 16.19 -16.01
N ILE A 842 -19.60 16.87 -17.08
CA ILE A 842 -20.59 17.93 -17.00
C ILE A 842 -21.17 18.15 -18.38
N SER A 843 -22.46 18.49 -18.43
CA SER A 843 -23.14 18.73 -19.69
C SER A 843 -23.24 20.23 -19.95
N GLU A 844 -23.32 20.59 -21.24
CA GLU A 844 -23.21 21.98 -21.64
C GLU A 844 -24.38 22.83 -21.16
N PRO A 845 -25.63 22.31 -21.14
CA PRO A 845 -26.65 22.98 -20.33
C PRO A 845 -26.37 22.71 -18.86
N MET A 846 -25.45 23.48 -18.28
CA MET A 846 -24.86 23.13 -17.00
C MET A 846 -25.94 23.01 -15.92
N PRO A 847 -25.82 22.02 -15.03
CA PRO A 847 -26.72 21.95 -13.88
C PRO A 847 -26.44 23.08 -12.92
N PRO A 848 -27.37 23.37 -12.00
CA PRO A 848 -27.12 24.47 -11.05
C PRO A 848 -25.90 24.22 -10.17
N ASN A 849 -25.67 22.97 -9.77
CA ASN A 849 -24.57 22.66 -8.86
C ASN A 849 -24.42 21.14 -8.78
N TYR A 850 -23.29 20.72 -8.22
CA TYR A 850 -23.08 19.36 -7.75
C TYR A 850 -23.05 19.35 -6.22
N PHE A 851 -23.04 18.15 -5.64
CA PHE A 851 -22.90 18.03 -4.20
C PHE A 851 -21.74 17.11 -3.88
N ILE A 852 -20.95 17.48 -2.87
CA ILE A 852 -19.85 16.66 -2.38
C ILE A 852 -20.12 16.33 -0.92
N SER A 853 -20.08 15.05 -0.59
CA SER A 853 -20.33 14.59 0.78
C SER A 853 -19.16 13.75 1.26
N VAL A 854 -18.69 14.03 2.46
CA VAL A 854 -17.75 13.18 3.18
C VAL A 854 -18.52 12.55 4.33
N ILE A 855 -18.71 11.24 4.26
CA ILE A 855 -19.61 10.50 5.13
C ILE A 855 -18.79 9.43 5.84
N SER A 856 -18.85 9.39 7.16
CA SER A 856 -18.14 8.35 7.90
C SER A 856 -18.64 6.97 7.49
N ASP A 857 -17.75 5.98 7.55
CA ASP A 857 -18.09 4.63 7.14
C ASP A 857 -18.72 3.81 8.26
N ARG A 858 -18.46 4.17 9.51
CA ARG A 858 -19.01 3.45 10.66
C ARG A 858 -19.85 4.31 11.59
N TRP A 859 -19.51 5.59 11.75
CA TRP A 859 -20.25 6.47 12.64
C TRP A 859 -21.53 6.97 11.99
N MET A 860 -22.57 7.12 12.80
CA MET A 860 -23.85 7.63 12.35
C MET A 860 -23.92 9.15 12.60
N HIS A 861 -24.53 9.86 11.65
CA HIS A 861 -24.67 11.32 11.69
C HIS A 861 -23.32 12.02 11.58
N SER A 862 -22.36 11.42 10.88
CA SER A 862 -21.06 12.03 10.62
C SER A 862 -20.96 12.26 9.11
N GLU A 863 -21.48 13.39 8.67
CA GLU A 863 -21.48 13.75 7.26
C GLU A 863 -21.26 15.24 7.13
N THR A 864 -20.31 15.63 6.30
CA THR A 864 -20.13 17.03 5.89
C THR A 864 -20.49 17.13 4.41
N ARG A 865 -21.47 17.99 4.12
CA ARG A 865 -22.04 18.11 2.79
C ARG A 865 -21.82 19.53 2.29
N MET A 866 -21.33 19.66 1.07
CA MET A 866 -20.91 20.93 0.51
C MET A 866 -21.42 21.07 -0.92
N PRO A 867 -22.12 22.15 -1.24
CA PRO A 867 -22.49 22.39 -2.63
C PRO A 867 -21.31 22.90 -3.44
N VAL A 868 -21.29 22.54 -4.72
CA VAL A 868 -20.32 23.05 -5.68
C VAL A 868 -21.14 23.74 -6.76
N SER A 869 -21.23 25.07 -6.67
CA SER A 869 -22.13 25.82 -7.55
C SER A 869 -21.48 26.08 -8.90
N PHE A 870 -22.32 26.24 -9.92
CA PHE A 870 -21.86 26.44 -11.30
C PHE A 870 -22.40 27.73 -11.91
N GLN A 871 -23.06 28.59 -11.13
CA GLN A 871 -23.53 29.85 -11.68
C GLN A 871 -22.37 30.75 -12.09
N LYS A 872 -21.22 30.60 -11.43
CA LYS A 872 -20.04 31.40 -11.73
C LYS A 872 -19.07 30.72 -12.67
N LEU A 873 -19.30 29.45 -13.01
CA LEU A 873 -18.37 28.69 -13.83
C LEU A 873 -18.55 29.06 -15.30
N ILE A 874 -17.44 29.30 -15.98
CA ILE A 874 -17.43 29.55 -17.43
C ILE A 874 -16.57 28.47 -18.08
N LEU A 875 -17.17 27.76 -19.03
CA LEU A 875 -16.54 26.60 -19.66
C LEU A 875 -15.57 27.03 -20.76
N PRO A 876 -14.53 26.24 -21.01
CA PRO A 876 -13.52 26.61 -22.02
C PRO A 876 -14.13 26.69 -23.42
N GLU A 877 -13.35 27.26 -24.33
CA GLU A 877 -13.79 27.40 -25.70
C GLU A 877 -13.98 26.04 -26.36
N ARG A 878 -14.98 25.96 -27.24
CA ARG A 878 -15.21 24.74 -28.01
C ARG A 878 -13.93 24.33 -28.73
N PHE A 879 -13.80 23.02 -28.96
CA PHE A 879 -12.58 22.76 -29.70
C PHE A 879 -12.84 22.75 -31.19
N PRO A 880 -11.91 23.25 -31.99
CA PRO A 880 -12.08 23.19 -33.45
C PRO A 880 -11.67 21.83 -33.96
N PRO A 881 -12.12 21.45 -35.16
CA PRO A 881 -11.74 20.15 -35.71
C PRO A 881 -10.23 20.04 -35.88
N HIS A 882 -9.73 18.81 -35.77
CA HIS A 882 -8.34 18.55 -36.13
C HIS A 882 -8.16 18.73 -37.64
N THR A 883 -6.94 19.08 -38.04
CA THR A 883 -6.68 19.29 -39.45
C THR A 883 -6.81 17.98 -40.21
N GLU A 884 -7.52 18.02 -41.34
CA GLU A 884 -7.74 16.82 -42.13
C GLU A 884 -6.41 16.20 -42.52
N LEU A 885 -6.31 14.89 -42.33
CA LEU A 885 -5.13 14.13 -42.79
C LEU A 885 -5.35 13.80 -44.26
N LEU A 886 -5.00 14.75 -45.12
CA LEU A 886 -5.26 14.60 -46.54
C LEU A 886 -4.58 13.34 -47.09
N ASP A 887 -5.19 12.77 -48.12
CA ASP A 887 -4.62 11.62 -48.83
C ASP A 887 -3.84 12.15 -50.02
N LEU A 888 -2.57 12.48 -49.79
CA LEU A 888 -1.71 13.03 -50.82
C LEU A 888 -0.87 11.92 -51.45
N GLN A 889 -0.25 12.24 -52.57
CA GLN A 889 0.77 11.39 -53.13
C GLN A 889 1.97 11.38 -52.20
N PRO A 890 2.38 10.24 -51.66
CA PRO A 890 3.56 10.21 -50.77
C PRO A 890 4.77 10.73 -51.51
N LEU A 891 5.31 11.85 -51.05
CA LEU A 891 6.43 12.46 -51.74
C LEU A 891 7.67 11.61 -51.56
N PRO A 892 8.34 11.23 -52.64
CA PRO A 892 9.58 10.46 -52.50
C PRO A 892 10.69 11.31 -51.90
N VAL A 893 11.71 10.64 -51.39
CA VAL A 893 12.86 11.36 -50.84
C VAL A 893 13.53 12.20 -51.92
N SER A 894 13.35 11.82 -53.19
CA SER A 894 13.87 12.62 -54.29
C SER A 894 13.21 13.99 -54.39
N ALA A 895 12.11 14.23 -53.68
CA ALA A 895 11.55 15.57 -53.62
C ALA A 895 12.52 16.56 -53.00
N LEU A 896 13.38 16.09 -52.10
CA LEU A 896 14.53 16.87 -51.70
C LEU A 896 15.43 17.08 -52.92
N LYS A 897 15.86 18.32 -53.13
CA LYS A 897 16.65 18.67 -54.29
C LYS A 897 18.14 18.48 -54.07
N ALA A 898 18.52 17.58 -53.16
CA ALA A 898 19.91 17.29 -52.88
C ALA A 898 20.09 15.79 -52.71
N LYS A 899 21.21 15.28 -53.23
CA LYS A 899 21.50 13.85 -53.11
C LYS A 899 21.98 13.48 -51.71
N ASP A 900 22.75 14.36 -51.07
CA ASP A 900 23.20 14.09 -49.70
C ASP A 900 22.04 14.15 -48.71
N TYR A 901 21.08 15.04 -48.95
CA TYR A 901 19.90 15.08 -48.09
C TYR A 901 19.05 13.83 -48.27
N ALA A 902 18.95 13.33 -49.49
CA ALA A 902 18.21 12.08 -49.72
C ALA A 902 18.96 10.88 -49.18
N ALA A 903 20.29 10.96 -49.07
CA ALA A 903 21.05 9.88 -48.47
C ALA A 903 20.86 9.80 -46.97
N LEU A 904 20.38 10.88 -46.34
CA LEU A 904 20.11 10.85 -44.90
C LEU A 904 19.04 9.84 -44.52
N TYR A 905 18.25 9.39 -45.49
CA TYR A 905 17.14 8.47 -45.26
C TYR A 905 17.37 7.23 -46.14
N PRO A 906 18.28 6.35 -45.74
CA PRO A 906 18.64 5.22 -46.61
C PRO A 906 17.51 4.22 -46.75
N ASN A 907 17.38 3.67 -47.95
CA ASN A 907 16.38 2.68 -48.32
C ASN A 907 14.95 3.20 -48.16
N TRP A 908 14.77 4.49 -47.93
CA TRP A 908 13.45 5.11 -47.90
C TRP A 908 13.12 5.64 -49.29
N GLN A 909 11.96 5.23 -49.82
CA GLN A 909 11.49 5.74 -51.10
C GLN A 909 10.27 6.65 -50.96
N GLN A 910 9.73 6.80 -49.76
CA GLN A 910 8.58 7.66 -49.54
C GLN A 910 8.70 8.31 -48.17
N PHE A 911 7.71 9.12 -47.82
CA PHE A 911 7.53 9.64 -46.48
C PHE A 911 6.11 9.30 -46.03
N ASN A 912 5.89 9.29 -44.70
CA ASN A 912 4.59 8.89 -44.22
C ASN A 912 3.55 9.96 -44.54
N LYS A 913 2.30 9.70 -44.17
CA LYS A 913 1.19 10.54 -44.62
C LYS A 913 1.24 11.93 -44.01
N ILE A 914 1.86 12.09 -42.84
CA ILE A 914 1.92 13.40 -42.21
C ILE A 914 3.19 14.17 -42.55
N GLN A 915 4.26 13.47 -42.94
CA GLN A 915 5.48 14.18 -43.31
C GLN A 915 5.33 14.85 -44.67
N THR A 916 4.50 14.29 -45.55
CA THR A 916 4.26 14.91 -46.84
C THR A 916 3.32 16.11 -46.76
N GLN A 917 2.49 16.18 -45.71
CA GLN A 917 1.56 17.29 -45.56
C GLN A 917 2.21 18.50 -44.90
N THR A 918 3.29 18.31 -44.15
CA THR A 918 4.03 19.40 -43.54
C THR A 918 5.30 19.76 -44.30
N PHE A 919 5.60 19.04 -45.38
CA PHE A 919 6.86 19.22 -46.09
C PHE A 919 6.96 20.59 -46.75
N ASN A 920 5.90 21.00 -47.46
CA ASN A 920 5.93 22.28 -48.16
C ASN A 920 6.12 23.44 -47.18
N SER A 921 5.49 23.34 -46.01
CA SER A 921 5.55 24.45 -45.06
C SER A 921 6.90 24.53 -44.34
N LEU A 922 7.59 23.40 -44.18
CA LEU A 922 8.81 23.34 -43.40
C LEU A 922 10.08 23.39 -44.23
N TYR A 923 10.07 22.82 -45.44
CA TYR A 923 11.24 22.74 -46.28
C TYR A 923 11.28 23.82 -47.36
N ASN A 924 10.12 24.38 -47.73
CA ASN A 924 10.03 25.39 -48.77
C ASN A 924 9.65 26.76 -48.22
N THR A 925 9.63 26.92 -46.90
CA THR A 925 9.15 28.15 -46.29
C THR A 925 9.86 28.36 -44.96
N ASP A 926 10.09 29.63 -44.61
CA ASP A 926 10.70 30.00 -43.34
C ASP A 926 9.67 30.46 -42.31
N ASN A 927 8.38 30.21 -42.56
CA ASN A 927 7.37 30.61 -41.60
C ASN A 927 7.47 29.78 -40.32
N ASN A 928 6.98 30.34 -39.22
CA ASN A 928 6.87 29.59 -37.97
C ASN A 928 5.87 28.45 -38.17
N VAL A 929 6.16 27.29 -37.57
CA VAL A 929 5.34 26.11 -37.79
C VAL A 929 5.08 25.41 -36.46
N LEU A 930 3.91 24.78 -36.36
CA LEU A 930 3.56 23.92 -35.24
C LEU A 930 3.00 22.61 -35.79
N VAL A 931 3.64 21.49 -35.43
CA VAL A 931 3.19 20.17 -35.84
C VAL A 931 2.80 19.39 -34.58
N ALA A 932 1.55 18.95 -34.55
CA ALA A 932 1.01 18.17 -33.43
C ALA A 932 0.49 16.85 -33.99
N ALA A 933 1.12 15.76 -33.57
CA ALA A 933 0.78 14.43 -34.06
C ALA A 933 1.12 13.42 -32.99
N PRO A 934 0.52 12.23 -33.01
CA PRO A 934 0.78 11.25 -31.96
C PRO A 934 2.26 10.89 -31.84
N THR A 935 2.61 10.37 -30.67
CA THR A 935 3.98 9.97 -30.41
C THR A 935 4.35 8.76 -31.27
N GLY A 936 5.50 8.86 -31.94
CA GLY A 936 5.94 7.82 -32.85
C GLY A 936 5.57 8.03 -34.30
N SER A 937 5.15 9.24 -34.67
CA SER A 937 4.78 9.52 -36.05
C SER A 937 5.93 10.04 -36.89
N GLY A 938 6.95 10.64 -36.27
CA GLY A 938 8.15 11.03 -36.98
C GLY A 938 8.40 12.53 -37.05
N LYS A 939 7.94 13.27 -36.04
CA LYS A 939 8.12 14.71 -36.02
C LYS A 939 9.58 15.13 -36.05
N THR A 940 10.48 14.24 -35.62
CA THR A 940 11.92 14.51 -35.73
C THR A 940 12.29 14.80 -37.17
N VAL A 941 11.66 14.12 -38.13
CA VAL A 941 11.95 14.40 -39.53
C VAL A 941 11.38 15.76 -39.96
N CYS A 942 10.35 16.27 -39.27
CA CYS A 942 9.90 17.63 -39.53
C CYS A 942 10.96 18.64 -39.07
N ALA A 943 11.47 18.44 -37.85
CA ALA A 943 12.59 19.27 -37.40
C ALA A 943 13.78 19.15 -38.36
N GLU A 944 13.98 17.96 -38.93
CA GLU A 944 15.06 17.76 -39.88
C GLU A 944 14.81 18.49 -41.20
N PHE A 945 13.55 18.52 -41.66
CA PHE A 945 13.19 19.35 -42.80
C PHE A 945 13.60 20.79 -42.57
N ALA A 946 13.20 21.33 -41.42
CA ALA A 946 13.56 22.71 -41.09
C ALA A 946 15.08 22.90 -41.07
N LEU A 947 15.80 21.95 -40.46
CA LEU A 947 17.26 22.06 -40.38
C LEU A 947 17.91 21.99 -41.76
N LEU A 948 17.38 21.16 -42.64
CA LEU A 948 17.95 21.03 -43.97
C LEU A 948 17.74 22.30 -44.79
N ARG A 949 16.54 22.89 -44.69
CA ARG A 949 16.34 24.19 -45.33
C ARG A 949 17.31 25.23 -44.75
N HIS A 950 17.46 25.25 -43.43
CA HIS A 950 18.36 26.21 -42.80
C HIS A 950 19.79 26.06 -43.31
N TRP A 951 20.28 24.82 -43.38
CA TRP A 951 21.66 24.57 -43.80
C TRP A 951 21.86 24.71 -45.29
N ALA A 952 20.79 24.66 -46.09
CA ALA A 952 20.93 24.97 -47.52
C ALA A 952 21.37 26.41 -47.72
N LYS A 953 20.93 27.30 -46.84
CA LYS A 953 21.33 28.72 -46.92
C LYS A 953 22.83 28.86 -46.72
N LYS A 954 23.46 29.67 -47.57
CA LYS A 954 24.91 29.82 -47.54
C LYS A 954 25.38 30.44 -46.23
N ASP A 955 24.63 31.41 -45.71
CA ASP A 955 24.95 32.01 -44.43
C ASP A 955 25.04 30.96 -43.34
N ALA A 956 23.99 30.15 -43.19
CA ALA A 956 23.95 29.03 -42.25
C ALA A 956 24.21 29.50 -40.82
N GLY A 957 23.28 30.30 -40.32
CA GLY A 957 23.32 30.76 -38.95
C GLY A 957 23.16 29.62 -37.94
N ARG A 958 23.19 30.00 -36.67
CA ARG A 958 23.09 29.02 -35.60
C ARG A 958 21.64 28.60 -35.37
N ALA A 959 21.47 27.33 -35.03
CA ALA A 959 20.16 26.77 -34.70
C ALA A 959 20.20 26.23 -33.28
N VAL A 960 19.05 26.27 -32.61
CA VAL A 960 18.92 25.84 -31.22
C VAL A 960 17.73 24.91 -31.09
N TYR A 961 18.00 23.66 -30.75
CA TYR A 961 16.97 22.66 -30.50
C TYR A 961 16.84 22.42 -29.01
N ILE A 962 15.63 22.50 -28.48
CA ILE A 962 15.38 22.40 -27.05
C ILE A 962 14.42 21.25 -26.79
N ALA A 963 14.74 20.43 -25.80
CA ALA A 963 13.89 19.33 -25.37
C ALA A 963 13.62 19.43 -23.88
N PRO A 964 12.46 18.95 -23.42
CA PRO A 964 12.07 19.18 -22.02
C PRO A 964 13.02 18.60 -20.99
N PHE A 965 13.63 17.44 -21.26
CA PHE A 965 14.45 16.76 -20.27
C PHE A 965 15.78 16.34 -20.88
N GLN A 966 16.83 16.39 -20.06
CA GLN A 966 18.19 16.06 -20.51
C GLN A 966 18.25 14.70 -21.19
N GLU A 967 17.44 13.74 -20.72
CA GLU A 967 17.34 12.44 -21.38
C GLU A 967 17.00 12.60 -22.86
N LEU A 968 16.04 13.49 -23.17
CA LEU A 968 15.62 13.68 -24.54
C LEU A 968 16.70 14.37 -25.37
N VAL A 969 17.36 15.39 -24.80
CA VAL A 969 18.41 16.06 -25.57
C VAL A 969 19.57 15.12 -25.82
N ASP A 970 19.83 14.18 -24.90
CA ASP A 970 20.89 13.21 -25.13
C ASP A 970 20.51 12.21 -26.21
N LEU A 971 19.26 11.73 -26.18
CA LEU A 971 18.80 10.81 -27.22
C LEU A 971 18.84 11.48 -28.58
N ARG A 972 18.55 12.78 -28.63
CA ARG A 972 18.58 13.51 -29.90
C ARG A 972 20.01 13.80 -30.35
N PHE A 973 20.90 14.13 -29.40
CA PHE A 973 22.28 14.45 -29.73
C PHE A 973 23.01 13.23 -30.27
N GLN A 974 22.86 12.08 -29.60
CA GLN A 974 23.54 10.87 -30.05
C GLN A 974 23.17 10.53 -31.48
N ASP A 975 21.97 10.92 -31.92
CA ASP A 975 21.53 10.61 -33.28
C ASP A 975 22.00 11.66 -34.27
N TRP A 976 21.81 12.95 -33.95
CA TRP A 976 22.11 14.00 -34.91
C TRP A 976 23.61 14.23 -35.06
N GLN A 977 24.39 13.99 -34.00
CA GLN A 977 25.83 14.17 -34.09
C GLN A 977 26.46 13.16 -35.03
N LYS A 978 25.90 11.96 -35.13
CA LYS A 978 26.42 10.95 -36.03
C LYS A 978 25.78 11.00 -37.41
N ARG A 979 24.55 11.52 -37.52
CA ARG A 979 23.86 11.51 -38.81
C ARG A 979 24.02 12.81 -39.58
N LEU A 980 24.30 13.94 -38.91
CA LEU A 980 24.27 15.24 -39.56
C LEU A 980 25.57 16.03 -39.44
N SER A 981 26.58 15.52 -38.75
CA SER A 981 27.82 16.29 -38.60
C SER A 981 28.65 16.34 -39.87
N HIS A 982 28.16 15.86 -41.00
CA HIS A 982 28.92 15.79 -42.24
C HIS A 982 28.28 16.57 -43.37
N LEU A 983 27.20 17.30 -43.11
CA LEU A 983 26.42 17.96 -44.15
C LEU A 983 26.95 19.36 -44.42
N ARG A 984 27.01 19.72 -45.70
CA ARG A 984 27.37 21.07 -46.15
C ARG A 984 28.72 21.51 -45.59
N GLY A 985 29.74 20.68 -45.83
CA GLY A 985 31.07 20.98 -45.34
C GLY A 985 31.26 20.78 -43.86
N GLY A 986 30.40 19.99 -43.22
CA GLY A 986 30.54 19.71 -41.80
C GLY A 986 29.92 20.76 -40.90
N LYS A 987 29.13 20.31 -39.92
CA LYS A 987 28.53 21.17 -38.93
C LYS A 987 28.97 20.75 -37.53
N GLU A 988 29.10 21.72 -36.64
CA GLU A 988 29.45 21.46 -35.25
C GLU A 988 28.16 21.35 -34.44
N ILE A 989 27.81 20.13 -34.05
CA ILE A 989 26.62 19.86 -33.25
C ILE A 989 27.06 19.65 -31.81
N VAL A 990 26.60 20.52 -30.91
CA VAL A 990 26.96 20.42 -29.49
C VAL A 990 25.69 20.41 -28.66
N LYS A 991 25.84 19.98 -27.41
CA LYS A 991 24.77 20.04 -26.42
C LYS A 991 25.29 20.79 -25.19
N LEU A 992 24.44 21.61 -24.59
CA LEU A 992 24.85 22.46 -23.49
C LEU A 992 25.19 21.61 -22.26
N THR A 993 25.71 22.29 -21.24
CA THR A 993 26.01 21.66 -19.96
C THR A 993 25.35 22.46 -18.83
N GLY A 994 25.70 22.15 -17.59
CA GLY A 994 25.15 22.86 -16.46
C GLY A 994 25.58 24.30 -16.38
N GLU A 995 26.86 24.54 -16.12
CA GLU A 995 27.33 25.89 -15.86
C GLU A 995 27.39 26.71 -17.16
N THR A 996 27.64 28.01 -17.00
CA THR A 996 27.44 28.99 -18.05
C THR A 996 28.70 29.33 -18.84
N THR A 997 29.86 29.41 -18.17
CA THR A 997 31.05 29.90 -18.85
C THR A 997 31.58 28.96 -19.91
N THR A 998 31.16 27.69 -19.89
CA THR A 998 31.62 26.70 -20.87
C THR A 998 30.64 26.52 -22.03
N ASP A 999 29.36 26.34 -21.73
CA ASP A 999 28.39 26.27 -22.83
C ASP A 999 28.20 27.62 -23.50
N LEU A 1000 28.61 28.71 -22.84
CA LEU A 1000 28.63 30.01 -23.53
C LEU A 1000 29.66 30.03 -24.65
N LYS A 1001 30.76 29.28 -24.50
CA LYS A 1001 31.72 29.14 -25.60
C LYS A 1001 31.31 28.02 -26.54
N LEU A 1002 30.60 27.00 -26.03
CA LEU A 1002 30.03 25.99 -26.91
C LEU A 1002 29.02 26.59 -27.88
N LEU A 1003 28.32 27.65 -27.46
CA LEU A 1003 27.39 28.34 -28.34
C LEU A 1003 28.11 28.98 -29.51
N GLU A 1004 29.21 29.69 -29.23
CA GLU A 1004 29.96 30.35 -30.29
C GLU A 1004 30.70 29.33 -31.16
N GLN A 1005 31.09 28.19 -30.59
CA GLN A 1005 31.84 27.19 -31.32
C GLN A 1005 30.96 26.28 -32.17
N GLY A 1006 29.64 26.26 -31.92
CA GLY A 1006 28.78 25.33 -32.62
C GLY A 1006 27.73 25.97 -33.51
N ASP A 1007 27.27 25.21 -34.52
CA ASP A 1007 26.22 25.66 -35.41
C ASP A 1007 24.84 25.14 -35.00
N LEU A 1008 24.77 23.99 -34.35
CA LEU A 1008 23.52 23.43 -33.85
C LEU A 1008 23.70 23.10 -32.38
N ILE A 1009 22.93 23.78 -31.52
CA ILE A 1009 23.04 23.68 -30.08
C ILE A 1009 21.78 23.01 -29.55
N LEU A 1010 21.94 21.87 -28.89
CA LEU A 1010 20.85 21.21 -28.19
C LEU A 1010 20.88 21.61 -26.72
N ALA A 1011 19.69 21.78 -26.14
CA ALA A 1011 19.62 22.24 -24.76
C ALA A 1011 18.28 21.83 -24.15
N THR A 1012 18.22 21.94 -22.83
CA THR A 1012 17.01 21.90 -22.03
C THR A 1012 16.52 23.32 -21.79
N PRO A 1013 15.26 23.50 -21.41
CA PRO A 1013 14.76 24.86 -21.16
C PRO A 1013 15.61 25.68 -20.19
N LEU A 1014 16.07 25.08 -19.09
CA LEU A 1014 16.84 25.84 -18.11
C LEU A 1014 18.23 26.20 -18.63
N GLN A 1015 18.87 25.27 -19.35
CA GLN A 1015 20.21 25.53 -19.86
C GLN A 1015 20.20 26.71 -20.82
N TRP A 1016 19.26 26.73 -21.77
CA TRP A 1016 19.14 27.87 -22.66
C TRP A 1016 18.56 29.10 -21.97
N ASP A 1017 17.84 28.91 -20.86
CA ASP A 1017 17.37 30.05 -20.07
C ASP A 1017 18.55 30.83 -19.52
N VAL A 1018 19.50 30.13 -18.91
CA VAL A 1018 20.65 30.79 -18.30
C VAL A 1018 21.45 31.56 -19.33
N LEU A 1019 21.34 31.21 -20.61
CA LEU A 1019 22.05 31.94 -21.66
C LEU A 1019 21.22 33.07 -22.25
N SER A 1020 19.93 32.83 -22.50
CA SER A 1020 19.07 33.87 -23.07
C SER A 1020 18.76 34.98 -22.06
N ARG A 1021 19.00 34.74 -20.77
CA ARG A 1021 18.90 35.83 -19.80
C ARG A 1021 19.81 37.00 -20.17
N GLN A 1022 20.97 36.69 -20.75
CA GLN A 1022 21.98 37.70 -21.08
C GLN A 1022 21.79 38.29 -22.47
N TRP A 1023 20.60 38.18 -23.06
CA TRP A 1023 20.38 38.81 -24.35
C TRP A 1023 20.46 40.33 -24.22
N LYS A 1024 20.73 40.99 -25.35
CA LYS A 1024 21.07 42.42 -25.48
C LYS A 1024 22.50 42.63 -24.96
N ARG A 1025 23.05 41.59 -24.34
CA ARG A 1025 24.46 41.34 -24.18
C ARG A 1025 24.74 40.04 -24.91
N ARG A 1026 26.01 39.63 -24.99
CA ARG A 1026 26.37 38.34 -25.58
C ARG A 1026 25.72 38.18 -26.96
N LYS A 1027 26.21 39.02 -27.88
CA LYS A 1027 25.59 39.22 -29.19
C LYS A 1027 25.20 37.90 -29.88
N ASN A 1028 25.85 36.80 -29.52
CA ASN A 1028 25.60 35.51 -30.17
C ASN A 1028 24.22 34.92 -29.90
N VAL A 1029 23.42 35.54 -29.03
CA VAL A 1029 22.09 35.02 -28.76
C VAL A 1029 21.06 35.54 -29.76
N GLN A 1030 21.19 36.78 -30.21
CA GLN A 1030 20.26 37.30 -31.21
C GLN A 1030 20.45 36.60 -32.55
N THR A 1031 21.69 36.23 -32.89
CA THR A 1031 21.99 35.65 -34.19
C THR A 1031 21.31 34.31 -34.43
N VAL A 1032 20.68 33.73 -33.41
CA VAL A 1032 20.01 32.44 -33.58
C VAL A 1032 18.88 32.61 -34.59
N GLU A 1033 18.96 31.85 -35.68
CA GLU A 1033 17.99 31.97 -36.77
C GLU A 1033 16.92 30.89 -36.75
N LEU A 1034 17.22 29.71 -36.20
CA LEU A 1034 16.26 28.62 -36.12
C LEU A 1034 16.13 28.17 -34.67
N PHE A 1035 14.91 28.02 -34.20
CA PHE A 1035 14.62 27.61 -32.84
C PHE A 1035 13.56 26.51 -32.88
N ILE A 1036 13.97 25.30 -32.55
CA ILE A 1036 13.10 24.13 -32.54
C ILE A 1036 12.73 23.82 -31.11
N ALA A 1037 11.43 23.80 -30.82
CA ALA A 1037 10.90 23.46 -29.51
C ALA A 1037 10.21 22.10 -29.62
N ASP A 1038 10.90 21.06 -29.18
CA ASP A 1038 10.37 19.70 -29.27
C ASP A 1038 9.60 19.36 -28.01
N ASP A 1039 8.56 18.53 -28.18
CA ASP A 1039 7.70 18.10 -27.07
C ASP A 1039 7.13 19.32 -26.36
N LEU A 1040 6.59 20.26 -27.14
CA LEU A 1040 6.22 21.56 -26.59
C LEU A 1040 5.12 21.46 -25.55
N HIS A 1041 4.26 20.45 -25.66
CA HIS A 1041 3.19 20.27 -24.67
C HIS A 1041 3.74 20.18 -23.26
N MET A 1042 4.96 19.68 -23.10
CA MET A 1042 5.59 19.59 -21.79
C MET A 1042 5.81 20.95 -21.13
N LEU A 1043 5.39 22.05 -21.75
CA LEU A 1043 5.31 23.31 -21.02
C LEU A 1043 4.35 23.20 -19.84
N GLY A 1044 3.44 22.23 -19.88
CA GLY A 1044 2.57 21.96 -18.75
C GLY A 1044 3.04 20.76 -17.94
N GLY A 1045 4.34 20.49 -17.99
CA GLY A 1045 4.95 19.35 -17.34
C GLY A 1045 5.56 19.69 -16.00
N GLN A 1046 6.58 18.92 -15.62
CA GLN A 1046 7.15 19.02 -14.28
C GLN A 1046 7.72 20.41 -14.02
N MET A 1047 8.66 20.85 -14.85
CA MET A 1047 9.21 22.19 -14.78
C MET A 1047 8.96 22.95 -16.08
N GLY A 1048 7.73 22.83 -16.60
CA GLY A 1048 7.42 23.38 -17.91
C GLY A 1048 7.29 24.89 -17.95
N TYR A 1049 7.14 25.53 -16.79
CA TYR A 1049 7.00 26.98 -16.80
C TYR A 1049 8.26 27.67 -17.30
N ILE A 1050 9.43 27.09 -17.01
CA ILE A 1050 10.66 27.67 -17.56
C ILE A 1050 10.73 27.46 -19.07
N TYR A 1051 10.16 26.35 -19.57
CA TYR A 1051 10.07 26.16 -21.02
C TYR A 1051 9.22 27.24 -21.66
N GLU A 1052 8.02 27.46 -21.11
CA GLU A 1052 7.17 28.54 -21.59
C GLU A 1052 7.89 29.87 -21.55
N ILE A 1053 8.63 30.13 -20.46
CA ILE A 1053 9.34 31.39 -20.31
C ILE A 1053 10.39 31.55 -21.42
N VAL A 1054 11.16 30.50 -21.71
CA VAL A 1054 12.25 30.66 -22.66
C VAL A 1054 11.72 30.82 -24.08
N VAL A 1055 10.64 30.12 -24.45
CA VAL A 1055 10.14 30.29 -25.80
C VAL A 1055 9.48 31.66 -25.97
N SER A 1056 8.72 32.10 -24.95
CA SER A 1056 8.17 33.46 -25.01
C SER A 1056 9.29 34.50 -25.03
N ARG A 1057 10.42 34.22 -24.36
CA ARG A 1057 11.53 35.16 -24.37
C ARG A 1057 12.20 35.20 -25.74
N MET A 1058 12.31 34.04 -26.41
CA MET A 1058 12.83 34.05 -27.77
C MET A 1058 11.94 34.87 -28.70
N HIS A 1059 10.62 34.75 -28.53
CA HIS A 1059 9.72 35.58 -29.32
C HIS A 1059 9.91 37.07 -29.00
N PHE A 1060 10.02 37.40 -27.71
CA PHE A 1060 10.27 38.79 -27.32
C PHE A 1060 11.58 39.31 -27.91
N ILE A 1061 12.60 38.45 -27.97
CA ILE A 1061 13.88 38.85 -28.53
C ILE A 1061 13.73 39.15 -30.01
N ARG A 1062 13.21 38.20 -30.77
CA ARG A 1062 13.02 38.45 -32.21
C ARG A 1062 12.01 39.57 -32.47
N THR A 1063 11.29 40.01 -31.45
CA THR A 1063 10.52 41.25 -31.57
C THR A 1063 11.41 42.47 -31.36
N GLN A 1064 12.26 42.45 -30.33
CA GLN A 1064 13.12 43.60 -30.05
C GLN A 1064 14.12 43.84 -31.17
N THR A 1065 14.97 42.85 -31.44
CA THR A 1065 15.77 42.88 -32.67
C THR A 1065 14.88 42.50 -33.84
N GLU A 1066 15.11 43.13 -34.99
CA GLU A 1066 14.25 42.92 -36.14
C GLU A 1066 14.71 41.78 -37.05
N LEU A 1067 15.81 41.11 -36.69
CA LEU A 1067 16.32 40.05 -37.55
C LEU A 1067 15.37 38.85 -37.54
N PRO A 1068 15.30 38.13 -38.65
CA PRO A 1068 14.36 37.00 -38.74
C PRO A 1068 14.83 35.83 -37.89
N MET A 1069 13.88 35.19 -37.22
CA MET A 1069 14.16 34.03 -36.38
C MET A 1069 12.98 33.08 -36.48
N ARG A 1070 13.22 31.90 -37.03
CA ARG A 1070 12.16 30.93 -37.22
C ARG A 1070 11.94 30.13 -35.94
N ILE A 1071 10.68 29.78 -35.68
CA ILE A 1071 10.30 28.91 -34.57
C ILE A 1071 9.49 27.76 -35.12
N VAL A 1072 9.89 26.54 -34.81
CA VAL A 1072 9.14 25.34 -35.17
C VAL A 1072 8.93 24.51 -33.92
N GLY A 1073 7.67 24.25 -33.60
CA GLY A 1073 7.29 23.50 -32.41
C GLY A 1073 6.70 22.15 -32.77
N LEU A 1074 7.03 21.14 -31.99
CA LEU A 1074 6.52 19.79 -32.16
C LEU A 1074 5.86 19.35 -30.85
N SER A 1075 4.67 18.76 -30.96
CA SER A 1075 4.00 18.25 -29.77
C SER A 1075 3.10 17.09 -30.16
N VAL A 1076 2.56 16.43 -29.14
CA VAL A 1076 1.55 15.39 -29.34
C VAL A 1076 0.25 16.09 -29.74
N SER A 1077 -0.72 15.32 -30.23
CA SER A 1077 -2.00 15.88 -30.66
C SER A 1077 -2.62 16.72 -29.56
N LEU A 1078 -2.88 17.98 -29.87
CA LEU A 1078 -3.40 18.95 -28.93
C LEU A 1078 -4.89 19.17 -29.12
N ALA A 1079 -5.55 19.60 -28.05
CA ALA A 1079 -6.94 20.04 -28.12
C ALA A 1079 -7.06 21.55 -28.26
N ASN A 1080 -6.00 22.29 -27.99
CA ASN A 1080 -5.99 23.75 -28.00
C ASN A 1080 -4.77 24.26 -28.76
N ALA A 1081 -4.55 23.72 -29.96
CA ALA A 1081 -3.36 24.08 -30.72
C ALA A 1081 -3.42 25.48 -31.30
N ARG A 1082 -4.59 26.11 -31.33
CA ARG A 1082 -4.69 27.48 -31.83
C ARG A 1082 -3.82 28.42 -31.00
N ASP A 1083 -3.91 28.32 -29.67
CA ASP A 1083 -3.17 29.22 -28.81
C ASP A 1083 -1.68 28.95 -28.84
N ILE A 1084 -1.28 27.67 -28.88
CA ILE A 1084 0.15 27.35 -28.98
C ILE A 1084 0.70 27.83 -30.32
N GLY A 1085 -0.08 27.68 -31.39
CA GLY A 1085 0.34 28.13 -32.70
C GLY A 1085 0.51 29.64 -32.79
N GLU A 1086 -0.56 30.38 -32.48
CA GLU A 1086 -0.46 31.84 -32.48
C GLU A 1086 0.56 32.34 -31.48
N TRP A 1087 0.86 31.56 -30.45
CA TRP A 1087 1.84 31.94 -29.45
C TRP A 1087 3.24 32.07 -30.06
N ILE A 1088 3.63 31.11 -30.88
CA ILE A 1088 4.92 31.16 -31.56
C ILE A 1088 4.78 31.96 -32.85
N ASP A 1089 3.64 32.62 -33.01
CA ASP A 1089 3.34 33.46 -34.17
C ASP A 1089 3.39 32.65 -35.47
N ALA A 1090 2.70 31.51 -35.46
CA ALA A 1090 2.54 30.69 -36.65
C ALA A 1090 1.22 31.03 -37.33
N LYS A 1091 1.22 30.99 -38.65
CA LYS A 1091 0.03 31.31 -39.42
C LYS A 1091 -0.91 30.10 -39.45
N LYS A 1092 -2.20 30.40 -39.67
CA LYS A 1092 -3.25 29.38 -39.54
C LYS A 1092 -2.97 28.15 -40.38
N HIS A 1093 -2.53 28.35 -41.63
CA HIS A 1093 -2.23 27.23 -42.50
C HIS A 1093 -0.92 26.52 -42.14
N ASP A 1094 -0.15 27.06 -41.19
CA ASP A 1094 1.09 26.45 -40.75
C ASP A 1094 0.92 25.69 -39.44
N ILE A 1095 -0.29 25.60 -38.91
CA ILE A 1095 -0.56 24.95 -37.64
C ILE A 1095 -1.19 23.59 -37.95
N TYR A 1096 -0.36 22.55 -37.92
CA TYR A 1096 -0.81 21.18 -38.17
C TYR A 1096 -1.07 20.50 -36.83
N ASN A 1097 -2.35 20.28 -36.52
CA ASN A 1097 -2.78 19.65 -35.27
C ASN A 1097 -3.61 18.43 -35.64
N PHE A 1098 -2.93 17.31 -35.84
CA PHE A 1098 -3.58 16.12 -36.38
C PHE A 1098 -4.34 15.38 -35.28
N SER A 1099 -5.26 14.52 -35.73
CA SER A 1099 -6.06 13.72 -34.81
C SER A 1099 -5.15 12.76 -34.05
N PRO A 1100 -5.53 12.39 -32.81
CA PRO A 1100 -4.73 11.42 -32.06
C PRO A 1100 -4.88 10.00 -32.58
N HIS A 1101 -5.56 9.83 -33.72
CA HIS A 1101 -5.76 8.53 -34.34
C HIS A 1101 -4.99 8.36 -35.64
N VAL A 1102 -4.10 9.30 -35.97
CA VAL A 1102 -3.37 9.26 -37.24
C VAL A 1102 -1.99 8.62 -37.09
N ARG A 1103 -1.74 7.93 -36.00
CA ARG A 1103 -0.45 7.27 -35.83
C ARG A 1103 -0.27 6.21 -36.91
N PRO A 1104 0.89 6.15 -37.57
CA PRO A 1104 1.06 5.22 -38.70
C PRO A 1104 0.84 3.76 -38.33
N VAL A 1105 1.13 3.37 -37.10
CA VAL A 1105 0.83 2.03 -36.61
C VAL A 1105 -0.28 2.16 -35.57
N PRO A 1106 -1.52 1.75 -35.89
CA PRO A 1106 -2.63 1.91 -34.95
C PRO A 1106 -2.35 1.20 -33.63
N LEU A 1107 -3.14 1.56 -32.61
CA LEU A 1107 -2.90 1.11 -31.24
C LEU A 1107 -4.19 0.53 -30.66
N GLU A 1108 -4.29 -0.79 -30.63
CA GLU A 1108 -5.37 -1.47 -29.92
C GLU A 1108 -5.14 -1.32 -28.42
N LEU A 1109 -6.00 -0.54 -27.76
CA LEU A 1109 -5.81 -0.19 -26.36
C LEU A 1109 -6.91 -0.83 -25.52
N HIS A 1110 -6.50 -1.65 -24.55
CA HIS A 1110 -7.40 -2.21 -23.56
C HIS A 1110 -7.24 -1.47 -22.24
N ILE A 1111 -8.33 -1.40 -21.48
CA ILE A 1111 -8.32 -0.76 -20.17
C ILE A 1111 -8.86 -1.75 -19.14
N GLN A 1112 -8.16 -1.86 -18.01
CA GLN A 1112 -8.59 -2.72 -16.92
C GLN A 1112 -8.70 -1.90 -15.66
N SER A 1113 -9.82 -2.06 -14.96
CA SER A 1113 -10.10 -1.33 -13.73
C SER A 1113 -9.92 -2.26 -12.53
N TYR A 1114 -9.41 -1.70 -11.44
CA TYR A 1114 -9.09 -2.47 -10.24
C TYR A 1114 -9.64 -1.73 -9.02
N THR A 1115 -10.52 -2.39 -8.26
CA THR A 1115 -11.02 -1.84 -7.00
C THR A 1115 -10.25 -2.49 -5.86
N ILE A 1116 -9.05 -1.96 -5.61
CA ILE A 1116 -8.19 -2.46 -4.54
C ILE A 1116 -7.59 -1.27 -3.79
N PRO A 1117 -7.85 -1.15 -2.49
CA PRO A 1117 -7.44 0.05 -1.74
C PRO A 1117 -6.05 0.02 -1.14
N HIS A 1118 -5.32 -1.09 -1.26
CA HIS A 1118 -3.96 -1.18 -0.74
C HIS A 1118 -3.00 -1.24 -1.92
N PHE A 1119 -2.03 -0.32 -1.95
CA PHE A 1119 -1.19 -0.15 -3.14
C PHE A 1119 -0.31 -1.37 -3.41
N PRO A 1120 0.48 -1.90 -2.45
CA PRO A 1120 1.25 -3.10 -2.76
C PRO A 1120 0.37 -4.28 -3.14
N SER A 1121 -0.82 -4.38 -2.53
CA SER A 1121 -1.76 -5.41 -2.92
C SER A 1121 -2.26 -5.18 -4.33
N LEU A 1122 -2.49 -3.92 -4.72
CA LEU A 1122 -2.90 -3.63 -6.08
C LEU A 1122 -1.83 -4.05 -7.09
N MET A 1123 -0.57 -3.76 -6.78
CA MET A 1123 0.52 -4.13 -7.68
C MET A 1123 0.63 -5.65 -7.81
N LEU A 1124 0.60 -6.35 -6.68
CA LEU A 1124 0.62 -7.81 -6.70
C LEU A 1124 -0.57 -8.36 -7.48
N ALA A 1125 -1.73 -7.71 -7.37
CA ALA A 1125 -2.92 -8.19 -8.06
C ALA A 1125 -2.77 -8.02 -9.57
N MET A 1126 -2.22 -6.89 -10.01
CA MET A 1126 -2.03 -6.67 -11.44
C MET A 1126 -0.92 -7.54 -12.00
N ALA A 1127 -0.01 -8.04 -11.16
CA ALA A 1127 1.12 -8.84 -11.62
C ALA A 1127 0.71 -9.91 -12.64
N LYS A 1128 -0.22 -10.80 -12.28
CA LYS A 1128 -0.57 -11.91 -13.16
C LYS A 1128 -1.34 -11.47 -14.40
N PRO A 1129 -2.31 -10.56 -14.30
CA PRO A 1129 -2.96 -10.07 -15.53
C PRO A 1129 -2.00 -9.53 -16.57
N THR A 1130 -0.88 -8.90 -16.18
CA THR A 1130 0.06 -8.46 -17.20
C THR A 1130 0.81 -9.64 -17.82
N TYR A 1131 1.09 -10.68 -17.04
CA TYR A 1131 1.63 -11.90 -17.63
C TYR A 1131 0.67 -12.44 -18.68
N LEU A 1132 -0.63 -12.47 -18.36
CA LEU A 1132 -1.62 -12.94 -19.33
C LEU A 1132 -1.67 -12.03 -20.55
N ALA A 1133 -1.60 -10.72 -20.34
CA ALA A 1133 -1.61 -9.78 -21.46
C ALA A 1133 -0.42 -9.99 -22.37
N ILE A 1134 0.77 -10.19 -21.79
CA ILE A 1134 1.97 -10.42 -22.60
C ILE A 1134 1.86 -11.74 -23.35
N THR A 1135 1.37 -12.79 -22.68
CA THR A 1135 1.36 -14.11 -23.32
C THR A 1135 0.23 -14.28 -24.32
N GLN A 1136 -0.83 -13.48 -24.24
CA GLN A 1136 -1.98 -13.62 -25.14
C GLN A 1136 -2.05 -12.54 -26.21
N LEU A 1137 -1.70 -11.29 -25.89
CA LEU A 1137 -1.74 -10.21 -26.87
C LEU A 1137 -0.44 -10.11 -27.67
N SER A 1138 0.70 -10.38 -27.03
CA SER A 1138 2.00 -10.31 -27.69
C SER A 1138 2.79 -11.58 -27.38
N PRO A 1139 2.33 -12.74 -27.85
CA PRO A 1139 3.01 -14.00 -27.47
C PRO A 1139 4.39 -14.15 -28.06
N ASP A 1140 4.62 -13.63 -29.27
CA ASP A 1140 5.89 -13.79 -29.97
C ASP A 1140 6.51 -12.44 -30.33
N GLN A 1141 6.25 -11.41 -29.54
CA GLN A 1141 6.74 -10.08 -29.81
C GLN A 1141 7.14 -9.41 -28.50
N PRO A 1142 8.09 -8.47 -28.55
CA PRO A 1142 8.55 -7.83 -27.31
C PRO A 1142 7.43 -7.05 -26.63
N ALA A 1143 7.55 -6.93 -25.31
CA ALA A 1143 6.59 -6.18 -24.51
C ALA A 1143 7.34 -5.37 -23.45
N ILE A 1144 6.79 -4.20 -23.15
CA ILE A 1144 7.36 -3.30 -22.14
C ILE A 1144 6.29 -2.98 -21.12
N VAL A 1145 6.60 -3.22 -19.85
CA VAL A 1145 5.68 -3.01 -18.74
C VAL A 1145 6.21 -1.87 -17.89
N PHE A 1146 5.45 -0.78 -17.80
CA PHE A 1146 5.82 0.35 -16.97
C PHE A 1146 5.25 0.20 -15.56
N VAL A 1147 6.00 0.69 -14.59
CA VAL A 1147 5.73 0.42 -13.18
C VAL A 1147 5.97 1.71 -12.38
N PRO A 1148 5.18 1.98 -11.33
CA PRO A 1148 5.22 3.31 -10.70
C PRO A 1148 6.55 3.73 -10.09
N SER A 1149 7.49 2.81 -9.85
CA SER A 1149 8.73 3.22 -9.22
C SER A 1149 9.82 2.22 -9.54
N ARG A 1150 11.07 2.65 -9.31
CA ARG A 1150 12.20 1.74 -9.49
C ARG A 1150 12.22 0.65 -8.43
N LYS A 1151 11.75 0.97 -7.22
CA LYS A 1151 11.62 -0.05 -6.18
C LYS A 1151 10.65 -1.14 -6.62
N GLN A 1152 9.49 -0.74 -7.16
CA GLN A 1152 8.51 -1.69 -7.63
C GLN A 1152 8.93 -2.40 -8.90
N THR A 1153 10.01 -1.96 -9.55
CA THR A 1153 10.44 -2.61 -10.79
C THR A 1153 10.98 -4.01 -10.51
N ARG A 1154 11.87 -4.15 -9.53
CA ARG A 1154 12.36 -5.47 -9.16
C ARG A 1154 11.24 -6.34 -8.60
N ALA A 1155 10.33 -5.74 -7.83
CA ALA A 1155 9.20 -6.48 -7.28
C ALA A 1155 8.33 -7.05 -8.39
N THR A 1156 8.05 -6.24 -9.41
CA THR A 1156 7.25 -6.71 -10.54
C THR A 1156 8.01 -7.74 -11.36
N ALA A 1157 9.33 -7.59 -11.50
CA ALA A 1157 10.11 -8.62 -12.16
C ALA A 1157 9.97 -9.96 -11.45
N ARG A 1158 10.05 -9.94 -10.11
CA ARG A 1158 9.91 -11.17 -9.33
C ARG A 1158 8.49 -11.74 -9.44
N ASP A 1159 7.48 -10.87 -9.38
CA ASP A 1159 6.09 -11.34 -9.48
C ASP A 1159 5.84 -11.98 -10.84
N LEU A 1160 6.37 -11.39 -11.91
CA LEU A 1160 6.17 -11.94 -13.24
C LEU A 1160 6.95 -13.23 -13.42
N LEU A 1161 8.14 -13.33 -12.82
CA LEU A 1161 8.87 -14.59 -12.85
C LEU A 1161 8.14 -15.69 -12.10
N THR A 1162 7.53 -15.36 -10.97
CA THR A 1162 6.72 -16.35 -10.25
C THR A 1162 5.48 -16.74 -11.04
N ALA A 1163 4.89 -15.79 -11.76
CA ALA A 1163 3.76 -16.13 -12.64
C ALA A 1163 4.20 -17.07 -13.75
N CYS A 1164 5.42 -16.86 -14.28
CA CYS A 1164 5.97 -17.81 -15.23
C CYS A 1164 6.18 -19.18 -14.58
N LEU A 1165 6.59 -19.18 -13.31
CA LEU A 1165 6.74 -20.44 -12.57
C LEU A 1165 5.40 -21.13 -12.35
N ALA A 1166 4.30 -20.36 -12.30
CA ALA A 1166 2.99 -20.95 -12.07
C ALA A 1166 2.66 -22.00 -13.13
N ASP A 1167 2.77 -21.62 -14.41
CA ASP A 1167 2.79 -22.61 -15.47
C ASP A 1167 4.15 -23.32 -15.46
N ASP A 1168 4.19 -24.50 -16.06
CA ASP A 1168 5.45 -25.24 -16.07
C ASP A 1168 6.35 -24.72 -17.18
N ASP A 1169 6.53 -23.40 -17.23
CA ASP A 1169 7.42 -22.74 -18.19
C ASP A 1169 8.10 -21.60 -17.43
N GLU A 1170 9.23 -21.91 -16.79
CA GLU A 1170 9.93 -20.90 -15.99
C GLU A 1170 10.66 -19.90 -16.88
N ASP A 1171 11.20 -20.37 -18.00
CA ASP A 1171 11.91 -19.54 -18.97
C ASP A 1171 11.03 -19.17 -20.15
N ARG A 1172 9.75 -18.91 -19.88
CA ARG A 1172 8.80 -18.60 -20.95
C ARG A 1172 9.25 -17.41 -21.78
N PHE A 1173 9.80 -16.39 -21.13
CA PHE A 1173 10.21 -15.17 -21.83
C PHE A 1173 11.69 -15.18 -22.19
N LEU A 1174 12.34 -16.34 -22.14
CA LEU A 1174 13.73 -16.50 -22.54
C LEU A 1174 13.77 -17.41 -23.77
N HIS A 1175 14.35 -16.92 -24.85
CA HIS A 1175 14.43 -17.64 -26.11
C HIS A 1175 15.83 -18.17 -26.41
N VAL A 1176 16.85 -17.30 -26.32
CA VAL A 1176 18.22 -17.75 -26.46
C VAL A 1176 18.62 -18.59 -25.25
N GLU A 1177 19.40 -19.64 -25.49
CA GLU A 1177 19.90 -20.44 -24.39
C GLU A 1177 20.75 -19.60 -23.44
N VAL A 1178 20.59 -19.86 -22.15
CA VAL A 1178 21.20 -19.03 -21.11
C VAL A 1178 22.72 -18.97 -21.23
N ASP A 1179 23.33 -19.94 -21.92
CA ASP A 1179 24.79 -19.99 -22.00
C ASP A 1179 25.34 -18.83 -22.82
N GLN A 1180 24.65 -18.44 -23.90
CA GLN A 1180 25.09 -17.28 -24.67
C GLN A 1180 25.00 -16.01 -23.83
N ILE A 1181 23.95 -15.89 -23.03
CA ILE A 1181 23.74 -14.70 -22.20
C ILE A 1181 24.67 -14.69 -20.99
N ARG A 1182 25.26 -15.85 -20.65
CA ARG A 1182 25.95 -16.01 -19.38
C ARG A 1182 27.01 -14.94 -19.13
N LYS A 1183 27.75 -14.55 -20.17
CA LYS A 1183 28.78 -13.53 -20.01
C LYS A 1183 28.18 -12.21 -19.53
N LEU A 1184 27.22 -11.68 -20.30
CA LEU A 1184 26.57 -10.43 -19.91
C LEU A 1184 25.90 -10.56 -18.55
N LEU A 1185 25.35 -11.74 -18.25
CA LEU A 1185 24.77 -11.97 -16.93
C LEU A 1185 25.80 -11.78 -15.83
N ASP A 1186 26.98 -12.37 -16.01
CA ASP A 1186 28.07 -12.15 -15.04
C ASP A 1186 28.42 -10.69 -14.92
N HIS A 1187 28.37 -9.95 -16.03
CA HIS A 1187 28.75 -8.55 -16.00
C HIS A 1187 27.67 -7.64 -15.43
N VAL A 1188 26.46 -8.15 -15.18
CA VAL A 1188 25.41 -7.33 -14.58
C VAL A 1188 25.79 -6.98 -13.16
N GLN A 1189 25.61 -5.70 -12.80
CA GLN A 1189 26.06 -5.21 -11.49
C GLN A 1189 25.05 -5.51 -10.40
N GLU A 1190 23.76 -5.45 -10.71
CA GLU A 1190 22.71 -5.75 -9.73
C GLU A 1190 22.35 -7.23 -9.79
N GLU A 1191 22.41 -7.89 -8.64
CA GLU A 1191 22.18 -9.34 -8.59
C GLU A 1191 20.73 -9.68 -8.94
N ALA A 1192 19.78 -8.85 -8.52
CA ALA A 1192 18.38 -9.12 -8.83
C ALA A 1192 18.13 -9.00 -10.33
N LEU A 1193 18.74 -8.00 -10.97
CA LEU A 1193 18.61 -7.87 -12.42
C LEU A 1193 19.25 -9.04 -13.14
N ALA A 1194 20.38 -9.53 -12.64
CA ALA A 1194 21.02 -10.69 -13.26
C ALA A 1194 20.16 -11.94 -13.11
N GLU A 1195 19.56 -12.14 -11.93
CA GLU A 1195 18.66 -13.26 -11.73
C GLU A 1195 17.46 -13.18 -12.66
N ALA A 1196 16.89 -11.97 -12.82
CA ALA A 1196 15.75 -11.82 -13.72
C ALA A 1196 16.15 -12.09 -15.16
N LEU A 1197 17.25 -11.51 -15.63
CA LEU A 1197 17.71 -11.72 -16.99
C LEU A 1197 18.08 -13.18 -17.24
N SER A 1198 18.47 -13.91 -16.19
CA SER A 1198 18.75 -15.34 -16.33
C SER A 1198 17.55 -16.11 -16.84
N HIS A 1199 16.34 -15.59 -16.62
CA HIS A 1199 15.12 -16.23 -17.07
C HIS A 1199 14.37 -15.38 -18.09
N GLY A 1200 15.03 -14.40 -18.68
CA GLY A 1200 14.49 -13.68 -19.81
C GLY A 1200 13.49 -12.59 -19.50
N VAL A 1201 13.69 -11.82 -18.43
CA VAL A 1201 12.80 -10.70 -18.16
C VAL A 1201 13.60 -9.40 -18.11
N GLY A 1202 14.48 -9.26 -17.13
CA GLY A 1202 15.25 -8.03 -16.99
C GLY A 1202 14.41 -6.80 -16.74
N TYR A 1203 15.05 -5.67 -16.45
CA TYR A 1203 14.31 -4.45 -16.15
C TYR A 1203 15.25 -3.26 -16.28
N TYR A 1204 14.71 -2.06 -16.03
CA TYR A 1204 15.38 -0.81 -16.36
C TYR A 1204 14.82 0.29 -15.46
N HIS A 1205 15.70 1.01 -14.75
CA HIS A 1205 15.27 2.10 -13.90
C HIS A 1205 16.44 3.03 -13.62
N GLU A 1206 16.14 4.19 -13.05
CA GLU A 1206 17.10 5.28 -12.95
C GLU A 1206 18.29 4.96 -12.06
N ALA A 1207 18.16 3.99 -11.14
CA ALA A 1207 19.28 3.63 -10.28
C ALA A 1207 20.26 2.68 -10.94
N LEU A 1208 19.93 2.15 -12.10
CA LEU A 1208 20.82 1.23 -12.80
C LEU A 1208 22.08 1.94 -13.27
N SER A 1209 23.19 1.19 -13.31
CA SER A 1209 24.41 1.71 -13.89
C SER A 1209 24.30 1.78 -15.40
N GLN A 1210 25.17 2.57 -16.02
CA GLN A 1210 25.17 2.68 -17.48
C GLN A 1210 25.47 1.34 -18.13
N SER A 1211 26.40 0.57 -17.54
CA SER A 1211 26.71 -0.75 -18.08
C SER A 1211 25.49 -1.67 -18.01
N ASP A 1212 24.76 -1.63 -16.89
CA ASP A 1212 23.56 -2.44 -16.75
C ASP A 1212 22.53 -2.06 -17.80
N LYS A 1213 22.32 -0.75 -18.01
CA LYS A 1213 21.36 -0.30 -19.01
C LYS A 1213 21.77 -0.75 -20.41
N ARG A 1214 23.06 -0.63 -20.74
CA ARG A 1214 23.50 -1.04 -22.07
C ARG A 1214 23.35 -2.56 -22.26
N ILE A 1215 23.59 -3.34 -21.21
CA ILE A 1215 23.40 -4.79 -21.32
C ILE A 1215 21.93 -5.13 -21.51
N VAL A 1216 21.05 -4.48 -20.73
CA VAL A 1216 19.61 -4.73 -20.88
C VAL A 1216 19.15 -4.35 -22.27
N LYS A 1217 19.68 -3.25 -22.82
CA LYS A 1217 19.29 -2.82 -24.17
C LYS A 1217 19.78 -3.80 -25.22
N HIS A 1218 21.04 -4.24 -25.12
CA HIS A 1218 21.57 -5.22 -26.06
C HIS A 1218 20.77 -6.52 -26.00
N LEU A 1219 20.33 -6.91 -24.80
CA LEU A 1219 19.58 -8.16 -24.67
C LEU A 1219 18.15 -8.04 -25.18
N TYR A 1220 17.52 -6.88 -24.97
CA TYR A 1220 16.14 -6.69 -25.40
C TYR A 1220 16.05 -6.49 -26.91
N ASN A 1221 17.00 -5.76 -27.50
CA ASN A 1221 16.95 -5.52 -28.94
C ASN A 1221 17.30 -6.78 -29.73
N ASN A 1222 18.17 -7.64 -29.21
CA ASN A 1222 18.55 -8.85 -29.91
C ASN A 1222 17.45 -9.91 -29.89
N GLY A 1223 16.38 -9.70 -29.14
CA GLY A 1223 15.32 -10.68 -29.02
C GLY A 1223 15.60 -11.81 -28.06
N ALA A 1224 16.72 -11.77 -27.33
CA ALA A 1224 17.03 -12.81 -26.36
C ALA A 1224 16.01 -12.82 -25.23
N ILE A 1225 15.70 -11.65 -24.68
CA ILE A 1225 14.64 -11.50 -23.70
C ILE A 1225 13.46 -10.83 -24.38
N GLN A 1226 12.26 -11.19 -23.92
CA GLN A 1226 11.02 -10.72 -24.54
C GLN A 1226 10.37 -9.57 -23.80
N VAL A 1227 10.41 -9.59 -22.48
CA VAL A 1227 9.73 -8.59 -21.65
C VAL A 1227 10.77 -7.61 -21.12
N LEU A 1228 10.33 -6.38 -20.85
CA LEU A 1228 11.19 -5.37 -20.23
C LEU A 1228 10.35 -4.53 -19.28
N ILE A 1229 10.71 -4.51 -18.00
CA ILE A 1229 9.96 -3.79 -16.99
C ILE A 1229 10.71 -2.51 -16.65
N ALA A 1230 10.08 -1.37 -16.93
CA ALA A 1230 10.70 -0.07 -16.70
C ALA A 1230 9.88 0.72 -15.70
N SER A 1231 10.57 1.39 -14.77
CA SER A 1231 9.91 2.36 -13.92
C SER A 1231 9.42 3.53 -14.76
N ARG A 1232 8.43 4.25 -14.24
CA ARG A 1232 7.91 5.40 -14.97
C ARG A 1232 8.87 6.58 -14.98
N ASP A 1233 9.91 6.56 -14.15
CA ASP A 1233 10.88 7.65 -14.09
C ASP A 1233 11.87 7.64 -15.23
N VAL A 1234 11.80 6.66 -16.13
CA VAL A 1234 12.79 6.54 -17.20
C VAL A 1234 12.09 6.46 -18.55
N CYS A 1235 10.81 6.82 -18.60
CA CYS A 1235 10.05 6.67 -19.84
C CYS A 1235 10.49 7.65 -20.92
N TRP A 1236 11.13 8.76 -20.55
CA TRP A 1236 11.66 9.69 -21.54
C TRP A 1236 13.04 9.26 -22.04
N GLU A 1237 13.82 8.62 -21.17
CA GLU A 1237 15.15 8.14 -21.55
C GLU A 1237 15.10 6.80 -22.26
N LEU A 1238 14.00 6.05 -22.11
CA LEU A 1238 13.92 4.70 -22.62
C LEU A 1238 13.98 4.70 -24.14
N ASP A 1239 15.11 4.27 -24.69
CA ASP A 1239 15.30 4.17 -26.14
C ASP A 1239 14.94 2.77 -26.64
N PHE A 1240 13.69 2.40 -26.41
CA PHE A 1240 13.20 1.06 -26.71
C PHE A 1240 11.89 1.15 -27.49
N THR A 1241 11.45 -0.01 -27.98
CA THR A 1241 10.23 -0.14 -28.75
C THR A 1241 9.66 -1.53 -28.49
N ALA A 1242 8.33 -1.62 -28.41
CA ALA A 1242 7.68 -2.89 -28.14
C ALA A 1242 6.43 -3.01 -29.01
N HIS A 1243 5.98 -4.25 -29.18
CA HIS A 1243 4.67 -4.47 -29.81
C HIS A 1243 3.55 -4.29 -28.81
N LEU A 1244 3.78 -4.62 -27.55
CA LEU A 1244 2.80 -4.46 -26.48
C LEU A 1244 3.40 -3.59 -25.38
N VAL A 1245 2.61 -2.63 -24.91
CA VAL A 1245 3.00 -1.80 -23.77
C VAL A 1245 1.93 -1.94 -22.70
N VAL A 1246 2.34 -2.42 -21.53
CA VAL A 1246 1.50 -2.52 -20.35
C VAL A 1246 1.79 -1.32 -19.46
N VAL A 1247 0.75 -0.64 -19.03
CA VAL A 1247 0.87 0.41 -18.02
C VAL A 1247 0.25 -0.12 -16.74
N MET A 1248 1.08 -0.74 -15.89
CA MET A 1248 0.61 -1.37 -14.66
C MET A 1248 -0.03 -0.35 -13.73
N GLY A 1249 0.77 0.58 -13.24
CA GLY A 1249 0.25 1.57 -12.34
C GLY A 1249 -0.21 2.83 -13.05
N THR A 1250 -1.05 3.59 -12.36
CA THR A 1250 -1.46 4.90 -12.81
C THR A 1250 -1.18 5.98 -11.76
N GLN A 1251 -0.88 5.59 -10.52
CA GLN A 1251 -0.54 6.50 -9.44
C GLN A 1251 0.84 6.18 -8.90
N PHE A 1252 1.44 7.19 -8.27
CA PHE A 1252 2.72 7.04 -7.59
C PHE A 1252 2.65 7.82 -6.29
N PHE A 1253 3.26 7.28 -5.24
CA PHE A 1253 3.22 7.92 -3.92
C PHE A 1253 4.21 9.06 -3.86
N GLU A 1254 3.73 10.23 -3.43
CA GLU A 1254 4.59 11.40 -3.22
C GLU A 1254 4.64 11.68 -1.72
N GLY A 1255 5.81 11.50 -1.12
CA GLY A 1255 5.96 11.64 0.31
C GLY A 1255 5.73 13.05 0.83
N LYS A 1256 5.76 14.05 -0.04
CA LYS A 1256 5.52 15.42 0.40
C LYS A 1256 4.12 15.59 0.96
N GLU A 1257 3.12 15.08 0.24
CA GLU A 1257 1.72 15.27 0.61
C GLU A 1257 1.09 14.03 1.23
N HIS A 1258 1.86 12.95 1.40
CA HIS A 1258 1.35 11.69 1.96
C HIS A 1258 0.14 11.20 1.18
N ARG A 1259 0.30 11.04 -0.13
CA ARG A 1259 -0.79 10.58 -0.96
C ARG A 1259 -0.27 10.14 -2.31
N TYR A 1260 -1.12 9.44 -3.04
CA TYR A 1260 -0.81 8.94 -4.37
C TYR A 1260 -1.31 9.94 -5.41
N ILE A 1261 -0.41 10.40 -6.26
CA ILE A 1261 -0.71 11.35 -7.33
C ILE A 1261 -0.83 10.56 -8.64
N ASP A 1262 -1.74 11.00 -9.50
CA ASP A 1262 -2.00 10.31 -10.76
C ASP A 1262 -0.89 10.60 -11.77
N TYR A 1263 -0.64 9.61 -12.64
CA TYR A 1263 0.21 9.83 -13.79
C TYR A 1263 -0.33 11.00 -14.61
N PRO A 1264 0.47 12.02 -14.92
CA PRO A 1264 0.04 13.02 -15.89
C PRO A 1264 -0.11 12.38 -17.26
N LEU A 1265 -1.12 12.85 -18.00
CA LEU A 1265 -1.42 12.27 -19.31
C LEU A 1265 -0.20 12.33 -20.24
N SER A 1266 0.68 13.30 -20.01
CA SER A 1266 1.91 13.42 -20.79
C SER A 1266 2.68 12.10 -20.81
N GLU A 1267 2.99 11.56 -19.62
CA GLU A 1267 3.81 10.35 -19.56
C GLU A 1267 3.03 9.10 -19.95
N VAL A 1268 1.70 9.10 -19.83
CA VAL A 1268 0.94 7.96 -20.35
C VAL A 1268 1.03 7.92 -21.87
N LEU A 1269 0.85 9.07 -22.52
CA LEU A 1269 1.05 9.14 -23.96
C LEU A 1269 2.49 8.76 -24.33
N GLN A 1270 3.46 9.21 -23.54
CA GLN A 1270 4.86 8.86 -23.79
C GLN A 1270 5.07 7.36 -23.73
N MET A 1271 4.58 6.72 -22.67
CA MET A 1271 4.77 5.29 -22.50
C MET A 1271 4.08 4.49 -23.59
N PHE A 1272 2.85 4.88 -23.93
CA PHE A 1272 2.15 4.18 -25.01
C PHE A 1272 2.75 4.47 -26.38
N GLY A 1273 3.52 5.55 -26.52
CA GLY A 1273 4.18 5.86 -27.77
C GLY A 1273 5.34 4.94 -28.12
N LYS A 1274 5.69 4.01 -27.23
CA LYS A 1274 6.73 3.02 -27.51
C LYS A 1274 6.15 1.72 -28.02
N ALA A 1275 4.84 1.65 -28.22
CA ALA A 1275 4.20 0.52 -28.89
C ALA A 1275 4.14 0.83 -30.38
N LEU A 1276 5.29 0.66 -31.04
CA LEU A 1276 5.43 0.99 -32.45
C LEU A 1276 5.73 -0.23 -33.32
N GLN A 1277 5.91 -1.41 -32.74
CA GLN A 1277 6.16 -2.60 -33.53
C GLN A 1277 4.84 -3.26 -33.90
N PRO A 1278 4.50 -3.34 -35.18
CA PRO A 1278 3.19 -3.88 -35.59
C PRO A 1278 3.23 -5.40 -35.67
N SER A 1279 2.08 -5.98 -36.01
CA SER A 1279 1.89 -7.41 -36.10
C SER A 1279 1.35 -7.77 -37.47
N LYS A 1280 0.87 -9.01 -37.63
CA LYS A 1280 0.28 -9.43 -38.90
C LYS A 1280 -0.79 -8.45 -39.38
N ASP A 1281 -1.66 -8.01 -38.47
CA ASP A 1281 -2.70 -7.05 -38.81
C ASP A 1281 -2.20 -5.61 -38.84
N GLY A 1282 -0.88 -5.39 -38.67
CA GLY A 1282 -0.30 -4.07 -38.82
C GLY A 1282 -0.65 -3.08 -37.73
N ARG A 1283 -0.77 -3.54 -36.48
CA ARG A 1283 -1.11 -2.65 -35.38
C ARG A 1283 -0.41 -3.12 -34.11
N SER A 1284 -0.09 -2.17 -33.24
CA SER A 1284 0.50 -2.46 -31.94
C SER A 1284 -0.59 -2.46 -30.87
N ARG A 1285 -0.20 -2.88 -29.66
CA ARG A 1285 -1.15 -3.12 -28.59
C ARG A 1285 -0.69 -2.48 -27.30
N GLY A 1286 -1.65 -1.99 -26.52
CA GLY A 1286 -1.37 -1.48 -25.20
C GLY A 1286 -2.49 -1.85 -24.26
N VAL A 1287 -2.14 -2.02 -23.00
CA VAL A 1287 -3.12 -2.20 -21.93
C VAL A 1287 -2.81 -1.21 -20.83
N LEU A 1288 -3.85 -0.68 -20.21
CA LEU A 1288 -3.74 0.34 -19.17
C LEU A 1288 -4.52 -0.14 -17.96
N MET A 1289 -3.82 -0.46 -16.87
CA MET A 1289 -4.44 -0.97 -15.66
C MET A 1289 -4.47 0.13 -14.63
N LEU A 1290 -5.66 0.47 -14.15
CA LEU A 1290 -5.83 1.62 -13.27
C LEU A 1290 -6.94 1.33 -12.28
N PRO A 1291 -6.98 2.06 -11.17
CA PRO A 1291 -8.18 1.99 -10.31
C PRO A 1291 -9.41 2.42 -11.10
N ALA A 1292 -10.56 1.85 -10.70
CA ALA A 1292 -11.79 2.12 -11.43
C ALA A 1292 -12.09 3.61 -11.51
N VAL A 1293 -11.90 4.32 -10.39
CA VAL A 1293 -12.23 5.74 -10.34
C VAL A 1293 -11.54 6.52 -11.45
N LYS A 1294 -10.41 6.03 -11.95
CA LYS A 1294 -9.65 6.78 -12.94
C LYS A 1294 -9.99 6.42 -14.38
N ARG A 1295 -10.68 5.30 -14.62
CA ARG A 1295 -10.83 4.78 -15.98
C ARG A 1295 -11.35 5.84 -16.93
N GLU A 1296 -12.58 6.32 -16.70
CA GLU A 1296 -13.20 7.27 -17.61
C GLU A 1296 -12.36 8.51 -17.82
N TYR A 1297 -11.47 8.83 -16.88
CA TYR A 1297 -10.52 9.91 -17.10
C TYR A 1297 -9.57 9.54 -18.24
N TYR A 1298 -8.73 8.53 -18.03
CA TYR A 1298 -7.66 8.24 -18.98
C TYR A 1298 -8.23 7.84 -20.32
N LYS A 1299 -9.18 6.90 -20.31
CA LYS A 1299 -9.93 6.54 -21.52
C LYS A 1299 -10.27 7.78 -22.33
N LYS A 1300 -10.90 8.76 -21.68
CA LYS A 1300 -11.27 10.00 -22.35
C LYS A 1300 -10.08 10.58 -23.10
N PHE A 1301 -9.02 10.91 -22.36
CA PHE A 1301 -7.86 11.57 -22.94
C PHE A 1301 -6.89 10.59 -23.57
N LEU A 1302 -7.36 9.38 -23.90
CA LEU A 1302 -6.67 8.51 -24.84
C LEU A 1302 -7.44 8.34 -26.13
N ASN A 1303 -8.70 8.80 -26.18
CA ASN A 1303 -9.46 8.83 -27.42
C ASN A 1303 -9.64 10.24 -27.97
N GLU A 1304 -9.33 11.26 -27.18
CA GLU A 1304 -9.34 12.64 -27.61
C GLU A 1304 -7.95 13.24 -27.39
N ALA A 1305 -7.74 14.41 -27.97
CA ALA A 1305 -6.43 15.06 -27.90
C ALA A 1305 -6.13 15.53 -26.48
N LEU A 1306 -4.90 15.99 -26.29
CA LEU A 1306 -4.40 16.35 -24.97
C LEU A 1306 -4.59 17.84 -24.73
N PRO A 1307 -5.36 18.25 -23.72
CA PRO A 1307 -5.42 19.68 -23.37
C PRO A 1307 -4.19 20.09 -22.57
N VAL A 1308 -3.55 21.17 -23.00
CA VAL A 1308 -2.35 21.70 -22.34
C VAL A 1308 -2.71 23.05 -21.74
N GLU A 1309 -2.40 23.22 -20.45
CA GLU A 1309 -2.66 24.45 -19.73
C GLU A 1309 -1.37 24.89 -19.05
N SER A 1310 -1.27 26.19 -18.79
CA SER A 1310 -0.07 26.74 -18.18
C SER A 1310 -0.18 26.74 -16.66
N HIS A 1311 0.96 26.55 -16.00
CA HIS A 1311 1.07 26.68 -14.56
C HIS A 1311 2.09 27.74 -14.17
N LEU A 1312 2.36 28.69 -15.07
CA LEU A 1312 3.27 29.80 -14.75
C LEU A 1312 2.68 30.68 -13.66
N HIS A 1313 1.36 30.73 -13.54
CA HIS A 1313 0.71 31.51 -12.50
C HIS A 1313 0.93 30.92 -11.11
N ASN A 1314 1.28 29.64 -11.03
CA ASN A 1314 1.58 28.99 -9.75
C ASN A 1314 3.06 29.04 -9.41
N PHE A 1315 3.90 29.62 -10.27
CA PHE A 1315 5.32 29.74 -10.01
C PHE A 1315 5.82 31.12 -10.43
N LEU A 1316 4.96 32.14 -10.36
CA LEU A 1316 5.37 33.48 -10.71
C LEU A 1316 6.50 34.05 -9.84
N PRO A 1317 6.61 33.75 -8.54
CA PRO A 1317 7.79 34.23 -7.80
C PRO A 1317 9.10 33.72 -8.37
N ASP A 1318 9.19 32.45 -8.74
CA ASP A 1318 10.42 31.89 -9.28
C ASP A 1318 10.69 32.35 -10.71
N ALA A 1319 9.71 32.94 -11.39
CA ALA A 1319 9.95 33.59 -12.67
C ALA A 1319 10.38 35.04 -12.50
N PHE A 1320 9.72 35.75 -11.59
CA PHE A 1320 10.07 37.14 -11.34
C PHE A 1320 11.43 37.27 -10.67
N VAL A 1321 11.87 36.26 -9.93
CA VAL A 1321 13.21 36.34 -9.33
C VAL A 1321 14.26 36.45 -10.43
N THR A 1322 14.08 35.73 -11.54
CA THR A 1322 15.01 35.81 -12.66
C THR A 1322 14.76 37.06 -13.50
N GLU A 1323 13.49 37.43 -13.70
CA GLU A 1323 13.21 38.63 -14.48
C GLU A 1323 13.53 39.92 -13.73
N ILE A 1324 13.82 39.84 -12.43
CA ILE A 1324 14.23 41.00 -11.65
C ILE A 1324 15.72 40.97 -11.33
N SER A 1325 16.34 39.79 -11.20
CA SER A 1325 17.80 39.73 -11.08
C SER A 1325 18.46 40.44 -12.25
N THR A 1326 18.05 40.10 -13.47
CA THR A 1326 18.28 40.98 -14.60
C THR A 1326 17.22 42.08 -14.59
N LYS A 1327 17.56 43.23 -15.18
CA LYS A 1327 16.68 44.39 -15.11
C LYS A 1327 15.62 44.38 -16.20
N MET A 1328 15.24 43.20 -16.69
CA MET A 1328 14.14 43.08 -17.64
C MET A 1328 12.86 43.70 -17.08
N ILE A 1329 12.38 43.17 -15.96
CA ILE A 1329 11.24 43.76 -15.26
C ILE A 1329 11.77 44.72 -14.21
N GLU A 1330 11.16 45.90 -14.12
CA GLU A 1330 11.58 46.92 -13.17
C GLU A 1330 10.41 47.57 -12.43
N SER A 1331 9.17 47.21 -12.75
CA SER A 1331 8.00 47.77 -12.08
C SER A 1331 6.83 46.84 -12.32
N GLY A 1332 5.68 47.22 -11.76
CA GLY A 1332 4.47 46.41 -11.94
C GLY A 1332 3.93 46.50 -13.36
N GLU A 1333 3.84 47.72 -13.89
CA GLU A 1333 3.43 47.88 -15.28
C GLU A 1333 4.46 47.28 -16.23
N ASP A 1334 5.73 47.21 -15.81
CA ASP A 1334 6.79 46.58 -16.59
C ASP A 1334 6.70 45.05 -16.56
N ALA A 1335 5.77 44.48 -15.79
CA ALA A 1335 5.59 43.05 -15.72
C ALA A 1335 4.36 42.54 -16.46
N ILE A 1336 3.34 43.39 -16.61
CA ILE A 1336 2.15 42.98 -17.37
C ILE A 1336 2.51 42.77 -18.84
N ASN A 1337 3.35 43.64 -19.40
CA ASN A 1337 3.77 43.46 -20.78
C ASN A 1337 4.59 42.20 -20.93
N TRP A 1338 5.40 41.86 -19.92
CA TRP A 1338 6.12 40.59 -19.95
C TRP A 1338 5.15 39.41 -19.93
N ALA A 1339 4.10 39.50 -19.10
CA ALA A 1339 3.12 38.43 -19.03
C ALA A 1339 2.36 38.27 -20.34
N THR A 1340 2.19 39.36 -21.11
CA THR A 1340 1.44 39.28 -22.35
C THR A 1340 2.12 38.41 -23.41
N PHE A 1341 3.42 38.14 -23.28
CA PHE A 1341 4.14 37.31 -24.23
C PHE A 1341 4.00 35.82 -23.97
N THR A 1342 3.28 35.43 -22.93
CA THR A 1342 3.27 34.06 -22.44
C THR A 1342 2.07 33.28 -22.99
N TYR A 1343 2.16 31.95 -22.86
CA TYR A 1343 1.03 31.08 -23.19
C TYR A 1343 -0.06 31.19 -22.14
N PHE A 1344 0.32 31.42 -20.88
CA PHE A 1344 -0.63 31.64 -19.81
C PHE A 1344 -1.57 32.80 -20.14
N TYR A 1345 -1.03 33.87 -20.74
CA TYR A 1345 -1.85 35.03 -21.06
C TYR A 1345 -2.89 34.69 -22.14
N ARG A 1346 -2.47 33.99 -23.19
CA ARG A 1346 -3.41 33.59 -24.22
C ARG A 1346 -4.44 32.60 -23.68
N ARG A 1347 -4.07 31.79 -22.70
CA ARG A 1347 -4.99 30.82 -22.14
C ARG A 1347 -6.00 31.45 -21.20
N LEU A 1348 -5.65 32.59 -20.59
CA LEU A 1348 -6.59 33.28 -19.71
C LEU A 1348 -7.89 33.64 -20.43
N LEU A 1349 -7.84 33.89 -21.74
CA LEU A 1349 -9.04 34.25 -22.47
C LEU A 1349 -9.87 33.03 -22.87
N ALA A 1350 -9.22 31.89 -23.09
CA ALA A 1350 -9.91 30.71 -23.57
C ALA A 1350 -10.50 29.88 -22.44
N ASN A 1351 -9.80 29.77 -21.31
CA ASN A 1351 -10.24 29.00 -20.16
C ASN A 1351 -10.06 29.83 -18.90
N PRO A 1352 -10.86 30.89 -18.73
CA PRO A 1352 -10.64 31.79 -17.59
C PRO A 1352 -10.88 31.14 -16.23
N SER A 1353 -11.88 30.27 -16.13
CA SER A 1353 -12.18 29.64 -14.84
C SER A 1353 -11.04 28.76 -14.35
N TYR A 1354 -10.28 28.16 -15.27
CA TYR A 1354 -9.15 27.32 -14.88
C TYR A 1354 -8.14 28.10 -14.06
N TYR A 1355 -7.98 29.39 -14.33
CA TYR A 1355 -6.97 30.21 -13.69
C TYR A 1355 -7.53 31.12 -12.60
N GLY A 1356 -8.84 31.07 -12.36
CA GLY A 1356 -9.46 31.93 -11.37
C GLY A 1356 -10.01 33.23 -11.89
N LEU A 1357 -10.08 33.41 -13.21
CA LEU A 1357 -10.63 34.64 -13.78
C LEU A 1357 -12.15 34.62 -13.69
N GLN A 1358 -12.74 35.72 -13.22
CA GLN A 1358 -14.17 35.78 -12.97
C GLN A 1358 -14.95 36.31 -14.18
N ASP A 1359 -14.57 37.47 -14.70
CA ASP A 1359 -15.26 38.02 -15.86
C ASP A 1359 -14.36 37.98 -17.08
N PRO A 1360 -14.87 37.52 -18.23
CA PRO A 1360 -14.05 37.43 -19.44
C PRO A 1360 -14.06 38.73 -20.25
N THR A 1361 -13.58 39.81 -19.61
CA THR A 1361 -13.53 41.12 -20.22
C THR A 1361 -12.14 41.70 -20.07
N HIS A 1362 -11.78 42.61 -20.98
CA HIS A 1362 -10.46 43.21 -20.95
C HIS A 1362 -10.21 43.94 -19.64
N ASP A 1363 -11.23 44.62 -19.11
CA ASP A 1363 -11.11 45.23 -17.79
C ASP A 1363 -10.83 44.18 -16.72
N GLY A 1364 -11.62 43.11 -16.72
CA GLY A 1364 -11.41 42.06 -15.74
C GLY A 1364 -10.07 41.35 -15.91
N LEU A 1365 -9.64 41.13 -17.16
CA LEU A 1365 -8.36 40.48 -17.39
C LEU A 1365 -7.20 41.34 -16.92
N SER A 1366 -7.23 42.64 -17.24
CA SER A 1366 -6.16 43.53 -16.79
C SER A 1366 -6.16 43.67 -15.27
N GLN A 1367 -7.33 43.72 -14.65
CA GLN A 1367 -7.39 43.79 -13.19
C GLN A 1367 -6.86 42.52 -12.55
N TYR A 1368 -7.18 41.36 -13.15
CA TYR A 1368 -6.65 40.10 -12.66
C TYR A 1368 -5.14 40.05 -12.78
N LEU A 1369 -4.60 40.53 -13.90
CA LEU A 1369 -3.15 40.55 -14.06
C LEU A 1369 -2.50 41.50 -13.05
N SER A 1370 -3.13 42.63 -12.79
CA SER A 1370 -2.59 43.56 -11.79
C SER A 1370 -2.59 42.92 -10.41
N ASP A 1371 -3.69 42.27 -10.03
CA ASP A 1371 -3.74 41.58 -8.74
C ASP A 1371 -2.70 40.49 -8.66
N LEU A 1372 -2.48 39.76 -9.76
CA LEU A 1372 -1.53 38.65 -9.75
C LEU A 1372 -0.09 39.15 -9.62
N VAL A 1373 0.27 40.17 -10.38
CA VAL A 1373 1.63 40.70 -10.28
C VAL A 1373 1.83 41.38 -8.93
N GLU A 1374 0.78 41.99 -8.38
CA GLU A 1374 0.91 42.63 -7.07
C GLU A 1374 1.07 41.60 -5.96
N THR A 1375 0.34 40.49 -6.03
CA THR A 1375 0.50 39.48 -4.99
C THR A 1375 1.81 38.73 -5.14
N THR A 1376 2.33 38.58 -6.37
CA THR A 1376 3.66 37.99 -6.53
C THR A 1376 4.73 38.93 -5.97
N LEU A 1377 4.63 40.23 -6.28
CA LEU A 1377 5.57 41.19 -5.71
C LEU A 1377 5.44 41.26 -4.19
N LYS A 1378 4.24 41.02 -3.66
CA LYS A 1378 4.05 40.98 -2.21
C LYS A 1378 4.72 39.76 -1.60
N GLN A 1379 4.54 38.59 -2.22
CA GLN A 1379 5.24 37.39 -1.77
C GLN A 1379 6.75 37.58 -1.83
N LEU A 1380 7.24 38.36 -2.79
CA LEU A 1380 8.67 38.57 -2.92
C LEU A 1380 9.20 39.59 -1.91
N SER A 1381 8.46 40.68 -1.67
CA SER A 1381 8.92 41.70 -0.74
C SER A 1381 8.79 41.23 0.70
N ASP A 1382 7.68 40.54 1.03
CA ASP A 1382 7.51 39.99 2.36
C ASP A 1382 8.57 38.93 2.65
N ALA A 1383 9.12 38.30 1.61
CA ALA A 1383 10.20 37.34 1.76
C ALA A 1383 11.58 37.98 1.75
N ARG A 1384 11.65 39.31 1.62
CA ARG A 1384 12.91 40.06 1.62
C ARG A 1384 13.85 39.56 0.51
N ILE A 1385 13.33 39.62 -0.72
CA ILE A 1385 14.13 39.34 -1.90
C ILE A 1385 14.20 40.53 -2.85
N ILE A 1386 13.24 41.44 -2.83
CA ILE A 1386 13.23 42.61 -3.70
C ILE A 1386 12.69 43.81 -2.92
N GLU A 1387 13.26 44.98 -3.18
CA GLU A 1387 12.66 46.23 -2.72
C GLU A 1387 11.47 46.56 -3.60
N MET A 1388 10.32 46.84 -2.98
CA MET A 1388 9.09 47.17 -3.70
C MET A 1388 8.66 48.57 -3.27
N ASP A 1389 9.05 49.57 -4.07
CA ASP A 1389 8.68 50.95 -3.83
C ASP A 1389 7.23 51.14 -4.26
N GLU A 1390 6.32 51.19 -3.29
CA GLU A 1390 4.90 51.28 -3.59
C GLU A 1390 4.51 52.66 -4.09
N ASP A 1391 5.26 53.70 -3.71
CA ASP A 1391 4.96 55.05 -4.20
C ASP A 1391 5.11 55.11 -5.72
N GLU A 1392 6.32 54.84 -6.22
CA GLU A 1392 6.52 54.73 -7.65
C GLU A 1392 6.02 53.41 -8.23
N GLY A 1393 5.65 52.46 -7.38
CA GLY A 1393 5.19 51.17 -7.86
C GLY A 1393 6.26 50.37 -8.59
N THR A 1394 7.52 50.61 -8.26
CA THR A 1394 8.63 49.94 -8.93
C THR A 1394 9.24 48.87 -8.02
N VAL A 1395 10.12 48.06 -8.60
CA VAL A 1395 10.76 46.97 -7.88
C VAL A 1395 12.22 46.89 -8.27
N ALA A 1396 13.03 46.34 -7.38
CA ALA A 1396 14.46 46.17 -7.63
C ALA A 1396 14.97 45.00 -6.81
N PRO A 1397 15.99 44.29 -7.30
CA PRO A 1397 16.54 43.17 -6.52
C PRO A 1397 17.54 43.66 -5.49
N LEU A 1398 17.46 43.11 -4.28
CA LEU A 1398 18.32 43.52 -3.18
C LEU A 1398 19.25 42.36 -2.81
N ASN A 1399 20.33 42.24 -3.59
CA ASN A 1399 21.52 41.46 -3.26
C ASN A 1399 21.21 40.03 -2.82
N ALA A 1400 20.00 39.57 -3.05
CA ALA A 1400 19.60 38.21 -2.70
C ALA A 1400 18.96 37.48 -3.85
N ALA A 1401 18.18 38.18 -4.69
CA ALA A 1401 17.71 37.58 -5.94
C ALA A 1401 18.86 37.29 -6.89
N MET A 1402 19.98 38.00 -6.76
CA MET A 1402 21.15 37.70 -7.57
C MET A 1402 21.66 36.29 -7.29
N ILE A 1403 21.85 35.96 -6.01
CA ILE A 1403 22.29 34.61 -5.64
C ILE A 1403 21.26 33.57 -6.08
N ALA A 1404 19.99 33.87 -5.86
CA ALA A 1404 18.92 32.94 -6.22
C ALA A 1404 18.95 32.62 -7.71
N ALA A 1405 19.08 33.65 -8.55
CA ALA A 1405 19.08 33.41 -9.98
C ALA A 1405 20.39 32.81 -10.47
N TYR A 1406 21.50 33.11 -9.78
CA TYR A 1406 22.80 32.59 -10.20
C TYR A 1406 22.89 31.10 -9.94
N TYR A 1407 22.52 30.65 -8.73
CA TYR A 1407 22.54 29.24 -8.42
C TYR A 1407 21.22 28.54 -8.74
N ASN A 1408 20.20 29.30 -9.14
CA ASN A 1408 18.87 28.78 -9.44
C ASN A 1408 18.36 27.89 -8.30
N ILE A 1409 18.23 28.50 -7.13
CA ILE A 1409 17.58 27.90 -5.98
C ILE A 1409 16.21 28.53 -5.83
N SER A 1410 15.28 27.79 -5.24
CA SER A 1410 13.90 28.25 -5.14
C SER A 1410 13.80 29.47 -4.23
N TYR A 1411 12.72 30.22 -4.41
CA TYR A 1411 12.49 31.42 -3.60
C TYR A 1411 12.03 31.08 -2.19
N MET A 1412 11.24 30.01 -2.03
CA MET A 1412 10.84 29.58 -0.69
C MET A 1412 12.05 29.11 0.10
N THR A 1413 12.98 28.40 -0.55
CA THR A 1413 14.25 28.07 0.08
C THR A 1413 15.02 29.33 0.45
N MET A 1414 14.93 30.38 -0.39
CA MET A 1414 15.60 31.64 -0.08
C MET A 1414 15.03 32.27 1.18
N GLU A 1415 13.69 32.32 1.29
CA GLU A 1415 13.08 32.86 2.49
C GLU A 1415 13.42 32.01 3.71
N MET A 1416 13.51 30.69 3.53
CA MET A 1416 13.88 29.82 4.64
C MET A 1416 15.33 30.07 5.08
N PHE A 1417 16.20 30.45 4.13
CA PHE A 1417 17.58 30.77 4.48
C PHE A 1417 17.71 32.05 5.30
N LEU A 1418 16.60 32.73 5.62
CA LEU A 1418 16.65 33.89 6.48
C LEU A 1418 16.87 33.53 7.95
N LEU A 1419 16.51 32.31 8.35
CA LEU A 1419 16.63 31.92 9.76
C LEU A 1419 18.06 31.97 10.26
N SER A 1420 19.04 31.96 9.37
CA SER A 1420 20.42 32.16 9.77
C SER A 1420 20.65 33.64 10.12
N LEU A 1421 21.85 33.95 10.58
CA LEU A 1421 22.30 35.29 10.95
C LEU A 1421 21.59 35.82 12.20
N SER A 1422 20.64 35.08 12.76
CA SER A 1422 19.89 35.58 13.92
C SER A 1422 20.84 35.83 15.10
N HIS A 1423 21.46 34.77 15.61
CA HIS A 1423 22.64 34.93 16.45
C HIS A 1423 23.89 34.82 15.58
N LYS A 1424 24.07 33.67 14.93
CA LYS A 1424 25.06 33.40 13.90
C LYS A 1424 24.91 31.92 13.54
N SER A 1425 25.54 31.53 12.44
CA SER A 1425 25.46 30.17 11.95
C SER A 1425 26.72 29.40 12.34
N LYS A 1426 26.55 28.12 12.66
CA LYS A 1426 27.64 27.22 12.99
C LYS A 1426 27.65 26.06 12.01
N LEU A 1427 28.72 25.26 12.08
CA LEU A 1427 28.83 24.09 11.22
C LEU A 1427 27.63 23.17 11.39
N ARG A 1428 27.35 22.77 12.64
CA ARG A 1428 26.19 21.94 12.93
C ARG A 1428 24.89 22.63 12.55
N THR A 1429 24.89 23.97 12.50
CA THR A 1429 23.68 24.70 12.12
C THR A 1429 23.50 24.70 10.60
N ILE A 1430 24.55 25.03 9.86
CA ILE A 1430 24.44 25.08 8.40
C ILE A 1430 24.17 23.70 7.83
N LEU A 1431 24.73 22.65 8.46
CA LEU A 1431 24.47 21.30 7.98
C LEU A 1431 22.97 20.99 8.02
N GLU A 1432 22.28 21.51 9.03
CA GLU A 1432 20.83 21.29 9.14
C GLU A 1432 20.04 22.24 8.24
N ILE A 1433 20.53 23.47 8.05
CA ILE A 1433 19.79 24.45 7.26
C ILE A 1433 19.85 24.11 5.78
N VAL A 1434 20.97 23.56 5.31
CA VAL A 1434 21.10 23.24 3.88
C VAL A 1434 20.12 22.15 3.48
N THR A 1435 20.05 21.06 4.26
CA THR A 1435 19.22 19.93 3.90
C THR A 1435 17.72 20.25 3.98
N ALA A 1436 17.35 21.33 4.66
CA ALA A 1436 15.96 21.76 4.70
C ALA A 1436 15.50 22.42 3.40
N ALA A 1437 16.39 22.59 2.43
CA ALA A 1437 16.02 23.21 1.16
C ALA A 1437 14.95 22.39 0.47
N THR A 1438 14.05 23.10 -0.23
CA THR A 1438 12.90 22.44 -0.84
C THR A 1438 13.28 21.54 -2.00
N GLU A 1439 14.46 21.74 -2.60
CA GLU A 1439 14.86 20.94 -3.75
C GLU A 1439 14.97 19.45 -3.39
N PHE A 1440 15.32 19.14 -2.14
CA PHE A 1440 15.40 17.76 -1.72
C PHE A 1440 14.05 17.15 -1.40
N GLU A 1441 13.00 17.98 -1.28
CA GLU A 1441 11.66 17.46 -1.02
C GLU A 1441 11.11 16.68 -2.21
N SER A 1442 11.67 16.88 -3.40
CA SER A 1442 11.21 16.14 -4.58
C SER A 1442 11.67 14.68 -4.55
N ILE A 1443 12.65 14.35 -3.73
CA ILE A 1443 13.22 13.01 -3.72
C ILE A 1443 12.18 12.02 -3.21
N GLN A 1444 12.07 10.89 -3.91
CA GLN A 1444 11.03 9.90 -3.59
C GLN A 1444 11.23 9.34 -2.20
N THR A 1445 10.13 8.93 -1.58
CA THR A 1445 10.15 8.24 -0.29
C THR A 1445 9.54 6.86 -0.50
N ARG A 1446 10.33 5.82 -0.23
CA ARG A 1446 9.84 4.45 -0.30
C ARG A 1446 9.25 4.07 1.05
N ARG A 1447 8.00 3.59 1.02
CA ARG A 1447 7.30 3.23 2.25
C ARG A 1447 8.08 2.17 3.02
N HIS A 1448 8.09 2.31 4.34
CA HIS A 1448 8.77 1.39 5.25
C HIS A 1448 10.28 1.41 5.06
N GLU A 1449 10.84 2.56 4.70
CA GLU A 1449 12.29 2.76 4.74
C GLU A 1449 12.71 3.49 6.00
N GLU A 1450 11.86 3.52 7.03
CA GLU A 1450 12.26 4.01 8.33
C GLU A 1450 12.98 2.91 9.10
N GLY A 1451 13.73 3.31 10.10
CA GLY A 1451 14.57 2.37 10.83
C GLY A 1451 15.94 2.21 10.22
N ILE A 1452 15.99 1.95 8.91
CA ILE A 1452 17.29 2.00 8.22
C ILE A 1452 17.78 3.42 8.11
N LEU A 1453 16.90 4.40 8.29
CA LEU A 1453 17.32 5.80 8.44
C LEU A 1453 17.60 6.14 9.89
N LYS A 1454 16.82 5.59 10.83
CA LYS A 1454 17.05 5.86 12.24
C LYS A 1454 18.36 5.23 12.72
N ARG A 1455 18.68 4.04 12.20
CA ARG A 1455 19.96 3.42 12.54
C ARG A 1455 21.13 4.27 12.09
N ILE A 1456 21.03 4.88 10.91
CA ILE A 1456 22.08 5.78 10.45
C ILE A 1456 22.11 7.05 11.28
N TYR A 1457 20.94 7.58 11.62
CA TYR A 1457 20.87 8.79 12.42
C TYR A 1457 21.48 8.59 13.80
N ASP A 1458 21.37 7.38 14.35
CA ASP A 1458 21.98 7.09 15.66
C ASP A 1458 23.50 6.97 15.59
N HIS A 1459 24.08 6.93 14.39
CA HIS A 1459 25.52 6.75 14.24
C HIS A 1459 26.22 8.00 13.72
N VAL A 1460 25.62 9.17 13.91
CA VAL A 1460 26.21 10.42 13.45
C VAL A 1460 26.26 11.42 14.60
N PRO A 1461 27.38 12.15 14.79
CA PRO A 1461 27.49 13.07 15.93
C PRO A 1461 26.42 14.15 15.99
N VAL A 1462 26.32 14.99 14.95
CA VAL A 1462 25.40 16.13 15.00
C VAL A 1462 23.98 15.64 14.85
N LYS A 1463 23.11 16.06 15.78
CA LYS A 1463 21.72 15.64 15.84
C LYS A 1463 20.80 16.77 15.39
N MET A 1464 19.59 16.39 14.99
CA MET A 1464 18.58 17.33 14.57
C MET A 1464 17.79 17.83 15.78
N ASN A 1465 17.38 19.10 15.71
CA ASN A 1465 16.67 19.71 16.83
C ASN A 1465 15.38 18.95 17.13
N ASN A 1466 14.61 18.63 16.10
CA ASN A 1466 13.38 17.86 16.28
C ASN A 1466 13.22 16.89 15.11
N PRO A 1467 13.46 15.61 15.32
CA PRO A 1467 13.42 14.66 14.19
C PRO A 1467 12.01 14.45 13.66
N VAL A 1468 11.89 14.40 12.34
CA VAL A 1468 10.66 13.98 11.66
C VAL A 1468 11.06 12.84 10.74
N TRP A 1469 10.65 11.63 11.09
CA TRP A 1469 11.30 10.43 10.55
C TRP A 1469 10.92 10.16 9.10
N ASP A 1470 9.74 10.57 8.67
CA ASP A 1470 9.32 10.39 7.29
C ASP A 1470 9.51 11.65 6.44
N SER A 1471 10.36 12.57 6.91
CA SER A 1471 10.57 13.85 6.25
C SER A 1471 11.78 13.76 5.32
N ALA A 1472 11.62 14.28 4.10
CA ALA A 1472 12.75 14.39 3.20
C ALA A 1472 13.85 15.28 3.76
N HIS A 1473 13.47 16.23 4.63
CA HIS A 1473 14.48 17.03 5.33
C HIS A 1473 15.38 16.15 6.20
N PHE A 1474 14.76 15.32 7.05
CA PHE A 1474 15.54 14.41 7.88
C PHE A 1474 16.30 13.41 7.02
N LYS A 1475 15.69 12.96 5.92
CA LYS A 1475 16.36 12.03 5.01
C LYS A 1475 17.65 12.63 4.47
N ALA A 1476 17.58 13.87 3.97
CA ALA A 1476 18.78 14.52 3.43
C ALA A 1476 19.79 14.81 4.54
N PHE A 1477 19.30 15.27 5.70
CA PHE A 1477 20.18 15.55 6.83
C PHE A 1477 20.97 14.31 7.23
N VAL A 1478 20.34 13.14 7.17
CA VAL A 1478 21.01 11.91 7.57
C VAL A 1478 21.92 11.40 6.45
N LEU A 1479 21.48 11.52 5.19
CA LEU A 1479 22.27 10.97 4.09
C LEU A 1479 23.53 11.77 3.84
N VAL A 1480 23.48 13.10 4.01
CA VAL A 1480 24.69 13.91 3.88
C VAL A 1480 25.72 13.47 4.91
N GLN A 1481 25.28 13.23 6.14
CA GLN A 1481 26.19 12.81 7.20
C GLN A 1481 26.73 11.40 6.93
N ALA A 1482 25.88 10.51 6.40
CA ALA A 1482 26.37 9.19 6.01
C ALA A 1482 27.41 9.29 4.91
N HIS A 1483 27.25 10.27 4.01
CA HIS A 1483 28.28 10.55 3.01
C HIS A 1483 29.58 10.99 3.67
N PHE A 1484 29.48 11.87 4.68
CA PHE A 1484 30.68 12.29 5.41
C PHE A 1484 31.37 11.10 6.07
N SER A 1485 30.60 10.23 6.71
CA SER A 1485 31.16 9.11 7.47
C SER A 1485 31.50 7.90 6.60
N ARG A 1486 31.29 7.98 5.29
CA ARG A 1486 31.56 6.86 4.37
C ARG A 1486 30.79 5.61 4.77
N MET A 1487 29.55 5.79 5.20
CA MET A 1487 28.70 4.67 5.55
C MET A 1487 28.06 4.08 4.29
N ASN A 1488 28.17 2.77 4.13
CA ASN A 1488 27.51 2.11 3.00
C ASN A 1488 26.00 2.24 3.12
N LEU A 1489 25.33 2.17 1.97
CA LEU A 1489 23.89 2.32 1.89
C LEU A 1489 23.34 1.33 0.87
N PRO A 1490 22.08 0.93 1.03
CA PRO A 1490 21.41 0.15 -0.03
C PRO A 1490 21.29 0.98 -1.30
N ILE A 1491 20.93 0.29 -2.39
CA ILE A 1491 21.04 0.86 -3.72
C ILE A 1491 20.16 2.10 -3.86
N ASP A 1492 18.89 1.99 -3.49
CA ASP A 1492 17.96 3.09 -3.68
C ASP A 1492 18.33 4.30 -2.82
N LEU A 1493 18.69 4.06 -1.55
CA LEU A 1493 19.11 5.15 -0.69
C LEU A 1493 20.41 5.77 -1.17
N ALA A 1494 21.30 4.97 -1.78
CA ALA A 1494 22.52 5.53 -2.36
C ALA A 1494 22.20 6.40 -3.56
N LYS A 1495 21.20 6.02 -4.35
CA LYS A 1495 20.77 6.86 -5.46
C LYS A 1495 20.24 8.19 -4.96
N ASP A 1496 19.43 8.15 -3.90
CA ASP A 1496 18.94 9.39 -3.30
C ASP A 1496 20.10 10.25 -2.79
N GLN A 1497 21.11 9.61 -2.19
CA GLN A 1497 22.28 10.34 -1.73
C GLN A 1497 23.01 11.01 -2.88
N GLU A 1498 23.16 10.29 -4.01
CA GLU A 1498 23.74 10.89 -5.20
C GLU A 1498 22.97 12.13 -5.61
N VAL A 1499 21.65 12.02 -5.72
CA VAL A 1499 20.81 13.15 -6.13
C VAL A 1499 21.03 14.33 -5.20
N ILE A 1500 21.14 14.07 -3.89
CA ILE A 1500 21.40 15.14 -2.94
C ILE A 1500 22.74 15.81 -3.21
N LEU A 1501 23.79 15.00 -3.36
CA LEU A 1501 25.13 15.51 -3.64
C LEU A 1501 25.18 16.34 -4.92
N GLN A 1502 24.27 16.09 -5.86
CA GLN A 1502 24.29 16.86 -7.10
C GLN A 1502 24.03 18.35 -6.86
N LYS A 1503 23.21 18.68 -5.86
CA LYS A 1503 22.78 20.05 -5.63
C LYS A 1503 23.30 20.66 -4.34
N ILE A 1504 23.85 19.85 -3.43
CA ILE A 1504 24.28 20.39 -2.15
C ILE A 1504 25.40 21.42 -2.32
N LEU A 1505 26.24 21.27 -3.35
CA LEU A 1505 27.31 22.23 -3.57
C LEU A 1505 26.76 23.59 -3.98
N SER A 1506 25.79 23.60 -4.90
CA SER A 1506 25.15 24.85 -5.28
C SER A 1506 24.50 25.51 -4.08
N LEU A 1507 23.76 24.73 -3.28
CA LEU A 1507 23.11 25.28 -2.09
C LEU A 1507 24.14 25.86 -1.12
N LEU A 1508 25.27 25.17 -0.95
CA LEU A 1508 26.28 25.63 0.00
C LEU A 1508 26.95 26.92 -0.47
N SER A 1509 27.26 27.02 -1.76
CA SER A 1509 27.83 28.26 -2.27
C SER A 1509 26.84 29.41 -2.16
N ALA A 1510 25.56 29.13 -2.40
CA ALA A 1510 24.53 30.15 -2.19
C ALA A 1510 24.52 30.62 -0.74
N ILE A 1511 24.64 29.68 0.21
CA ILE A 1511 24.64 30.06 1.63
C ILE A 1511 25.89 30.87 1.95
N VAL A 1512 27.04 30.50 1.37
CA VAL A 1512 28.26 31.28 1.55
C VAL A 1512 28.03 32.73 1.15
N ASP A 1513 27.47 32.94 -0.05
CA ASP A 1513 27.24 34.29 -0.53
C ASP A 1513 26.20 35.03 0.31
N ILE A 1514 25.17 34.32 0.79
CA ILE A 1514 24.16 34.96 1.61
C ILE A 1514 24.75 35.43 2.93
N LEU A 1515 25.59 34.60 3.56
CA LEU A 1515 26.25 35.01 4.79
C LEU A 1515 27.23 36.15 4.55
N SER A 1516 27.91 36.13 3.41
CA SER A 1516 28.85 37.20 3.08
C SER A 1516 28.14 38.51 2.75
N SER A 1517 26.89 38.46 2.32
CA SER A 1517 26.15 39.69 2.02
C SER A 1517 26.05 40.58 3.25
N GLU A 1518 25.77 40.00 4.41
CA GLU A 1518 25.78 40.73 5.66
C GLU A 1518 27.18 40.66 6.25
N GLY A 1519 27.33 41.09 7.51
CA GLY A 1519 28.64 41.12 8.13
C GLY A 1519 29.13 39.76 8.60
N HIS A 1520 28.20 38.93 9.09
CA HIS A 1520 28.55 37.67 9.72
C HIS A 1520 29.52 36.85 8.88
N LEU A 1521 30.49 36.23 9.54
CA LEU A 1521 31.51 35.42 8.88
C LEU A 1521 31.34 33.94 9.21
N ASN A 1522 30.10 33.48 9.22
CA ASN A 1522 29.84 32.05 9.29
C ASN A 1522 30.06 31.36 7.95
N ALA A 1523 30.18 32.13 6.87
CA ALA A 1523 30.36 31.56 5.54
C ALA A 1523 31.67 30.79 5.41
N LEU A 1524 32.65 31.05 6.28
CA LEU A 1524 33.90 30.32 6.22
C LEU A 1524 33.71 28.85 6.60
N ASN A 1525 32.94 28.59 7.66
CA ASN A 1525 32.56 27.22 7.97
C ASN A 1525 31.75 26.60 6.84
N ALA A 1526 31.03 27.42 6.07
CA ALA A 1526 30.29 26.89 4.92
C ALA A 1526 31.23 26.47 3.79
N MET A 1527 32.30 27.24 3.58
CA MET A 1527 33.31 26.83 2.61
C MET A 1527 34.01 25.55 3.07
N GLU A 1528 34.27 25.46 4.38
CA GLU A 1528 34.85 24.23 4.92
C GLU A 1528 33.91 23.05 4.73
N MET A 1529 32.60 23.27 4.87
CA MET A 1529 31.64 22.19 4.63
C MET A 1529 31.56 21.84 3.15
N SER A 1530 31.77 22.82 2.27
CA SER A 1530 31.82 22.53 0.84
C SER A 1530 32.98 21.61 0.52
N GLN A 1531 34.17 21.93 1.03
CA GLN A 1531 35.31 21.05 0.80
C GLN A 1531 35.13 19.70 1.49
N MET A 1532 34.44 19.69 2.64
CA MET A 1532 34.05 18.42 3.27
C MET A 1532 33.26 17.55 2.32
N VAL A 1533 32.11 18.04 1.86
CA VAL A 1533 31.22 17.25 1.03
C VAL A 1533 31.87 16.89 -0.30
N VAL A 1534 32.84 17.69 -0.76
CA VAL A 1534 33.62 17.26 -1.92
C VAL A 1534 34.50 16.08 -1.57
N GLN A 1535 35.17 16.13 -0.42
CA GLN A 1535 36.09 15.05 -0.02
C GLN A 1535 35.46 14.02 0.90
N ALA A 1536 34.17 14.16 1.24
CA ALA A 1536 33.45 13.21 2.08
C ALA A 1536 34.17 13.04 3.43
N MET A 1537 34.34 14.16 4.12
CA MET A 1537 35.03 14.18 5.40
C MET A 1537 34.30 15.11 6.36
N TRP A 1538 34.74 15.10 7.61
CA TRP A 1538 34.22 15.98 8.64
C TRP A 1538 35.16 17.17 8.85
N ASP A 1539 34.63 18.19 9.53
CA ASP A 1539 35.40 19.42 9.76
C ASP A 1539 36.71 19.11 10.48
N ARG A 1540 36.63 18.48 11.65
CA ARG A 1540 37.82 18.02 12.37
C ARG A 1540 38.01 16.55 12.04
N ASP A 1541 39.08 16.24 11.32
CA ASP A 1541 39.38 14.88 10.91
C ASP A 1541 40.75 14.85 10.26
N SER A 1542 41.39 13.69 10.30
CA SER A 1542 42.70 13.52 9.69
C SER A 1542 42.59 13.67 8.18
N PRO A 1543 43.34 14.59 7.57
CA PRO A 1543 43.26 14.75 6.10
C PRO A 1543 43.67 13.50 5.33
N LEU A 1544 44.33 12.55 5.98
CA LEU A 1544 44.78 11.34 5.30
C LEU A 1544 43.64 10.55 4.68
N LYS A 1545 42.39 10.80 5.09
CA LYS A 1545 41.26 10.14 4.47
C LYS A 1545 41.14 10.46 2.99
N GLN A 1546 41.67 11.60 2.55
CA GLN A 1546 41.63 11.92 1.13
C GLN A 1546 42.50 10.99 0.31
N ILE A 1547 43.52 10.39 0.93
CA ILE A 1547 44.42 9.49 0.22
C ILE A 1547 43.70 8.19 -0.11
N PRO A 1548 43.83 7.66 -1.34
CA PRO A 1548 43.15 6.41 -1.67
C PRO A 1548 43.61 5.25 -0.79
N ASN A 1549 42.68 4.34 -0.54
CA ASN A 1549 42.91 3.11 0.23
C ASN A 1549 43.35 3.39 1.67
N PHE A 1550 43.03 4.56 2.20
CA PHE A 1550 43.40 4.93 3.57
C PHE A 1550 42.20 4.72 4.49
N THR A 1551 41.94 3.44 4.81
CA THR A 1551 40.92 3.10 5.79
C THR A 1551 41.30 3.68 7.15
N PRO A 1552 40.33 3.86 8.06
CA PRO A 1552 40.64 4.46 9.36
C PRO A 1552 41.72 3.73 10.14
N GLU A 1553 41.83 2.41 9.99
CA GLU A 1553 42.91 1.69 10.67
C GLU A 1553 44.27 2.03 10.09
N VAL A 1554 44.35 2.27 8.77
CA VAL A 1554 45.60 2.73 8.18
C VAL A 1554 45.93 4.13 8.67
N VAL A 1555 44.91 4.97 8.88
CA VAL A 1555 45.14 6.29 9.46
C VAL A 1555 45.68 6.16 10.88
N LYS A 1556 45.18 5.18 11.64
CA LYS A 1556 45.72 4.94 12.98
C LYS A 1556 47.17 4.48 12.90
N VAL A 1557 47.48 3.58 11.98
CA VAL A 1557 48.87 3.11 11.81
C VAL A 1557 49.78 4.28 11.46
N ALA A 1558 49.30 5.20 10.63
CA ALA A 1558 50.09 6.38 10.27
C ALA A 1558 50.27 7.30 11.47
N ASN A 1559 49.22 7.51 12.25
CA ASN A 1559 49.31 8.38 13.43
C ASN A 1559 50.28 7.80 14.46
N LYS A 1560 50.34 6.48 14.58
CA LYS A 1560 51.30 5.87 15.50
C LYS A 1560 52.74 6.22 15.12
N TYR A 1561 52.99 6.47 13.83
CA TYR A 1561 54.31 6.84 13.35
C TYR A 1561 54.57 8.34 13.39
N GLY A 1562 53.62 9.13 13.89
CA GLY A 1562 53.81 10.56 14.02
C GLY A 1562 53.31 11.39 12.85
N ILE A 1563 52.47 10.84 11.98
CA ILE A 1563 51.94 11.58 10.85
C ILE A 1563 50.60 12.18 11.24
N ASN A 1564 50.44 13.49 11.00
CA ASN A 1564 49.21 14.19 11.32
C ASN A 1564 48.57 14.88 10.13
N ASP A 1565 49.35 15.30 9.14
CA ASP A 1565 48.84 15.95 7.94
C ASP A 1565 49.48 15.30 6.72
N ILE A 1566 48.86 15.54 5.56
CA ILE A 1566 49.38 14.96 4.32
C ILE A 1566 50.77 15.50 4.01
N PHE A 1567 51.09 16.71 4.48
CA PHE A 1567 52.44 17.24 4.31
C PHE A 1567 53.45 16.37 5.04
N ASP A 1568 53.18 16.08 6.32
CA ASP A 1568 54.08 15.24 7.10
C ASP A 1568 54.17 13.83 6.53
N PHE A 1569 53.08 13.35 5.93
CA PHE A 1569 53.11 12.05 5.26
C PHE A 1569 54.01 12.08 4.04
N MET A 1570 53.90 13.14 3.23
CA MET A 1570 54.77 13.28 2.06
C MET A 1570 56.23 13.40 2.49
N GLU A 1571 56.49 14.01 3.64
CA GLU A 1571 57.87 14.10 4.11
C GLU A 1571 58.42 12.76 4.55
N GLN A 1572 57.56 11.83 4.96
CA GLN A 1572 57.99 10.50 5.36
C GLN A 1572 57.92 9.54 4.18
N MET A 1573 58.33 8.30 4.41
CA MET A 1573 58.44 7.27 3.38
C MET A 1573 59.29 7.77 2.21
N ASN A 1574 60.56 8.00 2.53
CA ASN A 1574 61.52 8.47 1.54
C ASN A 1574 62.84 7.73 1.77
N PRO A 1575 63.30 6.91 0.83
CA PRO A 1575 64.57 6.20 1.01
C PRO A 1575 65.70 7.15 1.33
N GLU A 1576 66.46 6.84 2.38
CA GLU A 1576 67.57 7.59 2.97
C GLU A 1576 67.05 8.75 3.83
N GLU A 1577 65.74 8.93 3.97
CA GLU A 1577 65.17 10.02 4.77
C GLU A 1577 64.14 9.45 5.73
N ASN A 1578 64.30 9.76 7.02
CA ASN A 1578 63.41 9.23 8.06
C ASN A 1578 63.35 7.70 7.96
N PRO A 1579 64.40 7.00 8.38
CA PRO A 1579 64.51 5.56 8.06
C PRO A 1579 63.45 4.72 8.75
N ASN A 1580 62.20 4.92 8.36
CA ASN A 1580 61.09 4.05 8.74
C ASN A 1580 60.50 3.34 7.54
N TYR A 1581 61.16 3.41 6.38
CA TYR A 1581 60.64 2.79 5.16
C TYR A 1581 60.47 1.28 5.32
N ALA A 1582 61.23 0.66 6.22
CA ALA A 1582 61.12 -0.77 6.42
C ALA A 1582 59.83 -1.13 7.14
N SER A 1583 59.61 -0.53 8.32
CA SER A 1583 58.46 -0.90 9.13
C SER A 1583 57.17 -0.25 8.64
N LEU A 1584 57.24 0.92 8.00
CA LEU A 1584 56.02 1.60 7.58
C LEU A 1584 55.29 0.83 6.48
N VAL A 1585 56.03 0.40 5.46
CA VAL A 1585 55.41 -0.36 4.37
C VAL A 1585 54.85 -1.67 4.88
N LYS A 1586 55.50 -2.26 5.90
CA LYS A 1586 55.02 -3.53 6.44
C LYS A 1586 53.77 -3.34 7.29
N ASP A 1587 53.70 -2.25 8.05
CA ASP A 1587 52.58 -2.05 8.96
C ASP A 1587 51.35 -1.51 8.24
N LEU A 1588 51.55 -0.67 7.22
CA LEU A 1588 50.41 -0.14 6.47
C LEU A 1588 49.67 -1.23 5.73
N GLY A 1589 50.35 -2.32 5.39
CA GLY A 1589 49.74 -3.42 4.68
C GLY A 1589 49.30 -3.12 3.27
N LEU A 1590 49.52 -1.91 2.78
CA LEU A 1590 49.10 -1.55 1.42
C LEU A 1590 49.98 -2.25 0.41
N THR A 1591 49.35 -2.74 -0.67
CA THR A 1591 50.10 -3.35 -1.76
C THR A 1591 50.88 -2.29 -2.53
N GLN A 1592 51.69 -2.77 -3.48
CA GLN A 1592 52.48 -1.84 -4.29
C GLN A 1592 51.59 -0.92 -5.11
N ALA A 1593 50.46 -1.43 -5.59
CA ALA A 1593 49.55 -0.61 -6.39
C ALA A 1593 48.82 0.41 -5.53
N GLN A 1594 48.44 0.03 -4.31
CA GLN A 1594 47.80 0.99 -3.41
C GLN A 1594 48.77 2.09 -3.02
N LEU A 1595 50.03 1.75 -2.79
CA LEU A 1595 51.04 2.77 -2.54
C LEU A 1595 51.25 3.64 -3.78
N ALA A 1596 51.17 3.05 -4.97
CA ALA A 1596 51.30 3.83 -6.20
C ALA A 1596 50.15 4.83 -6.34
N GLN A 1597 48.94 4.41 -6.01
CA GLN A 1597 47.81 5.33 -6.05
C GLN A 1597 47.94 6.43 -5.00
N ALA A 1598 48.41 6.08 -3.81
CA ALA A 1598 48.67 7.08 -2.78
C ALA A 1598 49.69 8.11 -3.27
N ALA A 1599 50.74 7.64 -3.94
CA ALA A 1599 51.74 8.57 -4.49
C ALA A 1599 51.13 9.43 -5.60
N ASN A 1600 50.29 8.83 -6.45
CA ASN A 1600 49.60 9.60 -7.48
C ASN A 1600 48.81 10.74 -6.86
N PHE A 1601 48.12 10.47 -5.74
CA PHE A 1601 47.35 11.52 -5.09
C PHE A 1601 48.25 12.57 -4.45
N THR A 1602 49.29 12.13 -3.74
CA THR A 1602 50.07 13.05 -2.93
C THR A 1602 51.08 13.86 -3.74
N ASN A 1603 51.40 13.43 -4.97
CA ASN A 1603 52.45 14.12 -5.72
C ASN A 1603 51.91 15.38 -6.40
N ASN A 1604 50.94 15.23 -7.31
CA ASN A 1604 50.47 16.36 -8.10
C ASN A 1604 48.95 16.43 -8.14
N LYS A 1605 48.29 16.04 -7.05
CA LYS A 1605 46.85 16.29 -6.87
C LYS A 1605 46.58 17.19 -5.69
N TYR A 1606 47.12 16.86 -4.52
CA TYR A 1606 46.96 17.71 -3.35
C TYR A 1606 47.85 18.94 -3.50
N PRO A 1607 47.31 20.15 -3.31
CA PRO A 1607 48.12 21.35 -3.50
C PRO A 1607 49.21 21.47 -2.46
N ASP A 1608 50.24 22.25 -2.81
CA ASP A 1608 51.40 22.45 -1.96
C ASP A 1608 51.84 23.89 -1.82
N ILE A 1609 51.49 24.77 -2.76
CA ILE A 1609 52.06 26.11 -2.84
C ILE A 1609 51.09 27.11 -2.23
N THR A 1610 51.62 28.04 -1.44
CA THR A 1610 50.86 29.09 -0.78
C THR A 1610 51.39 30.46 -1.22
N LEU A 1611 50.77 31.52 -0.69
CA LEU A 1611 51.19 32.88 -1.02
C LEU A 1611 52.29 33.34 -0.08
N PRO A 1626 38.39 53.65 2.36
CA PRO A 1626 38.54 52.30 1.84
C PRO A 1626 39.99 51.94 1.52
N ALA A 1627 40.58 51.06 2.32
CA ALA A 1627 41.97 50.66 2.16
C ALA A 1627 42.05 49.39 1.32
N TYR A 1628 42.66 49.51 0.14
CA TYR A 1628 42.70 48.40 -0.81
C TYR A 1628 43.92 47.50 -0.52
N LEU A 1629 43.82 46.25 -0.97
CA LEU A 1629 44.82 45.23 -0.70
C LEU A 1629 45.28 44.60 -2.01
N LYS A 1630 46.49 44.04 -1.99
CA LYS A 1630 47.12 43.43 -3.16
C LYS A 1630 47.73 42.09 -2.76
N ILE A 1631 47.47 41.05 -3.56
CA ILE A 1631 47.88 39.69 -3.24
C ILE A 1631 48.43 39.01 -4.48
N HIS A 1632 49.38 38.09 -4.27
CA HIS A 1632 49.93 37.25 -5.33
C HIS A 1632 49.84 35.79 -4.92
N ILE A 1633 49.97 34.90 -5.89
CA ILE A 1633 49.98 33.47 -5.64
C ILE A 1633 50.59 32.77 -6.86
N GLU A 1634 51.39 31.74 -6.59
CA GLU A 1634 52.05 30.96 -7.61
C GLU A 1634 51.86 29.47 -7.29
N ARG A 1635 52.34 28.62 -8.20
CA ARG A 1635 52.27 27.17 -8.03
C ARG A 1635 53.53 26.55 -8.63
N GLU A 1636 53.64 25.23 -8.53
CA GLU A 1636 54.77 24.51 -9.10
C GLU A 1636 54.72 24.54 -10.61
N ASP A 1644 46.58 19.84 -12.78
CA ASP A 1644 45.85 21.09 -12.95
C ASP A 1644 44.37 20.99 -13.38
N PRO A 1645 44.00 20.06 -14.26
CA PRO A 1645 42.64 20.14 -14.83
C PRO A 1645 41.53 19.80 -13.84
N THR A 1646 41.67 18.73 -13.06
CA THR A 1646 40.53 18.22 -12.29
C THR A 1646 40.83 18.10 -10.80
N VAL A 1647 39.92 17.46 -10.08
CA VAL A 1647 40.03 17.27 -8.64
C VAL A 1647 39.91 15.78 -8.34
N HIS A 1648 40.74 15.29 -7.42
CA HIS A 1648 40.71 13.89 -7.01
C HIS A 1648 39.67 13.73 -5.91
N ALA A 1649 38.51 13.20 -6.25
CA ALA A 1649 37.43 12.96 -5.29
C ALA A 1649 36.58 11.80 -5.79
N PRO A 1650 37.01 10.56 -5.51
CA PRO A 1650 36.31 9.39 -6.05
C PRO A 1650 34.96 9.11 -5.39
N PHE A 1651 34.57 9.89 -4.37
CA PHE A 1651 33.28 9.72 -3.73
C PHE A 1651 32.31 10.85 -4.09
N TYR A 1652 32.53 11.51 -5.24
CA TYR A 1652 31.69 12.61 -5.69
C TYR A 1652 31.49 12.46 -7.19
N PRO A 1653 30.25 12.60 -7.68
CA PRO A 1653 29.97 12.33 -9.10
C PRO A 1653 30.76 13.20 -10.09
N GLY A 1654 30.57 14.52 -10.02
CA GLY A 1654 31.27 15.40 -10.94
C GLY A 1654 31.59 16.76 -10.33
N LYS A 1655 32.87 17.12 -10.33
CA LYS A 1655 33.37 18.29 -9.60
C LYS A 1655 34.12 19.20 -10.56
N LYS A 1656 33.69 20.45 -10.64
CA LYS A 1656 34.41 21.46 -11.39
C LYS A 1656 35.77 21.73 -10.74
N SER A 1657 36.68 22.33 -11.52
CA SER A 1657 38.04 22.51 -11.05
C SER A 1657 38.08 23.35 -9.77
N GLU A 1658 39.21 23.27 -9.08
CA GLU A 1658 39.34 23.85 -7.75
C GLU A 1658 39.26 25.37 -7.79
N ASN A 1659 38.43 25.94 -6.92
CA ASN A 1659 38.25 27.38 -6.76
C ASN A 1659 38.83 27.83 -5.41
N TRP A 1660 38.84 29.14 -5.19
CA TRP A 1660 39.45 29.70 -4.00
C TRP A 1660 38.68 30.94 -3.53
N TRP A 1661 38.62 31.13 -2.22
CA TRP A 1661 37.95 32.26 -1.60
C TRP A 1661 38.98 33.21 -0.99
N LEU A 1662 38.65 34.50 -0.98
CA LEU A 1662 39.52 35.56 -0.45
C LEU A 1662 38.74 36.35 0.59
N VAL A 1663 39.00 36.09 1.87
CA VAL A 1663 38.22 36.68 2.97
C VAL A 1663 39.16 37.48 3.87
N VAL A 1664 39.08 38.81 3.78
CA VAL A 1664 39.86 39.67 4.66
C VAL A 1664 38.98 40.25 5.76
N THR A 1671 30.98 39.77 12.01
CA THR A 1671 30.84 40.95 11.18
C THR A 1671 32.16 41.24 10.43
N LEU A 1672 32.40 40.47 9.37
CA LEU A 1672 33.62 40.57 8.57
C LEU A 1672 33.24 40.66 7.10
N LEU A 1673 34.03 41.42 6.33
CA LEU A 1673 33.52 42.05 5.11
C LEU A 1673 33.87 41.33 3.81
N ALA A 1674 35.15 41.20 3.49
CA ALA A 1674 35.56 41.04 2.09
C ALA A 1674 35.50 39.59 1.63
N ILE A 1675 35.14 39.41 0.35
CA ILE A 1675 35.09 38.08 -0.28
C ILE A 1675 35.39 38.23 -1.76
N LYS A 1676 36.07 37.23 -2.33
CA LYS A 1676 36.35 37.14 -3.76
C LYS A 1676 36.58 35.69 -4.11
N ARG A 1677 36.04 35.26 -5.26
CA ARG A 1677 36.04 33.85 -5.67
C ARG A 1677 36.65 33.74 -7.07
N VAL A 1678 37.83 33.13 -7.17
CA VAL A 1678 38.54 32.97 -8.43
C VAL A 1678 39.16 31.58 -8.50
N THR A 1679 39.27 31.04 -9.72
CA THR A 1679 39.99 29.80 -9.96
C THR A 1679 41.49 30.07 -10.03
N VAL A 1680 42.28 29.05 -9.69
CA VAL A 1680 43.73 29.13 -9.66
C VAL A 1680 44.32 28.10 -10.61
N GLY A 1681 45.18 28.56 -11.51
CA GLY A 1681 45.82 27.69 -12.49
C GLY A 1681 47.29 27.48 -12.21
N LYS A 1682 48.14 28.23 -12.90
CA LYS A 1682 49.59 28.20 -12.68
C LYS A 1682 50.08 29.40 -11.89
N GLU A 1683 49.67 30.60 -12.27
CA GLU A 1683 50.06 31.84 -11.60
C GLU A 1683 48.87 32.77 -11.54
N LEU A 1684 48.83 33.61 -10.51
CA LEU A 1684 47.76 34.59 -10.37
C LEU A 1684 48.25 35.79 -9.57
N ASN A 1685 47.76 36.97 -9.95
CA ASN A 1685 48.00 38.21 -9.21
C ASN A 1685 46.69 38.98 -9.17
N VAL A 1686 46.11 39.13 -7.98
CA VAL A 1686 44.82 39.78 -7.82
C VAL A 1686 44.90 40.71 -6.60
N LYS A 1687 44.36 41.92 -6.76
CA LYS A 1687 44.30 42.89 -5.68
C LYS A 1687 42.85 43.16 -5.32
N LEU A 1688 42.50 42.95 -4.06
CA LEU A 1688 41.13 43.11 -3.57
C LEU A 1688 41.01 44.40 -2.79
N GLU A 1689 39.87 45.08 -2.96
CA GLU A 1689 39.59 46.33 -2.26
C GLU A 1689 38.59 46.07 -1.14
N PHE A 1690 38.98 46.43 0.08
CA PHE A 1690 38.12 46.30 1.25
C PHE A 1690 37.98 47.65 1.95
N VAL A 1691 36.82 47.86 2.58
CA VAL A 1691 36.55 49.13 3.24
C VAL A 1691 36.86 49.04 4.73
N PHE A 1703 42.14 35.13 4.27
CA PHE A 1703 41.86 33.70 4.36
C PHE A 1703 41.71 33.07 2.97
N LEU A 1704 42.71 32.28 2.59
CA LEU A 1704 42.73 31.61 1.29
C LEU A 1704 42.13 30.22 1.46
N MET A 1705 40.85 30.08 1.14
CA MET A 1705 40.12 28.84 1.29
C MET A 1705 39.93 28.15 -0.06
N SER A 1706 39.75 26.84 -0.01
CA SER A 1706 39.50 26.03 -1.19
C SER A 1706 38.08 25.46 -1.12
N ASP A 1707 37.67 24.79 -2.19
CA ASP A 1707 36.35 24.18 -2.27
C ASP A 1707 36.39 22.67 -2.43
N SER A 1708 37.57 22.08 -2.61
CA SER A 1708 37.67 20.66 -2.92
C SER A 1708 38.71 19.91 -2.11
N TYR A 1709 39.60 20.58 -1.39
CA TYR A 1709 40.62 19.93 -0.58
C TYR A 1709 40.65 20.57 0.80
N VAL A 1710 41.04 19.78 1.80
CA VAL A 1710 41.07 20.21 3.17
C VAL A 1710 42.50 20.48 3.59
N GLY A 1711 42.66 21.17 4.73
CA GLY A 1711 43.97 21.38 5.33
C GLY A 1711 44.90 22.29 4.56
N VAL A 1712 44.43 22.98 3.53
CA VAL A 1712 45.26 23.92 2.76
C VAL A 1712 44.58 25.28 2.88
N ASP A 1713 44.98 26.03 3.90
CA ASP A 1713 44.31 27.29 4.24
C ASP A 1713 45.33 28.26 4.82
N GLN A 1714 45.57 29.36 4.12
CA GLN A 1714 46.52 30.36 4.58
C GLN A 1714 45.94 31.12 5.78
N ASP A 1715 46.69 31.16 6.87
CA ASP A 1715 46.27 31.88 8.07
C ASP A 1715 47.26 32.99 8.42
#